data_6AEG
#
_entry.id   6AEG
#
_cell.length_a   190.480
_cell.length_b   70.460
_cell.length_c   183.529
_cell.angle_alpha   90.00
_cell.angle_beta   106.48
_cell.angle_gamma   90.00
#
_symmetry.space_group_name_H-M   'C 1 2 1'
#
loop_
_entity.id
_entity.type
_entity.pdbx_description
1 polymer 'RNA (95-MER)'
2 polymer 'DNA (25-MER)'
3 polymer "DNA (5'-D(*AP*AP*AP*GP*AP*TP*TP*AP*TP*TP*G)-3')"
4 polymer 'DNA nuclease'
5 water water
#
loop_
_entity_poly.entity_id
_entity_poly.type
_entity_poly.pdbx_seq_one_letter_code
_entity_poly.pdbx_strand_id
1 'polyribonucleotide'
;GGAUAACUCAAUUUGUAAAAAAGUUUUAGAGCUAGAAAUAGCAAGUUAAAAUAAGGCUAGUCCGUUAUCAACUUGAAAAA
GUGGCACCGAGUCGGUGCUU
;
A
2 'polydeoxyribonucleotide'
;(DC)(DA)(DA)(DT)(DA)(DA)(DT)(DC)(DT)(DT)(DT)(DT)(DT)(DT)(DA)(DC)(DA)(DA)(DA)(DT)
(DT)(DG)(DA)(DG)(DT)(DT)(DA)(DT)
;
C
3 'polydeoxyribonucleotide' (DA)(DA)(DA)(DG)(DA)(DT)(DT)(DA)(DT)(DT)(DG) D
4 'polypeptide(L)'
;MDKKYSIGLAIGTNSVGWAVITDEYKVPSKKFKVLGNTDRHSIKKNLIGALLFDSGETAEATRLKRTARRRYTRRKNRIC
YLQEIFSNEMAKVDDSFFHRLEESFLVEEDKKHERHPIFGNIVDEVAYHEKYPTIYHLRKKLVDSTDKADLRLIYLALAH
MIKFRGHFLIEGDLNPDNSDVDKLFIQLVQTYNQLFEENPINASGVDAKAILSARLSKSRRLENLIAQLPGEKKNGLFGN
LIALSLGLTPNFKSNFDLAEDTKLQLSKDTYDDDLDNLLAQIGDQYADLFLAAKNLSDAILLSDILRVNTEITKAPLSAS
MIKLYDEHHQDLTLLKALVRQQLPEKYKEIFFDQSKNGYAGYIDGGASQEEFYKFIKPILEKMDGTEELLVKLNREDLLR
KQRTFDNGIIPHQIHLGELHAILRRQEDFYPFLKDNREKIEKILTFRIPYYVGPLARGNSRFAWMTRKSEETITPWNFEK
VVDKGASAQSFIERMTNFDKNLPNEKVLPKHSLLYEYFTVYNELTKVKYVTEGMRKPAFLSGDQKKAIVDLLFKTNRKVT
VKQLKEDYFKKIECFDSVEISGVEDRFNASLGTYHDLLKIIKDKDFLDNEENEDILEDIVLTLTLFEDREMIEERLKTYA
HLFDDKVMKQLKRRRYTGWGRLSRKLINGIRDKQSGKTILDFLKSDGFANRNFIQLIHDDSLTFKEDIQKAQVSGQGDSL
HEHIANLAGSPAIKKGILQTVKVVDELVKVMGRHKPENIVIEMARENQTTQKGQKNSRERMKRIEEGIKELGSQILKEHP
VENTQLQNEKLYLYYLQNGRDMYVDQELDINRLSDYDVDAIVPQSFLKDDSIDNKVLTRSDKNRGKSDNVPSEEVVKKMK
NYWRQLLNAKLITQRKFDNLTKAERGGLSELDKAGFIKRQLVETRQITKHVAQILDSRMNTKYDENDKLIREVKVITLKS
KLVSDFRKDFQFYKVREINNYHHAHDAYLNAVVGTALIKKYPKLESEFVYGDYKVYDVRKMIAKSEQEIGKATAKYFFYS
NIMNFFKTEITLANGEIRKRPLIETNGETGEIVWDKGRDFATVRKVLSMPQVNIVKKTEVQTGGFSKESILPKRNSDKLI
ARKKDWDPKKYGGFDSPTVAYSVLVVAKVEKGKSKKLKSVKELLGITIMERSSFEKNPIDFLEAKGYKEVKKDLIIKLPK
YSLFELENGRKRMLASAGVLQKGNELALPSKYVNFLYLASHYEKLKGSPEDNEQKQLFVEQHKHYLDEIIEQISEFSKRV
ILADANLDKVLSAYNKHRDKPIREQAENIIHLFTLTNLGAPAAFKYFDTTIDRKRYTSTKEVLDATLIHQSITGLYETRI
DLSQLGGD
;
B
#
# COMPACT_ATOMS: atom_id res chain seq x y z
N LYS D 4 13.35 -35.57 -25.96
CA LYS D 4 13.26 -35.27 -24.52
C LYS D 4 13.93 -33.94 -24.22
N TYR D 5 13.26 -33.11 -23.40
CA TYR D 5 13.69 -31.74 -23.14
C TYR D 5 13.18 -31.26 -21.79
N SER D 6 13.68 -30.08 -21.39
CA SER D 6 13.22 -29.41 -20.18
C SER D 6 13.13 -27.91 -20.44
N ILE D 7 12.22 -27.25 -19.71
CA ILE D 7 11.97 -25.81 -19.87
C ILE D 7 12.50 -25.08 -18.65
N GLY D 8 13.19 -23.98 -18.88
CA GLY D 8 13.61 -23.07 -17.83
C GLY D 8 12.79 -21.81 -17.92
N LEU D 9 12.55 -21.18 -16.76
CA LEU D 9 11.70 -20.00 -16.70
C LEU D 9 12.24 -19.04 -15.65
N ALA D 10 12.26 -17.75 -16.00
CA ALA D 10 12.64 -16.69 -15.08
C ALA D 10 11.48 -15.73 -14.99
N ILE D 11 10.81 -15.71 -13.84
CA ILE D 11 9.55 -14.98 -13.66
C ILE D 11 9.83 -13.64 -13.00
N GLY D 12 9.34 -12.56 -13.63
CA GLY D 12 9.62 -11.22 -13.17
C GLY D 12 8.43 -10.28 -13.35
N THR D 13 8.63 -9.05 -12.87
CA THR D 13 7.59 -8.04 -12.90
C THR D 13 7.41 -7.48 -14.30
N ASN D 14 8.51 -7.18 -14.98
CA ASN D 14 8.46 -6.63 -16.32
C ASN D 14 8.91 -7.61 -17.40
N SER D 15 9.33 -8.81 -17.02
CA SER D 15 9.85 -9.75 -18.02
C SER D 15 9.51 -11.18 -17.61
N VAL D 16 9.55 -12.06 -18.61
CA VAL D 16 9.56 -13.50 -18.41
C VAL D 16 10.53 -14.10 -19.41
N GLY D 17 11.60 -14.70 -18.92
CA GLY D 17 12.56 -15.39 -19.77
C GLY D 17 12.26 -16.88 -19.82
N TRP D 18 12.56 -17.49 -20.96
CA TRP D 18 12.28 -18.92 -21.15
C TRP D 18 13.37 -19.54 -22.00
N ALA D 19 13.50 -20.87 -21.90
CA ALA D 19 14.47 -21.61 -22.67
C ALA D 19 14.06 -23.07 -22.71
N VAL D 20 14.30 -23.71 -23.86
CA VAL D 20 14.16 -25.16 -24.02
C VAL D 20 15.57 -25.75 -24.06
N ILE D 21 15.82 -26.80 -23.29
CA ILE D 21 17.10 -27.49 -23.32
C ILE D 21 16.86 -29.00 -23.43
N THR D 22 17.87 -29.69 -23.96
CA THR D 22 17.89 -31.14 -24.05
C THR D 22 18.85 -31.72 -23.02
N ASP D 23 18.88 -33.06 -22.94
CA ASP D 23 19.64 -33.75 -21.90
C ASP D 23 21.14 -33.46 -21.96
N GLU D 24 21.63 -32.88 -23.07
CA GLU D 24 23.02 -32.46 -23.17
C GLU D 24 23.19 -30.96 -22.91
N TYR D 25 22.17 -30.32 -22.33
CA TYR D 25 22.17 -28.88 -21.98
C TYR D 25 22.22 -27.97 -23.20
N LYS D 26 21.83 -28.47 -24.37
CA LYS D 26 21.85 -27.69 -25.59
C LYS D 26 20.47 -27.10 -25.87
N VAL D 27 20.47 -25.92 -26.44
CA VAL D 27 19.23 -25.24 -26.84
C VAL D 27 18.92 -25.68 -28.29
N PRO D 28 17.85 -26.43 -28.52
CA PRO D 28 17.53 -26.82 -29.90
C PRO D 28 17.09 -25.63 -30.72
N SER D 29 16.93 -25.87 -32.02
CA SER D 29 16.44 -24.88 -32.95
C SER D 29 15.49 -25.56 -33.92
N LYS D 30 14.63 -24.76 -34.53
CA LYS D 30 13.65 -25.27 -35.47
C LYS D 30 13.43 -24.23 -36.55
N LYS D 31 12.91 -24.69 -37.68
CA LYS D 31 12.39 -23.79 -38.69
C LYS D 31 10.88 -23.72 -38.53
N PHE D 32 10.34 -22.51 -38.53
CA PHE D 32 8.93 -22.27 -38.25
C PHE D 32 8.25 -21.70 -39.47
N LYS D 33 7.04 -22.16 -39.72
CA LYS D 33 6.23 -21.56 -40.77
C LYS D 33 6.12 -20.06 -40.54
N VAL D 34 6.07 -19.31 -41.63
CA VAL D 34 5.82 -17.87 -41.58
C VAL D 34 4.60 -17.61 -42.46
N LEU D 35 3.67 -16.82 -41.95
CA LEU D 35 2.43 -16.54 -42.67
C LEU D 35 2.37 -15.07 -43.06
N GLY D 36 1.34 -14.75 -43.83
CA GLY D 36 1.17 -13.42 -44.35
C GLY D 36 1.37 -13.35 -45.85
N ASN D 37 1.71 -12.16 -46.32
CA ASN D 37 1.77 -11.86 -47.75
C ASN D 37 3.17 -11.67 -48.28
N THR D 38 4.21 -11.91 -47.48
CA THR D 38 5.58 -11.84 -47.98
C THR D 38 5.94 -13.14 -48.68
N ASP D 39 7.14 -13.18 -49.24
CA ASP D 39 7.66 -14.40 -49.85
C ASP D 39 8.25 -15.35 -48.83
N ARG D 40 8.71 -14.83 -47.69
CA ARG D 40 9.18 -15.64 -46.58
C ARG D 40 8.10 -16.61 -46.13
N HIS D 41 8.39 -17.91 -46.22
CA HIS D 41 7.49 -18.95 -45.75
C HIS D 41 8.11 -19.77 -44.63
N SER D 42 9.34 -19.47 -44.24
CA SER D 42 10.04 -20.23 -43.22
C SER D 42 11.16 -19.35 -42.65
N ILE D 43 11.55 -19.65 -41.41
CA ILE D 43 12.57 -18.87 -40.71
C ILE D 43 13.12 -19.73 -39.59
N LYS D 44 14.38 -19.50 -39.25
CA LYS D 44 15.08 -20.30 -38.25
C LYS D 44 15.23 -19.51 -36.96
N LYS D 45 14.98 -20.19 -35.85
CA LYS D 45 15.03 -19.55 -34.54
C LYS D 45 15.48 -20.58 -33.50
N ASN D 46 16.10 -20.08 -32.44
CA ASN D 46 16.56 -20.89 -31.33
C ASN D 46 15.51 -20.91 -30.24
N LEU D 47 15.24 -22.09 -29.69
CA LEU D 47 14.18 -22.22 -28.69
C LEU D 47 14.63 -21.61 -27.37
N ILE D 48 15.08 -20.36 -27.42
CA ILE D 48 15.35 -19.54 -26.25
C ILE D 48 14.76 -18.16 -26.54
N GLY D 49 14.43 -17.44 -25.49
CA GLY D 49 13.84 -16.12 -25.65
C GLY D 49 13.31 -15.56 -24.35
N ALA D 50 12.79 -14.34 -24.46
CA ALA D 50 12.21 -13.63 -23.34
C ALA D 50 10.95 -12.91 -23.80
N LEU D 51 10.13 -12.52 -22.83
CA LEU D 51 8.92 -11.75 -23.09
C LEU D 51 8.92 -10.55 -22.14
N LEU D 52 8.80 -9.35 -22.70
CA LEU D 52 8.84 -8.12 -21.94
C LEU D 52 7.49 -7.43 -21.98
N PHE D 53 7.10 -6.82 -20.86
CA PHE D 53 5.79 -6.21 -20.75
C PHE D 53 5.79 -5.17 -19.64
N ASP D 54 5.00 -4.12 -19.83
CA ASP D 54 4.85 -3.08 -18.81
C ASP D 54 4.27 -3.68 -17.53
N SER D 55 4.55 -3.02 -16.40
CA SER D 55 4.08 -3.54 -15.11
C SER D 55 2.55 -3.59 -15.07
N GLY D 56 2.04 -4.57 -14.33
CA GLY D 56 0.63 -4.55 -13.96
C GLY D 56 0.41 -3.61 -12.77
N GLU D 57 -0.64 -2.81 -12.87
CA GLU D 57 -0.94 -1.79 -11.88
C GLU D 57 -1.91 -2.31 -10.82
N THR D 58 -1.77 -1.78 -9.60
CA THR D 58 -2.76 -2.10 -8.57
C THR D 58 -4.04 -1.34 -8.82
N ALA D 59 -5.10 -1.73 -8.11
CA ALA D 59 -6.39 -1.07 -8.27
C ALA D 59 -6.49 0.23 -7.48
N GLU D 60 -5.47 0.59 -6.71
CA GLU D 60 -5.53 1.73 -5.80
C GLU D 60 -5.96 3.02 -6.47
N ALA D 61 -5.10 3.57 -7.34
CA ALA D 61 -5.41 4.84 -8.00
C ALA D 61 -6.78 4.80 -8.65
N THR D 62 -7.14 3.65 -9.23
CA THR D 62 -8.48 3.47 -9.77
C THR D 62 -9.54 3.64 -8.69
N ARG D 63 -9.29 3.11 -7.49
CA ARG D 63 -10.25 3.22 -6.41
C ARG D 63 -10.36 4.64 -5.90
N LEU D 64 -9.22 5.28 -5.62
CA LEU D 64 -9.23 6.66 -5.14
C LEU D 64 -10.00 7.56 -6.09
N LYS D 65 -9.87 7.32 -7.39
CA LYS D 65 -10.59 8.15 -8.35
C LYS D 65 -12.09 7.91 -8.26
N ARG D 66 -12.50 6.65 -8.06
CA ARG D 66 -13.92 6.34 -7.96
C ARG D 66 -14.50 6.83 -6.65
N THR D 67 -13.78 6.60 -5.54
CA THR D 67 -14.15 7.12 -4.24
C THR D 67 -14.43 8.61 -4.30
N ALA D 68 -13.56 9.35 -4.99
CA ALA D 68 -13.69 10.80 -5.08
C ALA D 68 -14.85 11.21 -5.96
N ARG D 69 -15.17 10.40 -6.98
CA ARG D 69 -16.30 10.76 -7.82
C ARG D 69 -17.59 10.75 -7.02
N ARG D 70 -17.79 9.69 -6.23
CA ARG D 70 -18.93 9.64 -5.33
C ARG D 70 -18.99 10.89 -4.46
N ARG D 71 -17.87 11.24 -3.82
CA ARG D 71 -17.80 12.45 -3.00
C ARG D 71 -18.33 13.66 -3.76
N TYR D 72 -17.80 13.90 -4.96
CA TYR D 72 -18.27 15.01 -5.78
C TYR D 72 -19.78 14.93 -6.03
N THR D 73 -20.26 13.72 -6.38
CA THR D 73 -21.69 13.56 -6.68
C THR D 73 -22.55 13.88 -5.48
N ARG D 74 -22.09 13.57 -4.28
CA ARG D 74 -22.86 13.79 -3.07
C ARG D 74 -22.79 15.23 -2.58
N ARG D 75 -21.65 15.90 -2.74
CA ARG D 75 -21.59 17.34 -2.48
C ARG D 75 -22.57 18.08 -3.38
N LYS D 76 -22.67 17.65 -4.64
CA LYS D 76 -23.60 18.29 -5.56
C LYS D 76 -25.04 18.13 -5.07
N ASN D 77 -25.40 16.93 -4.62
CA ASN D 77 -26.75 16.71 -4.14
C ASN D 77 -27.02 17.46 -2.84
N ARG D 78 -26.01 17.62 -1.98
CA ARG D 78 -26.19 18.43 -0.77
C ARG D 78 -26.68 19.81 -1.14
N ILE D 79 -26.15 20.39 -2.22
CA ILE D 79 -26.61 21.69 -2.69
C ILE D 79 -27.99 21.57 -3.31
N CYS D 80 -28.21 20.53 -4.11
CA CYS D 80 -29.54 20.30 -4.70
C CYS D 80 -30.59 20.23 -3.61
N TYR D 81 -30.37 19.39 -2.59
CA TYR D 81 -31.31 19.34 -1.47
C TYR D 81 -31.59 20.75 -0.96
N LEU D 82 -30.56 21.54 -0.70
CA LEU D 82 -30.74 22.87 -0.14
C LEU D 82 -31.41 23.81 -1.13
N GLN D 83 -31.17 23.63 -2.43
CA GLN D 83 -31.81 24.52 -3.40
C GLN D 83 -33.29 24.18 -3.55
N GLU D 84 -33.65 22.90 -3.49
CA GLU D 84 -35.05 22.52 -3.57
C GLU D 84 -35.85 23.10 -2.42
N ILE D 85 -35.25 23.14 -1.23
CA ILE D 85 -35.94 23.72 -0.08
C ILE D 85 -36.21 25.21 -0.30
N PHE D 86 -35.19 25.94 -0.75
CA PHE D 86 -35.41 27.37 -1.01
C PHE D 86 -36.27 27.64 -2.23
N SER D 87 -36.53 26.63 -3.07
CA SER D 87 -37.08 26.86 -4.41
C SER D 87 -38.33 27.74 -4.41
N ASN D 88 -39.44 27.24 -3.87
CA ASN D 88 -40.71 27.95 -3.94
C ASN D 88 -40.57 29.36 -3.36
N GLU D 89 -40.05 29.46 -2.14
CA GLU D 89 -39.95 30.77 -1.50
C GLU D 89 -38.95 31.68 -2.21
N MET D 90 -37.92 31.12 -2.83
CA MET D 90 -36.94 31.92 -3.55
C MET D 90 -37.53 32.47 -4.85
N ALA D 91 -38.50 31.74 -5.43
CA ALA D 91 -39.14 32.21 -6.65
C ALA D 91 -39.83 33.55 -6.44
N LYS D 92 -40.39 33.78 -5.25
CA LYS D 92 -41.03 35.06 -4.95
C LYS D 92 -40.04 36.22 -4.88
N VAL D 93 -38.74 35.94 -4.77
CA VAL D 93 -37.73 36.99 -4.66
C VAL D 93 -36.97 37.12 -5.97
N ASP D 94 -36.75 36.00 -6.65
CA ASP D 94 -35.89 36.00 -7.83
C ASP D 94 -36.04 34.72 -8.63
N ASP D 95 -36.89 34.74 -9.66
CA ASP D 95 -37.22 33.56 -10.44
C ASP D 95 -36.03 33.06 -11.28
N SER D 96 -34.90 33.77 -11.22
CA SER D 96 -33.73 33.43 -12.01
C SER D 96 -32.46 33.24 -11.18
N PHE D 97 -32.54 33.32 -9.85
CA PHE D 97 -31.35 33.35 -9.02
C PHE D 97 -30.56 32.05 -9.13
N PHE D 98 -31.20 30.93 -8.82
CA PHE D 98 -30.53 29.64 -8.95
C PHE D 98 -30.06 29.40 -10.39
N HIS D 99 -30.83 29.87 -11.37
CA HIS D 99 -30.40 29.77 -12.76
C HIS D 99 -29.12 30.58 -12.99
N ARG D 100 -28.99 31.72 -12.33
CA ARG D 100 -27.79 32.52 -12.49
C ARG D 100 -26.59 31.85 -11.86
N LEU D 101 -26.79 31.12 -10.75
CA LEU D 101 -25.67 30.46 -10.11
C LEU D 101 -25.17 29.30 -10.95
N GLU D 102 -26.09 28.54 -11.55
CA GLU D 102 -25.71 27.47 -12.47
C GLU D 102 -24.86 28.01 -13.63
N GLU D 103 -25.33 29.08 -14.26
CA GLU D 103 -24.76 29.67 -15.47
C GLU D 103 -23.54 30.54 -15.18
N SER D 104 -23.05 30.57 -13.94
CA SER D 104 -21.96 31.47 -13.58
C SER D 104 -20.69 31.18 -14.38
N PHE D 105 -20.50 29.94 -14.82
CA PHE D 105 -19.27 29.58 -15.53
C PHE D 105 -19.26 30.11 -16.96
N LEU D 106 -20.42 30.12 -17.62
CA LEU D 106 -20.48 30.50 -19.02
C LEU D 106 -20.10 31.97 -19.20
N VAL D 107 -19.62 32.29 -20.38
CA VAL D 107 -19.30 33.67 -20.72
C VAL D 107 -20.57 34.41 -21.13
N GLU D 108 -20.58 35.74 -20.93
CA GLU D 108 -21.76 36.55 -21.23
C GLU D 108 -22.34 36.21 -22.61
N GLU D 109 -21.46 35.94 -23.58
CA GLU D 109 -21.90 35.51 -24.90
C GLU D 109 -22.78 34.27 -24.85
N ASP D 110 -22.65 33.44 -23.81
CA ASP D 110 -23.42 32.21 -23.69
C ASP D 110 -24.36 32.22 -22.48
N LYS D 111 -24.47 33.34 -21.78
CA LYS D 111 -25.35 33.43 -20.62
C LYS D 111 -26.78 33.74 -21.06
N LYS D 112 -27.73 32.96 -20.56
CA LYS D 112 -29.14 33.22 -20.85
C LYS D 112 -29.77 34.22 -19.90
N HIS D 113 -29.11 34.52 -18.77
CA HIS D 113 -29.60 35.47 -17.80
C HIS D 113 -28.57 36.57 -17.60
N GLU D 114 -28.88 37.52 -16.73
CA GLU D 114 -27.95 38.62 -16.49
C GLU D 114 -26.65 38.09 -15.90
N ARG D 115 -25.58 38.83 -16.13
CA ARG D 115 -24.23 38.30 -15.92
C ARG D 115 -23.72 38.47 -14.49
N HIS D 116 -24.50 39.08 -13.60
CA HIS D 116 -24.09 39.20 -12.21
C HIS D 116 -24.91 38.23 -11.37
N PRO D 117 -24.27 37.28 -10.71
CA PRO D 117 -24.99 36.08 -10.27
C PRO D 117 -25.89 36.32 -9.06
N ILE D 118 -25.42 37.07 -8.07
CA ILE D 118 -26.16 37.16 -6.80
C ILE D 118 -27.46 37.91 -6.99
N PHE D 119 -27.37 39.17 -7.38
CA PHE D 119 -28.58 40.00 -7.47
C PHE D 119 -29.15 39.99 -8.88
N GLY D 120 -28.43 40.59 -9.82
CA GLY D 120 -28.86 40.49 -11.20
C GLY D 120 -28.65 41.78 -11.95
N ASN D 121 -28.23 42.82 -11.23
CA ASN D 121 -27.86 44.10 -11.84
C ASN D 121 -26.38 44.30 -11.57
N ILE D 122 -25.93 45.54 -11.37
CA ILE D 122 -24.50 45.74 -11.15
C ILE D 122 -24.29 46.72 -10.00
N VAL D 123 -25.20 47.69 -9.84
CA VAL D 123 -25.04 48.62 -8.73
C VAL D 123 -25.18 47.89 -7.40
N ASP D 124 -26.18 47.01 -7.29
CA ASP D 124 -26.34 46.21 -6.08
C ASP D 124 -25.17 45.23 -5.92
N GLU D 125 -24.74 44.61 -7.02
CA GLU D 125 -23.71 43.58 -6.93
C GLU D 125 -22.37 44.15 -6.51
N VAL D 126 -21.98 45.30 -7.08
CA VAL D 126 -20.75 45.97 -6.68
C VAL D 126 -20.81 46.38 -5.22
N ALA D 127 -22.00 46.77 -4.75
CA ALA D 127 -22.15 47.19 -3.36
C ALA D 127 -22.01 46.01 -2.41
N TYR D 128 -22.42 44.80 -2.85
CA TYR D 128 -22.32 43.63 -2.01
C TYR D 128 -20.88 43.32 -1.65
N HIS D 129 -20.01 43.27 -2.67
CA HIS D 129 -18.62 42.90 -2.44
C HIS D 129 -17.86 43.94 -1.62
N GLU D 130 -18.35 45.19 -1.58
CA GLU D 130 -17.67 46.20 -0.79
C GLU D 130 -18.00 46.04 0.70
N LYS D 131 -19.27 45.76 1.01
CA LYS D 131 -19.65 45.52 2.40
C LYS D 131 -19.07 44.20 2.90
N TYR D 132 -19.15 43.15 2.08
CA TYR D 132 -18.69 41.81 2.43
C TYR D 132 -17.55 41.41 1.49
N PRO D 133 -16.33 41.89 1.74
CA PRO D 133 -15.19 41.49 0.88
C PRO D 133 -14.94 39.99 0.85
N THR D 134 -15.41 39.25 1.84
CA THR D 134 -15.27 37.80 1.86
C THR D 134 -16.58 37.17 2.31
N ILE D 135 -16.77 35.90 1.95
CA ILE D 135 -18.00 35.20 2.31
C ILE D 135 -18.16 35.14 3.83
N TYR D 136 -17.05 35.19 4.55
CA TYR D 136 -17.11 35.11 6.01
C TYR D 136 -17.66 36.39 6.61
N HIS D 137 -17.41 37.54 5.98
CA HIS D 137 -18.07 38.78 6.40
C HIS D 137 -19.58 38.61 6.39
N LEU D 138 -20.12 37.94 5.37
CA LEU D 138 -21.55 37.65 5.32
C LEU D 138 -21.95 36.67 6.40
N ARG D 139 -21.12 35.64 6.63
CA ARG D 139 -21.42 34.65 7.65
C ARG D 139 -21.53 35.29 9.03
N LYS D 140 -20.49 36.05 9.42
CA LYS D 140 -20.52 36.80 10.69
C LYS D 140 -21.78 37.65 10.80
N LYS D 141 -22.05 38.50 9.79
CA LYS D 141 -23.22 39.36 9.83
C LYS D 141 -24.50 38.56 9.99
N LEU D 142 -24.66 37.50 9.20
CA LEU D 142 -25.86 36.67 9.32
C LEU D 142 -25.93 35.91 10.63
N VAL D 143 -24.91 36.01 11.49
CA VAL D 143 -24.94 35.41 12.82
C VAL D 143 -25.30 36.43 13.88
N ASP D 144 -24.63 37.60 13.85
CA ASP D 144 -24.81 38.64 14.87
C ASP D 144 -26.10 39.43 14.68
N SER D 145 -26.35 39.91 13.47
CA SER D 145 -27.43 40.85 13.24
C SER D 145 -28.79 40.24 13.58
N THR D 146 -29.72 41.10 13.98
CA THR D 146 -31.10 40.69 14.20
C THR D 146 -32.03 41.15 13.09
N ASP D 147 -31.61 42.12 12.27
CA ASP D 147 -32.43 42.56 11.15
C ASP D 147 -32.72 41.41 10.20
N LYS D 148 -33.82 41.53 9.47
CA LYS D 148 -34.10 40.61 8.38
C LYS D 148 -32.98 40.65 7.35
N ALA D 149 -32.85 39.57 6.59
CA ALA D 149 -31.82 39.46 5.57
C ALA D 149 -32.43 39.04 4.24
N ASP D 150 -31.78 39.45 3.15
CA ASP D 150 -32.18 38.99 1.83
C ASP D 150 -32.12 37.47 1.78
N LEU D 151 -33.19 36.87 1.26
CA LEU D 151 -33.21 35.41 1.15
C LEU D 151 -32.05 34.91 0.30
N ARG D 152 -31.61 35.69 -0.68
CA ARG D 152 -30.46 35.32 -1.49
C ARG D 152 -29.21 35.18 -0.62
N LEU D 153 -28.96 36.18 0.23
CA LEU D 153 -27.75 36.14 1.06
C LEU D 153 -27.80 35.04 2.11
N ILE D 154 -28.99 34.69 2.61
CA ILE D 154 -29.09 33.57 3.54
C ILE D 154 -28.65 32.29 2.86
N TYR D 155 -29.10 32.08 1.61
CA TYR D 155 -28.73 30.87 0.89
C TYR D 155 -27.22 30.74 0.77
N LEU D 156 -26.58 31.76 0.18
CA LEU D 156 -25.16 31.67 -0.11
C LEU D 156 -24.36 31.20 1.10
N ALA D 157 -24.52 31.91 2.23
CA ALA D 157 -23.82 31.53 3.44
C ALA D 157 -24.15 30.09 3.84
N LEU D 158 -25.44 29.72 3.77
CA LEU D 158 -25.82 28.37 4.15
C LEU D 158 -25.22 27.35 3.21
N ALA D 159 -25.26 27.61 1.90
CA ALA D 159 -24.71 26.67 0.93
C ALA D 159 -23.19 26.58 1.07
N HIS D 160 -22.55 27.71 1.38
CA HIS D 160 -21.10 27.69 1.61
C HIS D 160 -20.74 26.74 2.75
N MET D 161 -21.50 26.77 3.84
CA MET D 161 -21.24 25.87 4.94
C MET D 161 -21.58 24.43 4.59
N ILE D 162 -22.51 24.23 3.67
CA ILE D 162 -22.90 22.88 3.29
C ILE D 162 -21.95 22.32 2.22
N LYS D 163 -21.48 23.18 1.31
CA LYS D 163 -20.59 22.72 0.25
C LYS D 163 -19.26 22.25 0.83
N PHE D 164 -18.67 23.06 1.71
CA PHE D 164 -17.42 22.76 2.37
C PHE D 164 -17.72 22.66 3.86
N ARG D 165 -18.07 21.46 4.31
CA ARG D 165 -18.68 21.30 5.63
C ARG D 165 -17.72 20.87 6.72
N GLY D 166 -16.46 20.56 6.40
CA GLY D 166 -15.51 20.14 7.42
C GLY D 166 -15.65 18.66 7.77
N HIS D 167 -14.74 18.19 8.61
CA HIS D 167 -14.57 16.76 8.81
C HIS D 167 -15.44 16.23 9.95
N PHE D 168 -15.44 14.90 10.08
CA PHE D 168 -16.23 14.17 11.06
C PHE D 168 -15.33 13.27 11.90
N LEU D 169 -14.14 13.77 12.26
CA LEU D 169 -13.19 13.03 13.06
C LEU D 169 -13.43 13.19 14.56
N ILE D 170 -14.25 14.17 14.96
CA ILE D 170 -14.61 14.40 16.35
C ILE D 170 -16.08 14.08 16.52
N GLU D 171 -16.40 13.32 17.56
CA GLU D 171 -17.78 12.96 17.86
C GLU D 171 -18.33 13.84 18.97
N GLY D 172 -19.62 14.14 18.92
CA GLY D 172 -20.28 14.89 19.96
C GLY D 172 -20.50 16.34 19.58
N ASP D 173 -21.19 17.00 20.44
CA ASP D 173 -21.50 18.35 20.23
C ASP D 173 -20.42 19.23 20.82
N LEU D 174 -20.36 20.42 20.32
CA LEU D 174 -19.45 21.39 20.80
C LEU D 174 -20.23 22.49 21.44
N ASN D 175 -19.79 22.98 22.57
CA ASN D 175 -20.47 24.11 23.17
C ASN D 175 -19.93 25.43 22.73
N PRO D 176 -20.81 26.30 22.28
CA PRO D 176 -20.43 27.60 21.77
C PRO D 176 -20.01 28.55 22.80
N ASP D 177 -20.42 28.34 24.02
CA ASP D 177 -20.03 29.20 25.05
C ASP D 177 -18.67 28.81 25.56
N ASN D 178 -18.32 27.53 25.58
CA ASN D 178 -17.00 27.16 26.09
C ASN D 178 -15.93 27.76 25.19
N SER D 179 -15.29 28.84 25.63
CA SER D 179 -14.38 29.56 24.76
C SER D 179 -13.21 30.21 25.47
N ASP D 180 -13.36 30.52 26.77
CA ASP D 180 -12.29 31.12 27.56
C ASP D 180 -11.54 30.03 28.29
N VAL D 181 -10.33 29.72 27.79
CA VAL D 181 -9.54 28.63 28.39
C VAL D 181 -9.12 28.99 29.81
N ASP D 182 -8.78 30.25 30.05
CA ASP D 182 -8.41 30.66 31.41
C ASP D 182 -9.58 30.49 32.36
N LYS D 183 -10.75 31.02 32.00
CA LYS D 183 -11.92 30.93 32.88
C LYS D 183 -12.27 29.48 33.16
N LEU D 184 -12.39 28.67 32.11
CA LEU D 184 -12.81 27.29 32.24
C LEU D 184 -11.75 26.41 32.90
N PHE D 185 -10.47 26.81 32.86
CA PHE D 185 -9.42 26.08 33.57
C PHE D 185 -9.55 26.27 35.08
N ILE D 186 -9.77 27.51 35.51
CA ILE D 186 -9.98 27.78 36.93
C ILE D 186 -11.17 26.98 37.45
N GLN D 187 -12.19 26.79 36.61
CA GLN D 187 -13.36 26.03 37.04
C GLN D 187 -13.08 24.53 37.13
N LEU D 188 -12.12 24.02 36.36
CA LEU D 188 -11.68 22.65 36.58
C LEU D 188 -10.95 22.53 37.90
N VAL D 189 -10.04 23.48 38.18
CA VAL D 189 -9.34 23.49 39.46
C VAL D 189 -10.33 23.62 40.60
N GLN D 190 -11.20 24.63 40.53
CA GLN D 190 -12.22 24.81 41.56
C GLN D 190 -13.06 23.55 41.73
N THR D 191 -13.47 22.93 40.62
CA THR D 191 -14.24 21.70 40.71
C THR D 191 -13.43 20.58 41.35
N TYR D 192 -12.14 20.52 41.04
CA TYR D 192 -11.28 19.47 41.58
C TYR D 192 -11.02 19.66 43.06
N ASN D 193 -10.82 20.92 43.49
CA ASN D 193 -10.55 21.19 44.90
C ASN D 193 -11.79 20.99 45.76
N GLN D 194 -12.99 21.17 45.19
CA GLN D 194 -14.21 20.83 45.92
C GLN D 194 -14.21 19.36 46.31
N LEU D 195 -13.52 18.52 45.54
CA LEU D 195 -13.45 17.09 45.78
C LEU D 195 -12.27 16.69 46.66
N PHE D 196 -11.16 17.40 46.57
CA PHE D 196 -9.98 17.08 47.36
C PHE D 196 -9.59 18.28 48.22
N GLU D 197 -10.48 18.68 49.13
CA GLU D 197 -10.18 19.80 50.01
C GLU D 197 -8.90 19.58 50.80
N GLU D 198 -8.48 18.31 50.97
CA GLU D 198 -7.26 18.02 51.70
C GLU D 198 -6.02 18.43 50.92
N ASN D 199 -5.96 18.07 49.63
CA ASN D 199 -4.82 18.40 48.76
C ASN D 199 -5.29 19.30 47.62
N PRO D 200 -5.35 20.61 47.81
CA PRO D 200 -5.79 21.51 46.76
C PRO D 200 -4.71 21.64 45.69
N ILE D 201 -5.07 22.34 44.63
CA ILE D 201 -4.13 22.72 43.58
C ILE D 201 -4.12 24.24 43.51
N ASN D 202 -2.94 24.85 43.60
CA ASN D 202 -2.84 26.31 43.55
C ASN D 202 -2.50 26.71 42.13
N ALA D 203 -3.52 27.10 41.39
CA ALA D 203 -3.36 27.64 40.05
C ALA D 203 -3.05 29.13 40.03
N SER D 204 -2.60 29.69 41.15
CA SER D 204 -2.24 31.10 41.19
C SER D 204 -1.10 31.38 40.23
N GLY D 205 -1.28 32.40 39.39
CA GLY D 205 -0.23 32.79 38.47
C GLY D 205 0.16 31.73 37.46
N VAL D 206 -0.79 30.93 37.02
CA VAL D 206 -0.57 29.93 35.98
C VAL D 206 -1.30 30.40 34.73
N ASP D 207 -0.54 30.67 33.66
CA ASP D 207 -1.10 31.19 32.42
C ASP D 207 -1.69 30.04 31.63
N ALA D 208 -2.96 29.74 31.90
CA ALA D 208 -3.62 28.61 31.25
C ALA D 208 -3.73 28.83 29.75
N LYS D 209 -4.31 29.96 29.34
CA LYS D 209 -4.46 30.25 27.91
C LYS D 209 -3.11 30.23 27.21
N ALA D 210 -2.08 30.74 27.87
CA ALA D 210 -0.75 30.72 27.26
C ALA D 210 -0.27 29.30 27.03
N ILE D 211 -0.42 28.43 28.04
CA ILE D 211 0.18 27.10 27.96
C ILE D 211 -0.72 26.12 27.19
N LEU D 212 -2.03 26.17 27.44
CA LEU D 212 -2.91 25.18 26.84
C LEU D 212 -3.33 25.51 25.42
N SER D 213 -3.15 26.76 24.98
CA SER D 213 -3.49 27.14 23.62
C SER D 213 -2.26 27.53 22.81
N ALA D 214 -1.07 27.18 23.28
CA ALA D 214 0.14 27.43 22.50
C ALA D 214 0.16 26.55 21.26
N ARG D 215 0.95 26.96 20.26
CA ARG D 215 1.08 26.20 19.01
C ARG D 215 2.15 25.13 19.16
N LEU D 216 1.96 24.30 20.18
CA LEU D 216 2.85 23.23 20.58
C LEU D 216 2.10 21.90 20.56
N SER D 217 2.84 20.79 20.62
CA SER D 217 2.18 19.49 20.75
C SER D 217 1.29 19.45 21.98
N LYS D 218 0.21 18.68 21.90
CA LYS D 218 -0.64 18.50 23.08
C LYS D 218 0.07 17.71 24.17
N SER D 219 1.05 16.88 23.83
CA SER D 219 1.89 16.24 24.84
C SER D 219 2.71 17.28 25.60
N ARG D 220 3.47 18.09 24.87
CA ARG D 220 4.31 19.09 25.54
C ARG D 220 3.47 20.11 26.29
N ARG D 221 2.31 20.47 25.74
CA ARG D 221 1.44 21.40 26.46
C ARG D 221 1.04 20.82 27.82
N LEU D 222 0.74 19.52 27.84
CA LEU D 222 0.53 18.84 29.11
C LEU D 222 1.75 18.97 30.01
N GLU D 223 2.93 18.65 29.49
CA GLU D 223 4.14 18.73 30.30
C GLU D 223 4.38 20.16 30.80
N ASN D 224 4.24 21.14 29.91
CA ASN D 224 4.46 22.53 30.33
C ASN D 224 3.48 22.93 31.42
N LEU D 225 2.22 22.48 31.31
CA LEU D 225 1.23 22.80 32.33
C LEU D 225 1.62 22.21 33.67
N ILE D 226 1.82 20.89 33.72
CA ILE D 226 2.20 20.20 34.95
C ILE D 226 3.45 20.82 35.57
N ALA D 227 4.37 21.29 34.73
CA ALA D 227 5.61 21.90 35.22
C ALA D 227 5.33 23.07 36.17
N GLN D 228 4.20 23.73 36.01
CA GLN D 228 3.86 24.88 36.85
C GLN D 228 3.05 24.49 38.09
N LEU D 229 2.92 23.19 38.38
CA LEU D 229 2.14 22.69 39.50
C LEU D 229 2.99 21.79 40.38
N PRO D 230 3.84 22.38 41.24
CA PRO D 230 4.58 21.56 42.22
C PRO D 230 3.67 20.61 42.98
N GLY D 231 3.94 19.31 42.85
CA GLY D 231 3.16 18.30 43.53
C GLY D 231 2.51 17.30 42.60
N GLU D 232 2.01 17.77 41.46
CA GLU D 232 1.23 16.92 40.58
C GLU D 232 2.14 16.08 39.69
N LYS D 233 1.75 14.83 39.51
CA LYS D 233 2.45 13.93 38.59
C LYS D 233 1.83 14.03 37.20
N LYS D 234 2.67 13.88 36.18
CA LYS D 234 2.20 13.96 34.80
C LYS D 234 1.05 13.00 34.57
N ASN D 235 1.07 11.82 35.19
CA ASN D 235 0.04 10.81 35.05
C ASN D 235 -0.87 10.71 36.26
N GLY D 236 -0.88 11.74 37.12
CA GLY D 236 -1.82 11.83 38.21
C GLY D 236 -3.22 12.19 37.71
N LEU D 237 -4.12 12.46 38.66
CA LEU D 237 -5.51 12.68 38.29
C LEU D 237 -5.67 13.98 37.51
N PHE D 238 -5.11 15.06 38.03
CA PHE D 238 -5.23 16.33 37.34
C PHE D 238 -4.48 16.30 36.02
N GLY D 239 -3.33 15.63 35.99
CA GLY D 239 -2.60 15.49 34.74
C GLY D 239 -3.40 14.76 33.69
N ASN D 240 -4.04 13.65 34.08
CA ASN D 240 -4.85 12.91 33.13
C ASN D 240 -6.10 13.69 32.70
N LEU D 241 -6.62 14.55 33.58
CA LEU D 241 -7.75 15.38 33.18
C LEU D 241 -7.31 16.46 32.19
N ILE D 242 -6.17 17.11 32.43
CA ILE D 242 -5.62 18.04 31.44
C ILE D 242 -5.31 17.29 30.15
N ALA D 243 -4.82 16.04 30.26
CA ALA D 243 -4.62 15.22 29.08
C ALA D 243 -5.92 15.04 28.31
N LEU D 244 -7.02 14.74 29.02
CA LEU D 244 -8.32 14.62 28.37
C LEU D 244 -8.70 15.93 27.69
N SER D 245 -8.56 17.06 28.40
CA SER D 245 -8.91 18.36 27.83
C SER D 245 -8.13 18.66 26.56
N LEU D 246 -6.84 18.33 26.54
CA LEU D 246 -5.98 18.61 25.40
C LEU D 246 -6.17 17.64 24.25
N GLY D 247 -7.12 16.72 24.33
CA GLY D 247 -7.36 15.78 23.25
C GLY D 247 -6.51 14.53 23.27
N LEU D 248 -5.76 14.29 24.35
CA LEU D 248 -5.04 13.04 24.52
C LEU D 248 -6.01 11.97 25.01
N THR D 249 -5.51 10.73 25.14
CA THR D 249 -6.34 9.59 25.52
C THR D 249 -5.72 8.90 26.74
N PRO D 250 -5.92 9.46 27.94
CA PRO D 250 -5.25 8.94 29.13
C PRO D 250 -5.94 7.70 29.68
N ASN D 251 -5.21 7.00 30.56
CA ASN D 251 -5.68 5.81 31.23
C ASN D 251 -5.87 6.10 32.70
N PHE D 252 -7.07 5.83 33.22
CA PHE D 252 -7.42 6.21 34.59
C PHE D 252 -7.34 5.06 35.57
N LYS D 253 -6.65 3.98 35.23
CA LYS D 253 -6.67 2.81 36.12
C LYS D 253 -5.83 3.01 37.38
N SER D 254 -4.60 3.54 37.26
CA SER D 254 -3.80 3.77 38.47
C SER D 254 -4.44 4.83 39.33
N ASN D 255 -5.10 5.79 38.68
CA ASN D 255 -5.71 6.91 39.33
C ASN D 255 -6.64 6.49 40.45
N PHE D 256 -7.45 5.45 40.21
CA PHE D 256 -8.48 5.02 41.15
C PHE D 256 -8.27 3.58 41.61
N ASP D 257 -7.13 2.98 41.23
CA ASP D 257 -6.85 1.58 41.55
C ASP D 257 -7.97 0.69 41.07
N LEU D 258 -8.01 0.39 39.77
CA LEU D 258 -9.04 -0.45 39.16
C LEU D 258 -8.41 -1.61 38.41
N ALA D 259 -9.27 -2.54 37.99
CA ALA D 259 -8.83 -3.78 37.35
C ALA D 259 -8.26 -3.54 35.97
N GLU D 260 -9.13 -3.39 34.97
CA GLU D 260 -8.72 -3.27 33.58
C GLU D 260 -8.43 -1.82 33.21
N ASP D 261 -7.77 -1.64 32.07
CA ASP D 261 -7.48 -0.30 31.58
C ASP D 261 -8.77 0.41 31.21
N THR D 262 -8.97 1.61 31.77
CA THR D 262 -10.14 2.43 31.43
C THR D 262 -9.64 3.72 30.77
N LYS D 263 -9.32 3.62 29.48
CA LYS D 263 -8.94 4.80 28.71
C LYS D 263 -10.18 5.54 28.24
N LEU D 264 -10.05 6.87 28.19
CA LEU D 264 -11.13 7.73 27.73
C LEU D 264 -10.58 8.72 26.72
N GLN D 265 -11.33 8.97 25.66
CA GLN D 265 -11.04 10.03 24.71
C GLN D 265 -12.32 10.77 24.41
N LEU D 266 -12.31 12.09 24.62
CA LEU D 266 -13.53 12.88 24.44
C LEU D 266 -14.06 12.83 23.02
N SER D 267 -13.19 12.53 22.04
CA SER D 267 -13.55 12.59 20.63
C SER D 267 -14.10 11.28 20.10
N LYS D 268 -14.02 10.20 20.86
CA LYS D 268 -14.51 8.91 20.39
C LYS D 268 -16.01 8.77 20.65
N ASP D 269 -16.64 7.90 19.85
CA ASP D 269 -18.05 7.57 19.99
C ASP D 269 -18.38 6.95 21.34
N THR D 270 -17.37 6.46 22.05
CA THR D 270 -17.57 5.68 23.25
C THR D 270 -17.38 6.45 24.55
N TYR D 271 -16.88 7.69 24.49
CA TYR D 271 -16.54 8.40 25.72
C TYR D 271 -17.71 8.38 26.71
N ASP D 272 -18.90 8.76 26.25
CA ASP D 272 -20.05 8.87 27.14
C ASP D 272 -20.42 7.51 27.73
N ASP D 273 -20.30 6.44 26.94
CA ASP D 273 -20.52 5.10 27.49
C ASP D 273 -19.36 4.70 28.41
N ASP D 274 -18.13 5.02 28.01
CA ASP D 274 -16.96 4.64 28.80
C ASP D 274 -16.83 5.50 30.05
N LEU D 275 -17.38 6.71 30.04
CA LEU D 275 -17.45 7.51 31.26
C LEU D 275 -18.51 6.96 32.21
N ASP D 276 -19.65 6.53 31.65
CA ASP D 276 -20.69 5.92 32.47
C ASP D 276 -20.16 4.69 33.19
N ASN D 277 -19.37 3.87 32.51
CA ASN D 277 -18.83 2.66 33.12
C ASN D 277 -17.82 2.99 34.22
N LEU D 278 -17.10 4.10 34.08
CA LEU D 278 -16.14 4.51 35.12
C LEU D 278 -16.83 5.17 36.29
N LEU D 279 -17.84 6.00 36.03
CA LEU D 279 -18.60 6.60 37.11
C LEU D 279 -19.34 5.55 37.92
N ALA D 280 -19.92 4.55 37.24
CA ALA D 280 -20.53 3.37 37.86
C ALA D 280 -19.51 2.51 38.62
N GLN D 281 -18.28 2.99 38.68
CA GLN D 281 -17.19 2.29 39.35
C GLN D 281 -16.49 3.14 40.40
N ILE D 282 -16.70 4.46 40.42
CA ILE D 282 -16.03 5.37 41.34
C ILE D 282 -17.06 6.29 41.98
N GLY D 283 -18.28 6.32 41.44
CA GLY D 283 -19.33 7.13 41.99
C GLY D 283 -19.52 8.45 41.25
N ASP D 284 -20.79 8.90 41.19
CA ASP D 284 -21.14 10.13 40.47
C ASP D 284 -20.73 11.40 41.21
N GLN D 285 -20.00 11.32 42.33
CA GLN D 285 -19.38 12.52 42.87
C GLN D 285 -18.29 13.06 41.94
N TYR D 286 -17.86 12.27 40.96
CA TYR D 286 -16.88 12.69 39.97
C TYR D 286 -17.53 13.18 38.68
N ALA D 287 -18.86 13.11 38.57
CA ALA D 287 -19.53 13.51 37.35
C ALA D 287 -19.17 14.96 36.97
N ASP D 288 -19.26 15.87 37.94
CA ASP D 288 -18.95 17.27 37.68
C ASP D 288 -17.48 17.49 37.31
N LEU D 289 -16.59 16.59 37.73
CA LEU D 289 -15.17 16.76 37.45
C LEU D 289 -14.86 16.47 35.99
N PHE D 290 -15.46 15.42 35.43
CA PHE D 290 -15.23 15.08 34.03
C PHE D 290 -15.99 16.00 33.09
N LEU D 291 -16.97 16.74 33.58
CA LEU D 291 -17.64 17.74 32.77
C LEU D 291 -16.77 18.98 32.62
N ALA D 292 -16.12 19.40 33.70
CA ALA D 292 -15.24 20.56 33.63
C ALA D 292 -14.08 20.34 32.68
N ALA D 293 -13.67 19.08 32.51
CA ALA D 293 -12.63 18.78 31.53
C ALA D 293 -13.19 18.83 30.11
N LYS D 294 -14.40 18.31 29.93
CA LYS D 294 -15.08 18.40 28.64
C LYS D 294 -15.25 19.84 28.20
N ASN D 295 -15.57 20.74 29.14
CA ASN D 295 -15.73 22.14 28.79
C ASN D 295 -14.39 22.77 28.45
N LEU D 296 -13.33 22.38 29.14
CA LEU D 296 -12.01 22.82 28.72
C LEU D 296 -11.65 22.29 27.32
N SER D 297 -11.97 21.02 27.03
CA SER D 297 -11.71 20.47 25.68
C SER D 297 -12.32 21.34 24.58
N ASP D 298 -13.55 21.82 24.80
CA ASP D 298 -14.20 22.67 23.80
C ASP D 298 -13.39 23.94 23.56
N ALA D 299 -13.02 24.66 24.62
CA ALA D 299 -12.29 25.90 24.45
C ALA D 299 -10.87 25.68 23.93
N ILE D 300 -10.25 24.55 24.27
CA ILE D 300 -8.93 24.24 23.74
C ILE D 300 -9.02 23.92 22.25
N LEU D 301 -10.09 23.23 21.85
CA LEU D 301 -10.30 22.92 20.44
C LEU D 301 -10.40 24.18 19.60
N LEU D 302 -11.24 25.13 20.02
CA LEU D 302 -11.35 26.41 19.33
C LEU D 302 -9.98 27.03 19.08
N SER D 303 -9.24 27.31 20.17
CA SER D 303 -7.93 27.93 20.05
C SER D 303 -7.02 27.15 19.12
N ASP D 304 -7.22 25.84 19.02
CA ASP D 304 -6.46 25.03 18.08
C ASP D 304 -6.97 25.16 16.65
N ILE D 305 -8.16 25.73 16.47
CA ILE D 305 -8.76 25.85 15.15
C ILE D 305 -8.43 27.20 14.52
N LEU D 306 -8.46 28.27 15.33
CA LEU D 306 -8.36 29.62 14.81
C LEU D 306 -6.90 30.06 14.75
N ARG D 307 -6.47 30.63 13.66
CA ARG D 307 -5.14 31.15 13.63
C ARG D 307 -5.06 32.37 14.52
N VAL D 308 -6.18 33.06 14.75
CA VAL D 308 -6.19 34.25 15.58
C VAL D 308 -7.31 34.24 16.59
N ASN D 309 -7.14 34.94 17.71
CA ASN D 309 -8.16 34.97 18.74
C ASN D 309 -9.14 36.11 18.69
N THR D 310 -10.41 35.81 18.77
CA THR D 310 -11.38 36.89 18.66
C THR D 310 -12.31 37.12 19.87
N GLU D 311 -12.48 38.38 20.18
CA GLU D 311 -13.38 38.80 21.22
C GLU D 311 -14.63 38.11 20.74
N ILE D 312 -15.32 37.51 21.66
CA ILE D 312 -16.49 36.67 21.49
C ILE D 312 -17.67 37.01 20.58
N THR D 313 -18.07 35.94 19.94
CA THR D 313 -19.08 35.89 18.94
C THR D 313 -19.50 34.46 18.86
N LYS D 314 -20.72 34.26 18.42
CA LYS D 314 -21.24 32.93 18.13
C LYS D 314 -20.72 32.43 16.80
N ALA D 315 -19.82 33.16 16.15
CA ALA D 315 -19.24 32.78 14.87
C ALA D 315 -17.73 32.99 14.91
N PRO D 316 -17.01 32.18 15.70
CA PRO D 316 -15.56 32.41 15.83
C PRO D 316 -14.77 32.07 14.58
N LEU D 317 -15.18 31.03 13.83
CA LEU D 317 -14.43 30.67 12.63
C LEU D 317 -14.43 31.82 11.63
N SER D 318 -15.62 32.30 11.27
CA SER D 318 -15.70 33.44 10.35
C SER D 318 -14.95 34.64 10.90
N ALA D 319 -15.32 35.09 12.12
CA ALA D 319 -14.68 36.24 12.75
C ALA D 319 -13.15 36.17 12.66
N SER D 320 -12.57 34.98 12.75
CA SER D 320 -11.12 34.87 12.65
C SER D 320 -10.64 35.23 11.25
N MET D 321 -11.34 34.74 10.22
CA MET D 321 -10.92 35.02 8.85
C MET D 321 -11.14 36.49 8.48
N ILE D 322 -12.18 37.14 9.00
CA ILE D 322 -12.26 38.60 8.90
C ILE D 322 -11.00 39.24 9.50
N LYS D 323 -10.59 38.77 10.68
CA LYS D 323 -9.35 39.29 11.28
C LYS D 323 -8.14 38.99 10.39
N LEU D 324 -8.19 37.90 9.62
CA LEU D 324 -7.10 37.56 8.71
C LEU D 324 -7.10 38.49 7.50
N TYR D 325 -8.26 38.61 6.83
CA TYR D 325 -8.36 39.56 5.72
C TYR D 325 -8.04 40.97 6.18
N ASP D 326 -8.57 41.35 7.34
CA ASP D 326 -8.25 42.68 7.88
C ASP D 326 -6.75 42.80 8.11
N GLU D 327 -6.12 41.79 8.72
CA GLU D 327 -4.67 41.79 8.90
C GLU D 327 -3.94 41.80 7.57
N HIS D 328 -4.47 41.08 6.58
CA HIS D 328 -3.89 41.08 5.25
C HIS D 328 -3.92 42.49 4.64
N HIS D 329 -5.01 43.22 4.86
CA HIS D 329 -5.17 44.53 4.24
C HIS D 329 -4.20 45.55 4.83
N GLN D 330 -4.12 45.62 6.17
CA GLN D 330 -3.22 46.60 6.77
C GLN D 330 -1.75 46.24 6.57
N ASP D 331 -1.42 44.95 6.55
CA ASP D 331 -0.04 44.57 6.32
C ASP D 331 0.37 44.80 4.88
N LEU D 332 -0.55 44.64 3.93
CA LEU D 332 -0.25 44.95 2.54
C LEU D 332 -0.15 46.46 2.34
N THR D 333 -1.16 47.22 2.80
CA THR D 333 -1.08 48.68 2.77
C THR D 333 0.24 49.16 3.33
N LEU D 334 0.73 48.50 4.38
CA LEU D 334 2.05 48.82 4.92
C LEU D 334 3.15 48.44 3.94
N LEU D 335 3.13 47.19 3.45
CA LEU D 335 4.24 46.70 2.63
C LEU D 335 4.35 47.45 1.31
N LYS D 336 3.21 47.79 0.70
CA LYS D 336 3.22 48.57 -0.54
C LYS D 336 3.98 49.87 -0.35
N ALA D 337 3.41 50.79 0.45
CA ALA D 337 4.06 52.06 0.74
C ALA D 337 5.47 51.86 1.28
N LEU D 338 5.72 50.72 1.93
CA LEU D 338 7.05 50.44 2.47
C LEU D 338 8.04 50.18 1.34
N VAL D 339 7.65 49.40 0.33
CA VAL D 339 8.56 49.13 -0.78
C VAL D 339 8.74 50.35 -1.65
N ARG D 340 7.65 51.11 -1.87
CA ARG D 340 7.74 52.37 -2.59
C ARG D 340 8.87 53.24 -2.04
N GLN D 341 8.85 53.50 -0.73
CA GLN D 341 9.74 54.44 -0.04
C GLN D 341 11.12 53.89 0.27
N GLN D 342 11.35 52.62 -0.01
CA GLN D 342 12.68 52.00 0.17
C GLN D 342 13.21 51.16 -0.99
N LEU D 343 12.38 50.77 -1.96
CA LEU D 343 12.85 49.92 -3.05
C LEU D 343 11.97 50.10 -4.28
N PRO D 344 12.07 51.23 -4.98
CA PRO D 344 11.32 51.36 -6.23
C PRO D 344 11.76 50.38 -7.30
N GLU D 345 13.02 49.94 -7.29
CA GLU D 345 13.52 49.08 -8.35
C GLU D 345 12.96 47.66 -8.25
N LYS D 346 11.80 47.50 -7.62
CA LYS D 346 11.29 46.15 -7.39
C LYS D 346 9.77 46.10 -7.41
N TYR D 347 9.13 47.21 -7.06
CA TYR D 347 7.68 47.22 -6.88
C TYR D 347 6.95 46.58 -8.07
N LYS D 348 7.44 46.79 -9.29
CA LYS D 348 6.81 46.17 -10.45
C LYS D 348 7.09 44.67 -10.49
N GLU D 349 8.29 44.26 -10.08
CA GLU D 349 8.58 42.84 -10.01
C GLU D 349 7.77 42.16 -8.91
N ILE D 350 7.42 42.88 -7.86
CA ILE D 350 6.76 42.28 -6.71
C ILE D 350 5.25 42.20 -6.91
N PHE D 351 4.62 43.33 -7.24
CA PHE D 351 3.17 43.40 -7.26
C PHE D 351 2.57 43.32 -8.65
N PHE D 352 3.38 43.10 -9.69
CA PHE D 352 2.89 43.01 -11.06
C PHE D 352 3.28 41.71 -11.76
N ASP D 353 4.56 41.34 -11.70
CA ASP D 353 5.13 40.25 -12.50
C ASP D 353 4.62 38.91 -12.00
N GLN D 354 3.58 38.38 -12.64
CA GLN D 354 3.02 37.09 -12.23
C GLN D 354 3.99 35.94 -12.42
N SER D 355 4.99 36.08 -13.31
CA SER D 355 5.97 35.02 -13.52
C SER D 355 6.90 34.85 -12.31
N LYS D 356 7.03 35.88 -11.48
CA LYS D 356 7.87 35.81 -10.29
C LYS D 356 7.02 35.49 -9.07
N ASN D 357 7.70 35.04 -8.01
CA ASN D 357 7.04 34.60 -6.78
C ASN D 357 6.79 35.74 -5.79
N GLY D 358 6.53 36.95 -6.27
CA GLY D 358 6.13 38.04 -5.40
C GLY D 358 4.68 37.93 -4.97
N TYR D 359 4.14 39.06 -4.49
CA TYR D 359 2.73 39.10 -4.16
C TYR D 359 1.85 38.90 -5.39
N ALA D 360 2.35 39.30 -6.57
CA ALA D 360 1.55 39.16 -7.78
C ALA D 360 1.38 37.69 -8.15
N GLY D 361 2.49 36.94 -8.21
CA GLY D 361 2.39 35.50 -8.40
C GLY D 361 1.75 34.79 -7.23
N TYR D 362 1.77 35.40 -6.05
CA TYR D 362 1.12 34.81 -4.88
C TYR D 362 -0.40 34.75 -5.07
N ILE D 363 -0.99 35.84 -5.58
CA ILE D 363 -2.43 35.94 -5.77
C ILE D 363 -2.82 35.46 -7.16
N ASP D 364 -2.33 36.14 -8.19
CA ASP D 364 -2.75 35.89 -9.57
C ASP D 364 -1.90 34.83 -10.27
N GLY D 365 -0.69 34.57 -9.78
CA GLY D 365 0.14 33.51 -10.30
C GLY D 365 -0.08 32.23 -9.53
N GLY D 366 0.82 31.27 -9.74
CA GLY D 366 0.65 29.97 -9.13
C GLY D 366 1.57 29.70 -7.95
N ALA D 367 1.97 30.75 -7.25
CA ALA D 367 2.93 30.63 -6.16
C ALA D 367 2.21 30.18 -4.89
N SER D 368 2.70 29.09 -4.30
CA SER D 368 2.22 28.67 -2.98
C SER D 368 2.62 29.70 -1.92
N GLN D 369 1.96 29.61 -0.76
CA GLN D 369 2.29 30.50 0.35
C GLN D 369 3.75 30.33 0.75
N GLU D 370 4.25 29.10 0.72
CA GLU D 370 5.64 28.85 1.05
C GLU D 370 6.58 29.51 0.05
N GLU D 371 6.30 29.34 -1.24
CA GLU D 371 7.11 30.00 -2.26
C GLU D 371 7.07 31.51 -2.11
N PHE D 372 5.90 32.06 -1.79
CA PHE D 372 5.79 33.50 -1.57
C PHE D 372 6.69 33.93 -0.42
N TYR D 373 6.69 33.18 0.68
CA TYR D 373 7.55 33.50 1.81
C TYR D 373 9.02 33.29 1.46
N LYS D 374 9.34 32.23 0.72
CA LYS D 374 10.72 31.97 0.31
C LYS D 374 11.24 33.05 -0.63
N PHE D 375 10.36 33.79 -1.31
CA PHE D 375 10.75 34.88 -2.17
C PHE D 375 10.82 36.21 -1.41
N ILE D 376 9.81 36.50 -0.60
CA ILE D 376 9.71 37.81 0.06
C ILE D 376 10.66 37.96 1.25
N LYS D 377 11.10 36.85 1.84
CA LYS D 377 11.81 36.92 3.12
C LYS D 377 13.08 37.74 3.07
N PRO D 378 14.03 37.49 2.15
CA PRO D 378 15.21 38.37 2.09
C PRO D 378 14.86 39.84 1.92
N ILE D 379 13.92 40.13 1.03
CA ILE D 379 13.49 41.51 0.77
C ILE D 379 12.99 42.16 2.05
N LEU D 380 12.34 41.40 2.92
CA LEU D 380 11.86 41.97 4.17
C LEU D 380 13.01 42.34 5.09
N GLU D 381 14.08 41.53 5.09
CA GLU D 381 15.22 41.83 5.96
C GLU D 381 15.91 43.11 5.53
N LYS D 382 16.01 43.35 4.22
CA LYS D 382 16.76 44.49 3.69
C LYS D 382 16.19 45.83 4.12
N MET D 383 14.91 45.88 4.49
CA MET D 383 14.24 47.14 4.77
C MET D 383 14.07 47.34 6.27
N ASP D 384 13.78 48.58 6.65
CA ASP D 384 13.51 48.94 8.03
C ASP D 384 12.01 49.07 8.26
N GLY D 385 11.65 49.26 9.52
CA GLY D 385 10.24 49.21 9.90
C GLY D 385 9.58 47.88 9.58
N THR D 386 10.36 46.81 9.55
CA THR D 386 9.94 45.51 9.03
C THR D 386 9.78 44.43 10.08
N GLU D 387 10.66 44.41 11.08
CA GLU D 387 10.76 43.33 12.07
C GLU D 387 9.41 42.77 12.52
N GLU D 388 8.38 43.61 12.59
CA GLU D 388 7.07 43.15 13.05
C GLU D 388 6.41 42.20 12.06
N LEU D 389 6.68 42.38 10.77
CA LEU D 389 6.11 41.52 9.74
C LEU D 389 6.88 40.23 9.53
N LEU D 390 8.20 40.21 9.73
CA LEU D 390 8.90 38.93 9.66
C LEU D 390 8.46 37.98 10.77
N VAL D 391 8.02 38.52 11.91
CA VAL D 391 7.39 37.68 12.92
C VAL D 391 6.15 37.03 12.34
N LYS D 392 5.26 37.85 11.75
CA LYS D 392 4.07 37.34 11.09
C LYS D 392 4.43 36.37 9.96
N LEU D 393 5.63 36.50 9.38
CA LEU D 393 6.05 35.56 8.36
C LEU D 393 6.41 34.21 8.96
N ASN D 394 7.34 34.18 9.92
CA ASN D 394 7.79 32.90 10.44
C ASN D 394 6.74 32.20 11.29
N ARG D 395 5.67 32.88 11.68
CA ARG D 395 4.50 32.20 12.22
C ARG D 395 3.53 31.76 11.13
N GLU D 396 3.81 32.12 9.88
CA GLU D 396 2.94 31.82 8.73
C GLU D 396 1.60 32.53 8.84
N ASP D 397 1.63 33.79 9.29
CA ASP D 397 0.46 34.65 9.42
C ASP D 397 0.64 35.95 8.65
N LEU D 398 1.43 35.94 7.59
CA LEU D 398 1.72 37.12 6.78
C LEU D 398 0.91 37.06 5.50
N LEU D 399 0.01 38.03 5.32
CA LEU D 399 -0.82 38.12 4.11
C LEU D 399 -1.50 36.80 3.82
N ARG D 400 -2.19 36.26 4.82
CA ARG D 400 -2.84 34.97 4.67
C ARG D 400 -4.05 35.05 3.74
N LYS D 401 -4.22 34.02 2.93
CA LYS D 401 -5.52 33.80 2.30
C LYS D 401 -6.45 33.09 3.29
N GLN D 402 -7.75 33.07 2.97
CA GLN D 402 -8.68 32.41 3.87
C GLN D 402 -8.93 30.97 3.49
N ARG D 403 -9.11 30.69 2.21
CA ARG D 403 -9.24 29.32 1.74
C ARG D 403 -7.84 28.77 1.49
N THR D 404 -7.37 27.91 2.39
CA THR D 404 -6.01 27.39 2.34
C THR D 404 -5.98 25.91 2.66
N PHE D 405 -4.78 25.34 2.55
CA PHE D 405 -4.54 23.94 2.87
C PHE D 405 -4.73 23.65 4.36
N ASP D 406 -4.60 24.66 5.23
CA ASP D 406 -4.67 24.42 6.66
C ASP D 406 -6.08 24.09 7.12
N ASN D 407 -7.10 24.56 6.39
CA ASN D 407 -8.49 24.41 6.83
C ASN D 407 -8.92 22.96 7.00
N GLY D 408 -8.07 22.00 6.62
CA GLY D 408 -8.40 20.60 6.76
C GLY D 408 -8.73 20.17 8.17
N ILE D 409 -8.43 21.03 9.15
CA ILE D 409 -8.65 20.67 10.55
C ILE D 409 -9.96 21.20 11.12
N ILE D 410 -10.65 22.10 10.41
CA ILE D 410 -11.95 22.59 10.85
C ILE D 410 -12.92 21.42 10.95
N PRO D 411 -13.44 21.10 12.12
CA PRO D 411 -14.46 20.05 12.21
C PRO D 411 -15.83 20.60 11.85
N HIS D 412 -16.70 19.69 11.38
CA HIS D 412 -18.00 20.10 10.87
C HIS D 412 -18.83 20.81 11.93
N GLN D 413 -18.67 20.43 13.20
CA GLN D 413 -19.42 21.09 14.27
C GLN D 413 -19.31 22.60 14.18
N ILE D 414 -18.10 23.11 13.89
CA ILE D 414 -17.91 24.56 13.80
C ILE D 414 -18.82 25.15 12.73
N HIS D 415 -18.83 24.54 11.54
CA HIS D 415 -19.76 24.99 10.49
C HIS D 415 -21.21 24.79 10.90
N LEU D 416 -21.49 23.76 11.70
CA LEU D 416 -22.86 23.52 12.14
C LEU D 416 -23.34 24.65 13.04
N GLY D 417 -22.48 25.15 13.92
CA GLY D 417 -22.88 26.21 14.82
C GLY D 417 -23.30 27.47 14.10
N GLU D 418 -22.53 27.87 13.08
CA GLU D 418 -22.90 29.06 12.30
C GLU D 418 -24.19 28.83 11.54
N LEU D 419 -24.28 27.72 10.80
CA LEU D 419 -25.50 27.38 10.09
C LEU D 419 -26.71 27.39 11.02
N HIS D 420 -26.56 26.84 12.22
CA HIS D 420 -27.67 26.80 13.17
C HIS D 420 -28.03 28.21 13.64
N ALA D 421 -27.02 29.02 13.98
CA ALA D 421 -27.26 30.39 14.39
C ALA D 421 -28.05 31.16 13.34
N ILE D 422 -27.57 31.12 12.09
CA ILE D 422 -28.23 31.89 11.02
C ILE D 422 -29.68 31.48 10.90
N LEU D 423 -29.95 30.18 10.94
CA LEU D 423 -31.32 29.70 10.86
C LEU D 423 -32.16 30.28 11.98
N ARG D 424 -31.58 30.41 13.17
CA ARG D 424 -32.34 30.87 14.33
C ARG D 424 -32.58 32.37 14.32
N ARG D 425 -31.78 33.15 13.58
CA ARG D 425 -32.07 34.56 13.43
C ARG D 425 -33.23 34.81 12.47
N GLN D 426 -33.22 34.15 11.32
CA GLN D 426 -34.12 34.50 10.22
C GLN D 426 -35.35 33.62 10.13
N GLU D 427 -35.50 32.63 11.00
CA GLU D 427 -36.70 31.79 10.92
C GLU D 427 -37.94 32.51 11.43
N ASP D 428 -37.78 33.57 12.22
CA ASP D 428 -38.92 34.41 12.57
C ASP D 428 -39.43 35.16 11.37
N PHE D 429 -38.53 35.66 10.52
CA PHE D 429 -38.94 36.38 9.32
C PHE D 429 -39.41 35.42 8.23
N TYR D 430 -38.68 34.32 8.03
CA TYR D 430 -38.98 33.39 6.96
C TYR D 430 -39.53 32.09 7.55
N PRO D 431 -40.83 31.82 7.42
CA PRO D 431 -41.41 30.65 8.10
C PRO D 431 -40.88 29.31 7.62
N PHE D 432 -40.56 29.17 6.33
CA PHE D 432 -40.11 27.87 5.85
C PHE D 432 -38.73 27.49 6.39
N LEU D 433 -37.94 28.48 6.84
CA LEU D 433 -36.71 28.16 7.54
C LEU D 433 -37.00 27.48 8.87
N LYS D 434 -37.95 28.01 9.64
CA LYS D 434 -38.35 27.39 10.90
C LYS D 434 -38.71 25.92 10.70
N ASP D 435 -39.57 25.64 9.71
CA ASP D 435 -40.04 24.29 9.53
C ASP D 435 -38.97 23.34 9.01
N ASN D 436 -37.94 23.87 8.34
CA ASN D 436 -36.87 23.03 7.81
C ASN D 436 -35.57 23.19 8.56
N ARG D 437 -35.58 23.78 9.76
CA ARG D 437 -34.33 23.99 10.48
C ARG D 437 -33.59 22.67 10.71
N GLU D 438 -34.32 21.63 11.12
CA GLU D 438 -33.67 20.33 11.30
C GLU D 438 -33.34 19.68 9.96
N LYS D 439 -34.21 19.88 8.97
CA LYS D 439 -33.93 19.36 7.63
C LYS D 439 -32.61 19.91 7.10
N ILE D 440 -32.46 21.23 7.09
CA ILE D 440 -31.23 21.84 6.62
C ILE D 440 -30.04 21.37 7.44
N GLU D 441 -30.21 21.29 8.76
CA GLU D 441 -29.11 20.84 9.61
C GLU D 441 -28.67 19.42 9.27
N LYS D 442 -29.60 18.59 8.78
CA LYS D 442 -29.25 17.20 8.46
C LYS D 442 -28.45 17.11 7.18
N ILE D 443 -28.69 18.01 6.22
CA ILE D 443 -27.88 18.02 4.99
C ILE D 443 -26.41 18.15 5.33
N LEU D 444 -26.10 18.92 6.38
CA LEU D 444 -24.70 19.15 6.72
C LEU D 444 -24.11 17.98 7.51
N THR D 445 -24.82 17.53 8.54
CA THR D 445 -24.25 16.52 9.44
C THR D 445 -24.29 15.11 8.87
N PHE D 446 -25.18 14.82 7.92
CA PHE D 446 -25.38 13.44 7.52
C PHE D 446 -24.22 12.89 6.72
N ARG D 447 -23.85 11.65 7.03
CA ARG D 447 -22.68 11.00 6.44
C ARG D 447 -23.00 9.53 6.27
N ILE D 448 -22.96 9.03 5.04
CA ILE D 448 -23.20 7.61 4.83
C ILE D 448 -22.17 6.81 5.64
N PRO D 449 -22.60 5.86 6.46
CA PRO D 449 -21.62 5.09 7.25
C PRO D 449 -20.73 4.23 6.36
N TYR D 450 -19.45 4.16 6.73
CA TYR D 450 -18.51 3.37 5.95
C TYR D 450 -18.98 1.92 5.78
N TYR D 451 -19.83 1.42 6.69
CA TYR D 451 -20.22 0.02 6.62
C TYR D 451 -21.44 -0.23 5.75
N VAL D 452 -22.12 0.80 5.26
CA VAL D 452 -23.23 0.59 4.34
C VAL D 452 -22.80 0.74 2.88
N GLY D 453 -21.95 1.71 2.57
CA GLY D 453 -21.37 1.80 1.25
C GLY D 453 -22.28 2.48 0.25
N PRO D 454 -21.96 2.35 -1.03
CA PRO D 454 -22.73 3.03 -2.07
C PRO D 454 -24.21 2.65 -2.00
N LEU D 455 -25.07 3.67 -1.99
CA LEU D 455 -26.51 3.47 -1.91
C LEU D 455 -27.09 2.97 -3.23
N ALA D 456 -26.62 1.82 -3.69
CA ALA D 456 -26.95 1.38 -5.04
C ALA D 456 -28.30 0.65 -5.06
N ARG D 457 -28.76 0.38 -6.27
CA ARG D 457 -29.99 -0.36 -6.51
C ARG D 457 -29.74 -1.50 -7.49
N GLY D 458 -28.72 -2.31 -7.21
CA GLY D 458 -28.49 -3.54 -7.93
C GLY D 458 -27.59 -3.46 -9.14
N ASN D 459 -27.05 -2.29 -9.44
CA ASN D 459 -26.13 -2.11 -10.56
C ASN D 459 -24.79 -1.59 -10.09
N SER D 460 -24.27 -2.15 -9.00
CA SER D 460 -22.94 -1.82 -8.50
C SER D 460 -22.27 -3.08 -8.00
N ARG D 461 -21.16 -3.46 -8.64
CA ARG D 461 -20.36 -4.57 -8.13
C ARG D 461 -19.72 -4.23 -6.79
N PHE D 462 -19.76 -2.97 -6.37
CA PHE D 462 -19.13 -2.57 -5.12
C PHE D 462 -20.09 -2.57 -3.94
N ALA D 463 -21.39 -2.52 -4.18
CA ALA D 463 -22.34 -2.29 -3.12
C ALA D 463 -22.79 -3.60 -2.47
N TRP D 464 -23.20 -3.49 -1.21
CA TRP D 464 -23.72 -4.61 -0.43
C TRP D 464 -24.97 -4.24 0.35
N MET D 465 -25.35 -2.97 0.38
CA MET D 465 -26.41 -2.48 1.26
C MET D 465 -27.76 -3.05 0.85
N THR D 466 -28.58 -3.31 1.85
CA THR D 466 -29.96 -3.75 1.67
C THR D 466 -30.92 -2.63 2.05
N ARG D 467 -32.00 -2.52 1.31
CA ARG D 467 -33.03 -1.51 1.54
C ARG D 467 -34.27 -2.22 2.08
N LYS D 468 -34.78 -1.76 3.23
CA LYS D 468 -35.99 -2.35 3.78
C LYS D 468 -37.25 -1.58 3.41
N SER D 469 -37.11 -0.40 2.82
CA SER D 469 -38.18 0.18 2.02
C SER D 469 -37.78 0.00 0.56
N GLU D 470 -38.30 0.85 -0.34
CA GLU D 470 -37.81 0.86 -1.71
C GLU D 470 -37.83 2.25 -2.33
N GLU D 471 -38.11 3.29 -1.54
CA GLU D 471 -38.14 4.64 -2.07
C GLU D 471 -36.72 5.20 -2.17
N THR D 472 -36.62 6.36 -2.82
CA THR D 472 -35.34 7.03 -2.96
C THR D 472 -34.80 7.41 -1.59
N ILE D 473 -33.54 7.06 -1.33
CA ILE D 473 -32.91 7.39 -0.05
C ILE D 473 -32.52 8.85 -0.05
N THR D 474 -32.72 9.50 1.09
CA THR D 474 -32.40 10.90 1.32
C THR D 474 -31.71 11.00 2.67
N PRO D 475 -31.11 12.16 2.99
CA PRO D 475 -30.51 12.31 4.33
C PRO D 475 -31.49 12.17 5.47
N TRP D 476 -32.79 12.18 5.20
CA TRP D 476 -33.83 12.15 6.22
C TRP D 476 -34.49 10.80 6.40
N ASN D 477 -34.72 10.06 5.32
CA ASN D 477 -35.33 8.74 5.43
C ASN D 477 -34.30 7.63 5.59
N PHE D 478 -33.02 7.98 5.69
CA PHE D 478 -31.93 7.00 5.63
C PHE D 478 -32.17 5.84 6.59
N GLU D 479 -32.40 6.14 7.87
CA GLU D 479 -32.57 5.11 8.88
C GLU D 479 -33.83 4.28 8.65
N LYS D 480 -34.81 4.84 7.94
CA LYS D 480 -36.07 4.14 7.72
C LYS D 480 -36.16 3.50 6.34
N VAL D 481 -35.14 3.63 5.52
CA VAL D 481 -35.15 2.98 4.21
C VAL D 481 -33.96 2.03 4.10
N VAL D 482 -32.84 2.41 4.70
CA VAL D 482 -31.66 1.56 4.72
C VAL D 482 -31.70 0.69 5.98
N ASP D 483 -31.46 -0.61 5.80
CA ASP D 483 -31.31 -1.51 6.94
C ASP D 483 -29.84 -1.49 7.40
N LYS D 484 -29.44 -0.34 7.95
CA LYS D 484 -28.07 -0.21 8.44
C LYS D 484 -27.91 -1.14 9.62
N GLY D 485 -27.40 -2.33 9.36
CA GLY D 485 -27.36 -3.40 10.33
C GLY D 485 -27.25 -4.70 9.58
N ALA D 486 -28.26 -5.00 8.76
CA ALA D 486 -28.10 -6.08 7.78
C ALA D 486 -26.96 -5.76 6.83
N SER D 487 -26.93 -4.53 6.29
CA SER D 487 -25.83 -4.12 5.45
C SER D 487 -24.54 -4.02 6.26
N ALA D 488 -24.62 -3.52 7.50
CA ALA D 488 -23.45 -3.52 8.37
C ALA D 488 -22.89 -4.93 8.55
N GLN D 489 -23.75 -5.95 8.48
CA GLN D 489 -23.26 -7.31 8.59
C GLN D 489 -22.75 -7.82 7.25
N SER D 490 -23.38 -7.41 6.16
CA SER D 490 -22.88 -7.80 4.85
C SER D 490 -21.47 -7.25 4.64
N PHE D 491 -21.27 -5.97 4.98
CA PHE D 491 -19.98 -5.27 4.92
C PHE D 491 -18.81 -6.16 5.31
N ILE D 492 -18.98 -6.93 6.38
CA ILE D 492 -17.91 -7.79 6.88
C ILE D 492 -18.01 -9.20 6.32
N GLU D 493 -19.22 -9.71 6.08
CA GLU D 493 -19.35 -11.08 5.63
C GLU D 493 -18.92 -11.27 4.18
N ARG D 494 -18.90 -10.21 3.36
CA ARG D 494 -18.35 -10.32 2.01
C ARG D 494 -16.88 -10.72 2.05
N MET D 495 -16.13 -10.16 3.01
CA MET D 495 -14.69 -10.30 3.06
C MET D 495 -14.21 -11.45 3.94
N THR D 496 -15.03 -11.95 4.86
CA THR D 496 -14.60 -13.02 5.73
C THR D 496 -14.57 -14.36 4.98
N ASN D 497 -13.72 -15.27 5.45
CA ASN D 497 -13.47 -16.52 4.76
C ASN D 497 -14.48 -17.58 5.15
N PHE D 498 -14.41 -18.72 4.46
CA PHE D 498 -15.22 -19.89 4.75
C PHE D 498 -14.36 -21.01 5.28
N ASP D 499 -15.02 -22.03 5.81
CA ASP D 499 -14.33 -23.23 6.28
C ASP D 499 -13.70 -23.97 5.10
N LYS D 500 -12.38 -24.13 5.11
CA LYS D 500 -11.74 -24.85 4.02
C LYS D 500 -12.12 -26.33 4.00
N ASN D 501 -12.60 -26.88 5.11
CA ASN D 501 -13.11 -28.24 5.09
C ASN D 501 -14.53 -28.32 4.54
N LEU D 502 -15.33 -27.28 4.73
CA LEU D 502 -16.71 -27.20 4.23
C LEU D 502 -16.91 -25.86 3.53
N PRO D 503 -16.40 -25.72 2.30
CA PRO D 503 -16.26 -24.39 1.69
C PRO D 503 -17.55 -23.64 1.48
N ASN D 504 -18.70 -24.18 1.88
CA ASN D 504 -19.94 -23.42 1.83
C ASN D 504 -20.34 -22.85 3.18
N GLU D 505 -19.56 -23.08 4.24
CA GLU D 505 -19.93 -22.71 5.59
C GLU D 505 -19.06 -21.57 6.11
N LYS D 506 -19.69 -20.56 6.73
CA LYS D 506 -18.97 -19.45 7.33
C LYS D 506 -18.14 -19.92 8.52
N VAL D 507 -16.97 -19.31 8.68
CA VAL D 507 -16.15 -19.60 9.85
C VAL D 507 -16.73 -18.87 11.05
N LEU D 508 -16.60 -19.47 12.24
CA LEU D 508 -17.09 -18.86 13.46
C LEU D 508 -16.22 -17.68 13.85
N PRO D 509 -16.72 -16.81 14.73
CA PRO D 509 -15.83 -15.84 15.38
C PRO D 509 -14.72 -16.55 16.15
N LYS D 510 -13.57 -15.86 16.27
CA LYS D 510 -12.47 -16.40 17.05
C LYS D 510 -12.89 -16.73 18.48
N HIS D 511 -13.87 -16.00 19.02
CA HIS D 511 -14.31 -16.17 20.40
C HIS D 511 -15.65 -16.88 20.52
N SER D 512 -15.96 -17.77 19.58
CA SER D 512 -17.15 -18.60 19.71
C SER D 512 -16.99 -19.54 20.90
N LEU D 513 -18.04 -19.66 21.71
CA LEU D 513 -18.01 -20.65 22.78
C LEU D 513 -17.84 -22.05 22.21
N LEU D 514 -18.54 -22.36 21.11
CA LEU D 514 -18.36 -23.65 20.47
C LEU D 514 -16.90 -23.88 20.10
N TYR D 515 -16.25 -22.86 19.50
CA TYR D 515 -14.85 -23.00 19.16
C TYR D 515 -14.01 -23.30 20.41
N GLU D 516 -14.24 -22.54 21.48
CA GLU D 516 -13.39 -22.70 22.66
C GLU D 516 -13.65 -24.03 23.37
N TYR D 517 -14.90 -24.48 23.40
CA TYR D 517 -15.16 -25.85 23.84
C TYR D 517 -14.35 -26.84 23.01
N PHE D 518 -14.51 -26.76 21.68
CA PHE D 518 -13.79 -27.64 20.76
C PHE D 518 -12.30 -27.68 21.05
N THR D 519 -11.71 -26.53 21.37
CA THR D 519 -10.27 -26.51 21.63
C THR D 519 -9.94 -27.21 22.93
N VAL D 520 -10.72 -26.96 23.98
CA VAL D 520 -10.42 -27.55 25.30
C VAL D 520 -10.45 -29.07 25.22
N TYR D 521 -11.49 -29.63 24.58
CA TYR D 521 -11.58 -31.08 24.47
C TYR D 521 -10.47 -31.64 23.60
N ASN D 522 -10.24 -31.02 22.43
CA ASN D 522 -9.17 -31.48 21.55
C ASN D 522 -7.83 -31.53 22.26
N GLU D 523 -7.65 -30.66 23.25
CA GLU D 523 -6.45 -30.74 24.06
C GLU D 523 -6.58 -31.82 25.12
N LEU D 524 -7.76 -31.94 25.74
CA LEU D 524 -7.96 -32.88 26.84
C LEU D 524 -7.92 -34.33 26.37
N THR D 525 -8.55 -34.63 25.23
CA THR D 525 -8.75 -36.02 24.85
C THR D 525 -7.44 -36.78 24.68
N LYS D 526 -6.31 -36.07 24.60
CA LYS D 526 -4.99 -36.69 24.46
C LYS D 526 -4.18 -36.63 25.74
N VAL D 527 -4.82 -36.37 26.88
CA VAL D 527 -4.14 -36.35 28.18
C VAL D 527 -4.13 -37.76 28.75
N LYS D 528 -2.98 -38.18 29.25
CA LYS D 528 -2.81 -39.53 29.79
C LYS D 528 -2.46 -39.47 31.28
N TYR D 529 -2.99 -40.42 32.04
CA TYR D 529 -2.71 -40.53 33.47
C TYR D 529 -2.35 -41.97 33.84
N VAL D 530 -1.46 -42.10 34.82
CA VAL D 530 -1.11 -43.37 35.44
C VAL D 530 -0.87 -43.14 36.92
N THR D 531 -1.08 -44.19 37.71
CA THR D 531 -0.50 -44.24 39.06
C THR D 531 -0.48 -45.69 39.52
N GLU D 532 0.05 -45.89 40.72
CA GLU D 532 0.33 -47.22 41.27
C GLU D 532 -0.89 -48.13 41.22
N GLY D 533 -0.81 -49.18 40.40
CA GLY D 533 -1.87 -50.15 40.29
C GLY D 533 -2.44 -50.26 38.89
N MET D 534 -1.82 -49.54 37.94
CA MET D 534 -2.29 -49.50 36.57
C MET D 534 -1.23 -50.13 35.67
N ARG D 535 -1.64 -51.16 34.92
CA ARG D 535 -0.74 -51.81 33.96
C ARG D 535 -0.14 -50.79 33.01
N LYS D 536 -0.91 -49.77 32.65
CA LYS D 536 -0.60 -48.91 31.52
C LYS D 536 -1.07 -47.51 31.80
N PRO D 537 -0.47 -46.49 31.16
CA PRO D 537 -1.13 -45.18 31.03
C PRO D 537 -2.57 -45.25 30.55
N ALA D 538 -3.36 -44.23 30.84
CA ALA D 538 -4.75 -44.22 30.45
C ALA D 538 -5.19 -42.84 29.98
N PHE D 539 -6.04 -42.82 28.96
CA PHE D 539 -6.68 -41.59 28.56
C PHE D 539 -7.82 -41.25 29.54
N LEU D 540 -8.18 -39.97 29.55
CA LEU D 540 -9.40 -39.57 30.24
C LEU D 540 -10.61 -40.04 29.43
N SER D 541 -11.50 -40.78 30.08
CA SER D 541 -12.71 -41.23 29.41
C SER D 541 -13.65 -40.04 29.21
N GLY D 542 -14.71 -40.28 28.43
CA GLY D 542 -15.76 -39.28 28.31
C GLY D 542 -16.18 -38.75 29.66
N ASP D 543 -16.51 -39.65 30.59
CA ASP D 543 -16.98 -39.26 31.91
C ASP D 543 -15.94 -38.43 32.65
N GLN D 544 -14.65 -38.71 32.45
CA GLN D 544 -13.61 -37.95 33.15
C GLN D 544 -13.45 -36.55 32.56
N LYS D 545 -13.43 -36.43 31.24
CA LYS D 545 -13.25 -35.13 30.60
C LYS D 545 -14.39 -34.19 30.97
N LYS D 546 -15.63 -34.58 30.67
CA LYS D 546 -16.79 -33.79 31.08
C LYS D 546 -16.68 -33.36 32.53
N ALA D 547 -16.23 -34.28 33.39
CA ALA D 547 -16.03 -33.93 34.79
C ALA D 547 -15.05 -32.78 34.95
N ILE D 548 -13.93 -32.83 34.23
CA ILE D 548 -12.88 -31.83 34.43
C ILE D 548 -13.29 -30.48 33.83
N VAL D 549 -14.03 -30.50 32.71
CA VAL D 549 -14.47 -29.23 32.12
C VAL D 549 -15.45 -28.52 33.06
N ASP D 550 -16.43 -29.24 33.58
CA ASP D 550 -17.34 -28.65 34.57
C ASP D 550 -16.59 -28.23 35.82
N LEU D 551 -15.67 -29.07 36.30
CA LEU D 551 -15.05 -28.86 37.61
C LEU D 551 -14.01 -27.74 37.55
N LEU D 552 -13.13 -27.78 36.56
CA LEU D 552 -11.95 -26.91 36.49
C LEU D 552 -12.08 -25.78 35.49
N PHE D 553 -12.45 -26.08 34.24
CA PHE D 553 -12.42 -25.05 33.20
C PHE D 553 -13.58 -24.06 33.34
N LYS D 554 -14.72 -24.48 33.90
CA LYS D 554 -15.86 -23.58 34.03
C LYS D 554 -15.83 -22.80 35.33
N THR D 555 -14.72 -22.86 36.06
CA THR D 555 -14.51 -22.02 37.25
C THR D 555 -13.23 -21.21 37.17
N ASN D 556 -12.24 -21.67 36.41
CA ASN D 556 -10.98 -20.96 36.23
C ASN D 556 -10.80 -20.62 34.76
N ARG D 557 -10.09 -19.52 34.49
CA ARG D 557 -9.75 -19.21 33.11
C ARG D 557 -8.57 -20.05 32.64
N LYS D 558 -7.55 -20.20 33.47
CA LYS D 558 -6.41 -21.05 33.17
C LYS D 558 -6.40 -22.22 34.14
N VAL D 559 -6.37 -23.43 33.61
CA VAL D 559 -6.34 -24.66 34.41
C VAL D 559 -4.90 -25.13 34.48
N THR D 560 -4.38 -25.28 35.70
CA THR D 560 -3.01 -25.73 35.88
C THR D 560 -2.96 -27.24 36.09
N VAL D 561 -1.77 -27.79 35.80
CA VAL D 561 -1.56 -29.22 36.09
C VAL D 561 -1.67 -29.47 37.59
N LYS D 562 -1.35 -28.44 38.40
CA LYS D 562 -1.47 -28.58 39.85
C LYS D 562 -2.92 -28.82 40.27
N GLN D 563 -3.85 -28.03 39.71
CA GLN D 563 -5.25 -28.20 40.04
C GLN D 563 -5.76 -29.56 39.57
N LEU D 564 -5.46 -29.90 38.31
CA LEU D 564 -5.94 -31.16 37.74
C LEU D 564 -5.55 -32.34 38.61
N LYS D 565 -4.36 -32.29 39.20
CA LYS D 565 -3.93 -33.35 40.12
C LYS D 565 -4.66 -33.23 41.46
N GLU D 566 -4.77 -32.02 41.99
CA GLU D 566 -5.26 -31.84 43.36
C GLU D 566 -6.77 -31.73 43.42
N ASP D 567 -7.40 -31.09 42.44
CA ASP D 567 -8.83 -30.81 42.56
C ASP D 567 -9.69 -31.87 41.89
N TYR D 568 -9.20 -32.51 40.82
CA TYR D 568 -9.90 -33.68 40.29
C TYR D 568 -9.33 -34.98 40.83
N PHE D 569 -8.08 -35.21 40.55
CA PHE D 569 -7.48 -36.44 40.92
C PHE D 569 -7.46 -36.77 42.39
N LYS D 570 -7.21 -35.81 43.26
CA LYS D 570 -7.22 -36.06 44.67
C LYS D 570 -8.58 -35.98 45.25
N LYS D 571 -9.25 -34.88 45.10
CA LYS D 571 -10.56 -34.70 45.70
C LYS D 571 -11.74 -35.53 45.22
N ILE D 572 -11.76 -35.89 43.95
CA ILE D 572 -12.80 -36.64 43.29
C ILE D 572 -12.31 -38.09 43.20
N GLU D 573 -11.09 -38.29 42.72
CA GLU D 573 -10.63 -39.62 42.34
C GLU D 573 -9.85 -40.32 43.43
N CYS D 574 -9.57 -39.65 44.55
CA CYS D 574 -8.87 -40.13 45.74
C CYS D 574 -7.40 -40.41 45.48
N PHE D 575 -6.92 -40.20 44.25
CA PHE D 575 -5.53 -40.41 43.86
C PHE D 575 -4.59 -39.55 44.70
N ASP D 576 -3.93 -40.15 45.70
CA ASP D 576 -2.96 -39.43 46.50
C ASP D 576 -1.83 -38.86 45.63
N SER D 577 -1.47 -39.58 44.57
CA SER D 577 -0.55 -39.01 43.58
C SER D 577 -0.85 -39.64 42.23
N VAL D 578 -0.35 -38.97 41.18
CA VAL D 578 -0.66 -39.34 39.81
C VAL D 578 0.34 -38.64 38.91
N GLU D 579 0.65 -39.25 37.77
CA GLU D 579 1.53 -38.64 36.78
C GLU D 579 0.74 -38.32 35.52
N ILE D 580 1.03 -37.15 34.95
CA ILE D 580 0.22 -36.56 33.89
C ILE D 580 1.12 -36.25 32.70
N SER D 581 0.73 -36.74 31.53
CA SER D 581 1.36 -36.40 30.28
C SER D 581 0.32 -35.75 29.37
N GLY D 582 0.76 -35.29 28.21
CA GLY D 582 -0.10 -34.59 27.29
C GLY D 582 -0.42 -33.16 27.63
N VAL D 583 0.02 -32.68 28.80
CA VAL D 583 -0.02 -31.27 29.15
C VAL D 583 1.06 -30.97 30.19
N GLU D 584 1.98 -30.09 29.84
CA GLU D 584 3.05 -29.69 30.74
C GLU D 584 2.73 -28.30 31.26
N ASP D 585 2.99 -28.10 32.56
CA ASP D 585 2.80 -26.82 33.26
C ASP D 585 1.33 -26.45 33.39
N ARG D 586 0.70 -26.03 32.29
CA ARG D 586 -0.71 -25.67 32.34
C ARG D 586 -1.32 -25.84 30.97
N PHE D 587 -2.65 -26.01 30.95
CA PHE D 587 -3.38 -26.15 29.70
C PHE D 587 -3.24 -24.87 28.88
N ASN D 588 -3.28 -25.03 27.56
CA ASN D 588 -3.19 -23.87 26.69
C ASN D 588 -4.55 -23.29 26.37
N ALA D 589 -5.55 -24.16 26.15
CA ALA D 589 -6.87 -23.69 25.81
C ALA D 589 -7.58 -23.10 27.03
N SER D 590 -8.60 -22.28 26.77
CA SER D 590 -9.39 -21.67 27.82
C SER D 590 -10.79 -21.41 27.32
N LEU D 591 -11.75 -21.45 28.24
CA LEU D 591 -13.11 -20.97 27.98
C LEU D 591 -13.21 -19.49 28.32
N GLY D 592 -12.29 -18.72 27.73
CA GLY D 592 -12.20 -17.31 28.06
C GLY D 592 -13.47 -16.54 27.79
N THR D 593 -14.18 -16.89 26.70
CA THR D 593 -15.43 -16.19 26.41
C THR D 593 -16.50 -16.52 27.44
N TYR D 594 -16.55 -17.78 27.87
CA TYR D 594 -17.45 -18.19 28.94
C TYR D 594 -17.24 -17.35 30.20
N HIS D 595 -15.99 -17.25 30.65
CA HIS D 595 -15.73 -16.44 31.84
C HIS D 595 -16.03 -14.97 31.60
N ASP D 596 -15.80 -14.47 30.38
CA ASP D 596 -16.11 -13.08 30.08
C ASP D 596 -17.60 -12.80 30.29
N LEU D 597 -18.48 -13.65 29.76
CA LEU D 597 -19.91 -13.43 29.90
C LEU D 597 -20.39 -13.71 31.32
N LEU D 598 -19.84 -14.75 31.97
CA LEU D 598 -20.19 -15.02 33.37
C LEU D 598 -19.88 -13.83 34.26
N LYS D 599 -18.71 -13.21 34.08
CA LYS D 599 -18.38 -12.01 34.85
C LYS D 599 -19.31 -10.85 34.56
N ILE D 600 -20.15 -10.94 33.52
CA ILE D 600 -21.01 -9.84 33.10
C ILE D 600 -22.48 -10.10 33.48
N ILE D 601 -23.07 -11.18 32.95
CA ILE D 601 -24.49 -11.40 33.20
C ILE D 601 -24.74 -12.07 34.55
N LYS D 602 -23.75 -12.77 35.11
CA LYS D 602 -23.77 -13.29 36.48
C LYS D 602 -24.92 -14.27 36.71
N ASP D 603 -24.92 -15.34 35.90
CA ASP D 603 -25.91 -16.41 36.03
C ASP D 603 -25.27 -17.67 35.44
N LYS D 604 -24.63 -18.46 36.30
CA LYS D 604 -24.00 -19.70 35.84
C LYS D 604 -25.02 -20.68 35.28
N ASP D 605 -26.27 -20.64 35.78
CA ASP D 605 -27.31 -21.52 35.25
C ASP D 605 -27.67 -21.11 33.83
N PHE D 606 -27.78 -19.79 33.60
CA PHE D 606 -28.05 -19.31 32.25
C PHE D 606 -26.90 -19.63 31.31
N LEU D 607 -25.67 -19.69 31.83
CA LEU D 607 -24.52 -20.00 31.00
C LEU D 607 -24.41 -21.48 30.69
N ASP D 608 -24.61 -22.33 31.71
CA ASP D 608 -24.43 -23.77 31.54
C ASP D 608 -25.60 -24.45 30.85
N ASN D 609 -26.78 -23.85 30.86
CA ASN D 609 -27.95 -24.47 30.23
C ASN D 609 -27.78 -24.43 28.71
N GLU D 610 -27.63 -25.60 28.10
CA GLU D 610 -27.43 -25.68 26.66
C GLU D 610 -28.57 -25.07 25.85
N GLU D 611 -29.66 -24.65 26.52
CA GLU D 611 -30.77 -24.05 25.78
C GLU D 611 -30.37 -22.74 25.14
N ASN D 612 -29.50 -21.98 25.80
CA ASN D 612 -29.12 -20.66 25.34
C ASN D 612 -27.85 -20.64 24.50
N GLU D 613 -27.35 -21.81 24.07
CA GLU D 613 -26.09 -21.87 23.33
C GLU D 613 -26.11 -20.87 22.17
N ASP D 614 -27.19 -20.86 21.40
CA ASP D 614 -27.26 -19.99 20.23
C ASP D 614 -27.30 -18.52 20.61
N ILE D 615 -27.88 -18.19 21.77
CA ILE D 615 -27.96 -16.80 22.21
C ILE D 615 -26.57 -16.26 22.50
N LEU D 616 -25.83 -16.95 23.37
CA LEU D 616 -24.46 -16.54 23.65
C LEU D 616 -23.64 -16.41 22.38
N GLU D 617 -23.79 -17.36 21.45
CA GLU D 617 -23.03 -17.30 20.20
C GLU D 617 -23.45 -16.11 19.36
N ASP D 618 -24.74 -15.75 19.39
CA ASP D 618 -25.17 -14.55 18.68
C ASP D 618 -24.65 -13.30 19.36
N ILE D 619 -24.54 -13.33 20.70
CA ILE D 619 -23.95 -12.19 21.40
C ILE D 619 -22.51 -11.99 20.96
N VAL D 620 -21.72 -13.06 20.97
CA VAL D 620 -20.33 -12.99 20.53
C VAL D 620 -20.25 -12.55 19.07
N LEU D 621 -21.15 -13.07 18.22
CA LEU D 621 -21.15 -12.68 16.81
C LEU D 621 -21.36 -11.17 16.68
N THR D 622 -22.44 -10.65 17.28
CA THR D 622 -22.66 -9.21 17.32
C THR D 622 -21.41 -8.46 17.78
N LEU D 623 -20.77 -8.95 18.85
CA LEU D 623 -19.63 -8.22 19.41
C LEU D 623 -18.40 -8.28 18.52
N THR D 624 -18.28 -9.31 17.68
CA THR D 624 -17.17 -9.38 16.74
C THR D 624 -17.54 -8.82 15.37
N LEU D 625 -18.80 -9.00 14.95
CA LEU D 625 -19.27 -8.53 13.65
C LEU D 625 -19.40 -7.03 13.55
N PHE D 626 -19.29 -6.30 14.66
CA PHE D 626 -19.52 -4.87 14.64
C PHE D 626 -18.42 -4.15 15.40
N GLU D 627 -18.27 -2.88 15.03
CA GLU D 627 -17.35 -1.97 15.68
C GLU D 627 -18.03 -0.69 16.14
N ASP D 628 -19.15 -0.31 15.52
CA ASP D 628 -19.84 0.91 15.85
C ASP D 628 -20.71 0.72 17.10
N ARG D 629 -20.59 1.65 18.06
CA ARG D 629 -21.44 1.76 19.24
C ARG D 629 -22.91 1.50 18.90
N GLU D 630 -23.51 2.36 18.07
CA GLU D 630 -24.93 2.29 17.78
C GLU D 630 -25.32 0.94 17.17
N MET D 631 -24.45 0.38 16.34
CA MET D 631 -24.79 -0.87 15.66
C MET D 631 -24.86 -2.02 16.65
N ILE D 632 -24.00 -2.02 17.67
CA ILE D 632 -24.01 -3.10 18.65
C ILE D 632 -25.25 -3.00 19.53
N GLU D 633 -25.64 -1.79 19.93
CA GLU D 633 -26.79 -1.62 20.80
C GLU D 633 -28.07 -2.07 20.10
N GLU D 634 -28.26 -1.63 18.85
CA GLU D 634 -29.48 -1.97 18.13
C GLU D 634 -29.61 -3.48 17.91
N ARG D 635 -28.49 -4.19 17.87
CA ARG D 635 -28.53 -5.63 17.67
C ARG D 635 -28.65 -6.41 18.97
N LEU D 636 -28.26 -5.81 20.10
CA LEU D 636 -28.32 -6.50 21.38
C LEU D 636 -29.61 -6.25 22.14
N LYS D 637 -30.37 -5.20 21.78
CA LYS D 637 -31.64 -4.96 22.46
C LYS D 637 -32.66 -6.07 22.21
N THR D 638 -32.37 -7.00 21.31
CA THR D 638 -33.15 -8.22 21.23
C THR D 638 -33.14 -8.98 22.56
N TYR D 639 -32.09 -8.82 23.37
CA TYR D 639 -31.98 -9.47 24.67
C TYR D 639 -32.22 -8.51 25.84
N ALA D 640 -33.00 -7.44 25.61
CA ALA D 640 -33.28 -6.46 26.66
C ALA D 640 -34.32 -6.95 27.67
N HIS D 641 -35.23 -7.83 27.24
CA HIS D 641 -36.20 -8.47 28.12
C HIS D 641 -35.63 -9.69 28.82
N LEU D 642 -34.34 -9.96 28.67
CA LEU D 642 -33.71 -11.14 29.25
C LEU D 642 -32.64 -10.79 30.25
N PHE D 643 -31.98 -9.65 30.09
CA PHE D 643 -30.89 -9.27 30.98
C PHE D 643 -31.21 -7.95 31.66
N ASP D 644 -30.67 -7.80 32.87
CA ASP D 644 -30.72 -6.55 33.61
C ASP D 644 -30.24 -5.39 32.74
N ASP D 645 -30.75 -4.19 33.02
CA ASP D 645 -30.28 -3.00 32.32
C ASP D 645 -28.80 -2.75 32.59
N LYS D 646 -28.37 -2.91 33.84
CA LYS D 646 -26.95 -2.79 34.13
C LYS D 646 -26.14 -3.84 33.40
N VAL D 647 -26.73 -5.02 33.18
CA VAL D 647 -26.06 -6.07 32.43
C VAL D 647 -25.90 -5.67 30.97
N MET D 648 -27.00 -5.24 30.34
CA MET D 648 -26.94 -4.82 28.95
C MET D 648 -25.89 -3.74 28.73
N LYS D 649 -25.78 -2.80 29.67
CA LYS D 649 -24.85 -1.68 29.47
C LYS D 649 -23.41 -2.16 29.41
N GLN D 650 -23.05 -3.12 30.25
CA GLN D 650 -21.68 -3.65 30.21
C GLN D 650 -21.50 -4.66 29.07
N LEU D 651 -22.60 -5.19 28.56
CA LEU D 651 -22.51 -6.06 27.41
C LEU D 651 -22.12 -5.29 26.14
N LYS D 652 -22.75 -4.13 25.93
CA LYS D 652 -22.51 -3.34 24.73
C LYS D 652 -21.06 -2.83 24.64
N ARG D 653 -20.29 -2.90 25.72
CA ARG D 653 -18.92 -2.42 25.71
C ARG D 653 -17.90 -3.49 25.35
N ARG D 654 -18.18 -4.75 25.69
CA ARG D 654 -17.28 -5.83 25.33
C ARG D 654 -17.12 -5.88 23.81
N ARG D 655 -15.92 -6.25 23.37
CA ARG D 655 -15.63 -6.30 21.93
C ARG D 655 -14.71 -7.46 21.65
N TYR D 656 -15.06 -8.26 20.65
CA TYR D 656 -14.18 -9.33 20.20
C TYR D 656 -13.70 -9.03 18.79
N THR D 657 -12.44 -9.34 18.53
CA THR D 657 -11.85 -9.22 17.20
C THR D 657 -11.34 -10.59 16.79
N GLY D 658 -11.54 -10.94 15.52
CA GLY D 658 -10.95 -12.16 15.02
C GLY D 658 -11.95 -13.11 14.40
N TRP D 659 -11.48 -13.94 13.48
CA TRP D 659 -12.33 -14.94 12.84
C TRP D 659 -11.55 -16.23 12.76
N GLY D 660 -12.16 -17.31 13.23
CA GLY D 660 -11.53 -18.61 13.21
C GLY D 660 -11.48 -19.19 11.81
N ARG D 661 -11.09 -20.45 11.75
CA ARG D 661 -10.97 -21.15 10.48
C ARG D 661 -11.93 -22.33 10.35
N LEU D 662 -12.78 -22.58 11.34
CA LEU D 662 -13.70 -23.70 11.28
C LEU D 662 -15.12 -23.21 11.47
N SER D 663 -16.05 -23.92 10.84
CA SER D 663 -17.46 -23.60 10.89
C SER D 663 -18.15 -24.37 12.01
N ARG D 664 -19.40 -24.02 12.24
CA ARG D 664 -20.22 -24.75 13.22
C ARG D 664 -20.59 -26.13 12.71
N LYS D 665 -21.05 -26.22 11.46
CA LYS D 665 -21.43 -27.51 10.90
C LYS D 665 -20.26 -28.48 10.88
N LEU D 666 -19.07 -27.99 10.99
CA LEU D 666 -17.99 -28.87 10.98
C LEU D 666 -17.75 -29.45 12.34
N ILE D 667 -17.57 -28.59 13.32
CA ILE D 667 -17.31 -28.97 14.68
C ILE D 667 -18.42 -29.76 15.33
N ASN D 668 -19.64 -29.32 15.24
CA ASN D 668 -20.74 -30.01 15.85
C ASN D 668 -21.88 -30.29 14.94
N GLY D 669 -21.59 -30.48 13.68
CA GLY D 669 -22.61 -30.74 12.71
C GLY D 669 -22.61 -31.99 11.88
N ILE D 670 -21.59 -32.20 11.08
CA ILE D 670 -21.56 -33.40 10.30
C ILE D 670 -21.40 -34.59 11.19
N ARG D 671 -21.97 -35.69 10.77
CA ARG D 671 -21.89 -36.89 11.51
C ARG D 671 -21.07 -37.90 10.77
N ASP D 672 -20.99 -39.02 11.41
CA ASP D 672 -20.36 -40.23 11.06
C ASP D 672 -21.66 -40.91 10.91
N LYS D 673 -21.84 -41.60 9.83
CA LYS D 673 -23.05 -42.30 9.49
C LYS D 673 -23.16 -43.39 10.44
N GLN D 674 -22.15 -44.22 10.38
CA GLN D 674 -21.95 -45.39 11.17
C GLN D 674 -22.39 -45.19 12.60
N SER D 675 -21.69 -44.29 13.29
CA SER D 675 -21.96 -43.91 14.68
C SER D 675 -22.83 -42.74 14.77
N GLY D 676 -22.89 -41.91 13.73
CA GLY D 676 -23.83 -40.84 13.95
C GLY D 676 -23.48 -39.82 15.00
N LYS D 677 -22.20 -39.63 15.30
CA LYS D 677 -21.78 -38.59 16.24
C LYS D 677 -20.88 -37.57 15.54
N THR D 678 -20.85 -36.36 16.09
CA THR D 678 -20.12 -35.25 15.51
C THR D 678 -18.66 -35.25 15.96
N ILE D 679 -17.88 -34.35 15.36
CA ILE D 679 -16.46 -34.25 15.72
C ILE D 679 -16.30 -33.83 17.17
N LEU D 680 -17.15 -32.91 17.63
CA LEU D 680 -17.10 -32.51 19.04
C LEU D 680 -17.63 -33.63 19.94
N ASP D 681 -18.68 -34.33 19.49
CA ASP D 681 -19.10 -35.55 20.18
C ASP D 681 -17.93 -36.50 20.34
N PHE D 682 -17.24 -36.79 19.24
CA PHE D 682 -16.05 -37.66 19.28
C PHE D 682 -15.01 -37.14 20.27
N LEU D 683 -14.78 -35.83 20.28
CA LEU D 683 -13.81 -35.26 21.21
C LEU D 683 -14.25 -35.42 22.64
N LYS D 684 -15.56 -35.49 22.89
CA LYS D 684 -16.04 -35.66 24.25
C LYS D 684 -15.86 -37.10 24.73
N SER D 685 -15.92 -38.08 23.82
CA SER D 685 -15.72 -39.48 24.18
C SER D 685 -15.47 -40.27 22.91
N ASP D 686 -14.34 -40.98 22.84
CA ASP D 686 -14.03 -41.86 21.71
C ASP D 686 -13.48 -43.19 22.21
N GLY D 687 -14.31 -43.91 22.98
CA GLY D 687 -13.90 -45.21 23.49
C GLY D 687 -12.59 -45.13 24.23
N PHE D 688 -11.65 -46.00 23.88
CA PHE D 688 -10.28 -45.90 24.37
C PHE D 688 -9.32 -45.32 23.34
N ALA D 689 -9.75 -45.19 22.07
CA ALA D 689 -8.88 -44.65 21.04
C ALA D 689 -8.58 -43.17 21.28
N ASN D 690 -9.62 -42.39 21.62
CA ASN D 690 -9.48 -40.97 21.95
C ASN D 690 -8.88 -40.18 20.80
N ARG D 691 -9.40 -40.39 19.60
CA ARG D 691 -8.97 -39.62 18.44
C ARG D 691 -9.19 -38.12 18.68
N ASN D 692 -8.46 -37.30 17.94
CA ASN D 692 -8.67 -35.86 18.01
C ASN D 692 -8.96 -35.34 16.61
N PHE D 693 -8.96 -34.01 16.47
CA PHE D 693 -9.43 -33.38 15.24
C PHE D 693 -8.65 -33.86 14.02
N ILE D 694 -7.31 -33.74 14.07
CA ILE D 694 -6.50 -34.08 12.90
C ILE D 694 -6.65 -35.54 12.54
N GLN D 695 -6.76 -36.41 13.55
CA GLN D 695 -6.89 -37.84 13.27
C GLN D 695 -8.28 -38.19 12.75
N LEU D 696 -9.29 -37.40 13.10
CA LEU D 696 -10.66 -37.72 12.70
C LEU D 696 -10.92 -37.34 11.24
N ILE D 697 -10.46 -36.17 10.80
CA ILE D 697 -10.68 -35.74 9.42
C ILE D 697 -9.88 -36.58 8.42
N HIS D 698 -8.89 -37.32 8.89
CA HIS D 698 -8.05 -38.17 8.04
C HIS D 698 -8.33 -39.65 8.22
N ASP D 699 -9.28 -40.01 9.09
CA ASP D 699 -9.52 -41.40 9.48
C ASP D 699 -10.36 -42.10 8.43
N ASP D 700 -9.75 -43.04 7.70
CA ASP D 700 -10.50 -43.79 6.71
C ASP D 700 -11.62 -44.61 7.36
N SER D 701 -11.47 -44.93 8.64
CA SER D 701 -12.52 -45.65 9.36
C SER D 701 -13.80 -44.85 9.49
N LEU D 702 -13.75 -43.54 9.20
CA LEU D 702 -14.78 -42.61 9.61
C LEU D 702 -15.08 -41.63 8.48
N THR D 703 -16.36 -41.46 8.15
CA THR D 703 -16.79 -40.87 6.88
C THR D 703 -16.49 -39.39 6.69
N PHE D 704 -15.74 -38.79 7.61
CA PHE D 704 -15.45 -37.37 7.48
C PHE D 704 -14.62 -37.07 6.24
N LYS D 705 -13.59 -37.89 5.99
CA LYS D 705 -12.68 -37.61 4.89
C LYS D 705 -13.39 -37.63 3.55
N GLU D 706 -14.29 -38.58 3.36
CA GLU D 706 -15.02 -38.66 2.08
C GLU D 706 -15.82 -37.39 1.83
N ASP D 707 -16.57 -36.94 2.85
CA ASP D 707 -17.48 -35.81 2.65
C ASP D 707 -16.74 -34.48 2.47
N ILE D 708 -15.51 -34.38 2.95
CA ILE D 708 -14.79 -33.12 2.88
C ILE D 708 -14.19 -32.91 1.50
N GLN D 709 -13.44 -33.90 0.99
CA GLN D 709 -13.04 -33.80 -0.41
C GLN D 709 -14.21 -33.97 -1.35
N LYS D 710 -15.41 -34.28 -0.82
CA LYS D 710 -16.65 -34.14 -1.58
C LYS D 710 -17.04 -32.67 -1.61
N ALA D 711 -16.04 -31.79 -1.59
CA ALA D 711 -16.20 -30.35 -1.76
C ALA D 711 -14.83 -29.77 -2.09
N GLN D 712 -14.68 -29.14 -3.25
CA GLN D 712 -15.78 -28.93 -4.19
C GLN D 712 -15.75 -29.97 -5.33
N SER D 719 -11.62 -21.23 -13.79
CA SER D 719 -10.92 -20.62 -14.91
C SER D 719 -9.42 -20.52 -14.60
N LEU D 720 -8.64 -19.94 -15.53
CA LEU D 720 -7.20 -19.79 -15.33
C LEU D 720 -6.84 -18.40 -14.84
N HIS D 721 -7.10 -17.38 -15.65
CA HIS D 721 -6.86 -16.00 -15.21
C HIS D 721 -7.59 -15.71 -13.91
N GLU D 722 -8.83 -16.23 -13.78
CA GLU D 722 -9.55 -16.13 -12.52
C GLU D 722 -8.77 -16.77 -11.38
N HIS D 723 -8.20 -17.94 -11.63
CA HIS D 723 -7.43 -18.63 -10.59
C HIS D 723 -6.19 -17.84 -10.21
N ILE D 724 -5.63 -17.07 -11.16
CA ILE D 724 -4.42 -16.32 -10.87
C ILE D 724 -4.76 -15.02 -10.16
N ALA D 725 -5.88 -14.39 -10.51
CA ALA D 725 -6.25 -13.12 -9.87
C ALA D 725 -6.52 -13.31 -8.39
N ASN D 726 -6.93 -14.51 -7.97
CA ASN D 726 -7.28 -14.76 -6.58
C ASN D 726 -6.10 -15.21 -5.72
N LEU D 727 -4.90 -15.25 -6.27
CA LEU D 727 -3.73 -15.48 -5.45
C LEU D 727 -3.40 -14.22 -4.64
N ALA D 728 -2.66 -14.42 -3.55
CA ALA D 728 -2.11 -13.31 -2.79
C ALA D 728 -0.78 -12.91 -3.41
N GLY D 729 -0.59 -11.61 -3.60
CA GLY D 729 0.64 -11.12 -4.17
C GLY D 729 0.39 -9.89 -5.02
N SER D 730 1.48 -9.20 -5.33
CA SER D 730 1.36 -7.97 -6.10
C SER D 730 0.72 -8.26 -7.44
N PRO D 731 -0.15 -7.38 -7.94
CA PRO D 731 -0.68 -7.59 -9.30
C PRO D 731 0.42 -7.64 -10.35
N ALA D 732 1.53 -6.95 -10.13
CA ALA D 732 2.67 -7.05 -11.06
C ALA D 732 3.12 -8.50 -11.21
N ILE D 733 3.28 -9.22 -10.10
CA ILE D 733 3.76 -10.59 -10.22
C ILE D 733 2.67 -11.48 -10.77
N LYS D 734 1.40 -11.18 -10.48
CA LYS D 734 0.32 -11.98 -11.02
C LYS D 734 0.26 -11.86 -12.54
N LYS D 735 0.63 -10.69 -13.07
CA LYS D 735 0.76 -10.53 -14.52
C LYS D 735 1.84 -11.46 -15.05
N GLY D 736 3.05 -11.40 -14.47
CA GLY D 736 4.13 -12.25 -14.95
C GLY D 736 3.81 -13.73 -14.83
N ILE D 737 3.12 -14.10 -13.76
CA ILE D 737 2.78 -15.51 -13.57
C ILE D 737 1.89 -15.99 -14.71
N LEU D 738 0.87 -15.20 -15.05
CA LEU D 738 -0.08 -15.65 -16.08
C LEU D 738 0.61 -15.80 -17.42
N GLN D 739 1.51 -14.86 -17.78
CA GLN D 739 2.25 -15.01 -19.02
C GLN D 739 3.17 -16.23 -18.97
N THR D 740 3.77 -16.47 -17.80
CA THR D 740 4.59 -17.67 -17.61
C THR D 740 3.84 -18.93 -18.02
N VAL D 741 2.56 -19.03 -17.64
CA VAL D 741 1.81 -20.24 -17.95
C VAL D 741 1.52 -20.32 -19.44
N LYS D 742 1.16 -19.19 -20.06
CA LYS D 742 0.87 -19.21 -21.49
C LYS D 742 2.11 -19.51 -22.31
N VAL D 743 3.27 -19.05 -21.84
CA VAL D 743 4.53 -19.38 -22.51
C VAL D 743 4.76 -20.89 -22.49
N VAL D 744 4.59 -21.52 -21.33
CA VAL D 744 4.72 -22.97 -21.25
C VAL D 744 3.73 -23.64 -22.18
N ASP D 745 2.48 -23.20 -22.14
CA ASP D 745 1.45 -23.80 -22.97
C ASP D 745 1.81 -23.76 -24.44
N GLU D 746 2.65 -22.82 -24.85
CA GLU D 746 3.03 -22.72 -26.25
C GLU D 746 4.29 -23.52 -26.55
N LEU D 747 5.28 -23.46 -25.67
CA LEU D 747 6.50 -24.25 -25.88
C LEU D 747 6.16 -25.72 -26.07
N VAL D 748 5.14 -26.22 -25.36
CA VAL D 748 4.74 -27.62 -25.51
C VAL D 748 4.19 -27.85 -26.91
N LYS D 749 3.38 -26.92 -27.42
CA LYS D 749 2.90 -27.06 -28.80
C LYS D 749 4.07 -27.06 -29.78
N VAL D 750 5.08 -26.23 -29.54
CA VAL D 750 6.26 -26.20 -30.38
C VAL D 750 6.96 -27.55 -30.36
N MET D 751 6.98 -28.21 -29.20
CA MET D 751 7.61 -29.50 -29.05
C MET D 751 6.67 -30.66 -29.37
N GLY D 752 5.66 -30.43 -30.22
CA GLY D 752 4.79 -31.51 -30.69
C GLY D 752 3.90 -32.10 -29.62
N ARG D 753 3.39 -31.27 -28.72
CA ARG D 753 2.56 -31.71 -27.59
C ARG D 753 3.24 -32.78 -26.76
N HIS D 754 4.57 -32.80 -26.78
CA HIS D 754 5.37 -33.65 -25.90
C HIS D 754 5.69 -32.85 -24.65
N LYS D 755 5.07 -33.22 -23.54
CA LYS D 755 5.30 -32.51 -22.30
C LYS D 755 6.75 -32.65 -21.87
N PRO D 756 7.32 -31.65 -21.20
CA PRO D 756 8.74 -31.72 -20.83
C PRO D 756 8.99 -32.71 -19.71
N GLU D 757 10.27 -32.89 -19.40
CA GLU D 757 10.67 -33.70 -18.25
C GLU D 757 10.68 -32.89 -16.97
N ASN D 758 11.24 -31.68 -17.04
CA ASN D 758 11.32 -30.79 -15.90
C ASN D 758 10.97 -29.38 -16.34
N ILE D 759 10.39 -28.62 -15.42
CA ILE D 759 10.24 -27.19 -15.59
C ILE D 759 10.92 -26.51 -14.41
N VAL D 760 11.93 -25.70 -14.67
CA VAL D 760 12.65 -24.99 -13.62
C VAL D 760 12.16 -23.55 -13.61
N ILE D 761 11.74 -23.09 -12.44
CA ILE D 761 11.21 -21.74 -12.31
C ILE D 761 12.01 -20.96 -11.29
N GLU D 762 12.17 -19.67 -11.55
CA GLU D 762 12.80 -18.74 -10.63
C GLU D 762 12.02 -17.45 -10.65
N MET D 763 11.82 -16.85 -9.48
CA MET D 763 11.01 -15.66 -9.32
C MET D 763 11.84 -14.56 -8.66
N ALA D 764 11.87 -13.39 -9.28
CA ALA D 764 12.66 -12.30 -8.74
C ALA D 764 12.07 -11.77 -7.44
N ARG D 765 12.94 -11.32 -6.55
CA ARG D 765 12.53 -10.75 -5.28
C ARG D 765 12.07 -9.30 -5.46
N SER D 777 11.18 9.11 2.19
CA SER D 777 11.22 10.56 2.41
C SER D 777 10.05 11.06 3.24
N ARG D 778 8.86 11.12 2.63
CA ARG D 778 7.67 11.53 3.37
C ARG D 778 7.33 10.52 4.45
N GLU D 779 7.47 9.22 4.16
CA GLU D 779 7.19 8.21 5.16
C GLU D 779 8.27 8.16 6.23
N ARG D 780 9.52 8.44 5.85
CA ARG D 780 10.61 8.36 6.80
C ARG D 780 10.51 9.44 7.88
N MET D 781 9.97 10.62 7.52
CA MET D 781 9.96 11.74 8.44
C MET D 781 9.00 11.50 9.61
N LYS D 782 7.75 11.17 9.30
CA LYS D 782 6.75 10.99 10.36
C LYS D 782 7.12 9.82 11.27
N ARG D 783 7.83 8.81 10.74
CA ARG D 783 8.40 7.79 11.60
C ARG D 783 9.36 8.41 12.61
N ILE D 784 10.33 9.18 12.12
CA ILE D 784 11.17 9.98 13.01
C ILE D 784 10.30 10.89 13.87
N GLU D 785 9.47 11.72 13.23
CA GLU D 785 8.72 12.76 13.93
C GLU D 785 7.88 12.19 15.07
N GLU D 786 7.24 11.03 14.84
CA GLU D 786 6.54 10.35 15.92
C GLU D 786 7.50 9.85 16.98
N GLY D 787 8.64 9.28 16.56
CA GLY D 787 9.56 8.67 17.51
C GLY D 787 10.16 9.66 18.49
N ILE D 788 10.49 10.87 18.01
CA ILE D 788 11.18 11.83 18.87
C ILE D 788 10.28 12.35 19.98
N LYS D 789 8.95 12.41 19.77
CA LYS D 789 8.13 12.97 20.83
C LYS D 789 7.94 11.96 21.97
N GLU D 790 7.90 10.64 21.65
CA GLU D 790 7.84 9.65 22.75
C GLU D 790 9.06 9.70 23.67
N LEU D 791 10.22 10.12 23.16
CA LEU D 791 11.40 10.29 24.01
C LEU D 791 11.63 11.75 24.37
N GLY D 792 10.90 12.67 23.74
CA GLY D 792 11.04 14.10 24.02
C GLY D 792 12.43 14.64 23.73
N SER D 793 13.10 14.12 22.70
CA SER D 793 14.45 14.58 22.41
C SER D 793 14.36 15.93 21.73
N GLN D 794 15.24 16.84 22.13
CA GLN D 794 15.33 18.12 21.45
C GLN D 794 16.17 17.96 20.18
N ILE D 795 16.39 16.71 19.74
CA ILE D 795 17.49 16.40 18.82
C ILE D 795 17.31 17.12 17.49
N LEU D 796 16.07 17.31 17.04
CA LEU D 796 15.81 18.06 15.80
C LEU D 796 16.03 19.55 15.99
N LYS D 797 15.54 20.07 17.12
CA LYS D 797 15.89 21.42 17.52
C LYS D 797 17.40 21.62 17.53
N GLU D 798 18.13 20.67 18.11
CA GLU D 798 19.58 20.72 18.04
C GLU D 798 20.08 20.51 16.60
N HIS D 799 19.47 19.58 15.86
CA HIS D 799 19.97 19.20 14.53
C HIS D 799 18.82 19.19 13.51
N PRO D 800 18.55 20.34 12.86
CA PRO D 800 17.50 20.37 11.82
C PRO D 800 17.72 19.44 10.63
N VAL D 801 16.68 19.31 9.81
CA VAL D 801 16.57 18.18 8.89
C VAL D 801 15.89 18.60 7.58
N GLU D 802 15.74 17.65 6.65
CA GLU D 802 14.96 17.82 5.43
C GLU D 802 14.57 16.44 4.92
N ASN D 803 13.37 16.33 4.33
CA ASN D 803 12.82 15.02 4.00
C ASN D 803 13.64 14.29 2.95
N THR D 804 14.27 15.02 2.02
CA THR D 804 14.96 14.40 0.90
C THR D 804 16.38 13.93 1.25
N GLN D 805 17.00 14.50 2.29
CA GLN D 805 18.32 14.08 2.72
C GLN D 805 18.29 12.78 3.52
N LEU D 806 17.10 12.24 3.78
CA LEU D 806 16.93 11.05 4.60
C LEU D 806 17.00 9.75 3.80
N GLN D 807 17.36 9.81 2.52
CA GLN D 807 17.66 8.59 1.80
C GLN D 807 19.16 8.30 1.78
N ASN D 808 19.93 9.01 2.60
CA ASN D 808 21.26 8.59 2.98
C ASN D 808 21.11 7.71 4.22
N GLU D 809 21.37 6.40 4.04
CA GLU D 809 21.14 5.41 5.08
C GLU D 809 21.74 5.82 6.42
N LYS D 810 23.01 6.23 6.41
CA LYS D 810 23.68 6.64 7.65
C LYS D 810 22.93 7.76 8.34
N LEU D 811 22.59 8.82 7.59
CA LEU D 811 21.86 9.93 8.18
C LEU D 811 20.52 9.46 8.73
N TYR D 812 19.77 8.70 7.92
CA TYR D 812 18.50 8.16 8.37
C TYR D 812 18.65 7.33 9.62
N LEU D 813 19.78 6.64 9.78
CA LEU D 813 19.98 5.91 11.02
C LEU D 813 20.20 6.87 12.18
N TYR D 814 21.10 7.85 12.03
CA TYR D 814 21.41 8.79 13.12
C TYR D 814 20.14 9.29 13.81
N TYR D 815 19.05 9.46 13.07
CA TYR D 815 17.81 9.93 13.69
C TYR D 815 16.99 8.80 14.29
N LEU D 816 16.89 7.66 13.61
CA LEU D 816 16.24 6.49 14.20
C LEU D 816 16.91 6.09 15.51
N GLN D 817 18.24 6.21 15.58
CA GLN D 817 18.97 5.94 16.82
C GLN D 817 18.92 7.11 17.78
N ASN D 818 18.24 8.20 17.43
CA ASN D 818 18.20 9.40 18.27
C ASN D 818 19.61 9.97 18.45
N GLY D 819 20.45 9.83 17.43
CA GLY D 819 21.80 10.35 17.52
C GLY D 819 22.63 9.70 18.59
N ARG D 820 22.45 8.39 18.81
CA ARG D 820 23.20 7.66 19.82
C ARG D 820 23.57 6.28 19.27
N ASP D 821 24.66 5.74 19.80
CA ASP D 821 25.16 4.45 19.35
C ASP D 821 24.18 3.33 19.72
N MET D 822 24.13 2.29 18.89
CA MET D 822 23.32 1.10 19.17
C MET D 822 24.01 0.11 20.08
N TYR D 823 25.32 0.19 20.24
CA TYR D 823 26.05 -0.86 20.91
C TYR D 823 26.81 -0.39 22.14
N VAL D 824 27.13 0.90 22.22
CA VAL D 824 27.75 1.47 23.41
C VAL D 824 26.89 2.64 23.87
N ASP D 825 26.81 2.82 25.19
CA ASP D 825 26.02 3.90 25.78
C ASP D 825 26.82 5.21 25.73
N GLN D 826 27.17 5.59 24.50
CA GLN D 826 27.70 6.91 24.16
C GLN D 826 26.83 7.46 23.05
N GLU D 827 27.03 8.73 22.72
CA GLU D 827 26.27 9.33 21.64
C GLU D 827 27.16 9.51 20.42
N LEU D 828 26.53 9.81 19.29
CA LEU D 828 27.20 9.96 18.01
C LEU D 828 27.20 11.41 17.58
N ASP D 829 28.35 11.88 17.09
CA ASP D 829 28.45 13.19 16.46
C ASP D 829 27.93 13.08 15.03
N ILE D 830 27.05 14.01 14.66
CA ILE D 830 26.44 13.97 13.34
C ILE D 830 27.48 14.18 12.24
N ASN D 831 28.55 14.93 12.52
CA ASN D 831 29.46 15.36 11.47
C ASN D 831 30.43 14.28 11.02
N ARG D 832 30.51 13.17 11.74
CA ARG D 832 31.48 12.12 11.44
C ARG D 832 30.76 10.83 11.07
N LEU D 833 29.71 10.94 10.24
CA LEU D 833 28.99 9.74 9.85
C LEU D 833 29.82 8.84 8.93
N SER D 834 30.69 9.44 8.11
CA SER D 834 31.51 8.64 7.20
C SER D 834 32.52 7.75 7.93
N ASP D 835 32.85 8.05 9.18
CA ASP D 835 33.73 7.20 9.95
C ASP D 835 32.99 6.13 10.74
N TYR D 836 31.70 6.31 10.99
CA TYR D 836 30.90 5.33 11.70
C TYR D 836 30.48 4.21 10.76
N ASP D 837 30.32 3.01 11.33
CA ASP D 837 29.99 1.82 10.55
C ASP D 837 28.49 1.56 10.56
N VAL D 838 28.04 0.82 9.55
CA VAL D 838 26.67 0.31 9.46
C VAL D 838 26.74 -1.21 9.52
N ASP D 839 26.30 -1.78 10.64
CA ASP D 839 26.52 -3.19 10.92
C ASP D 839 25.26 -4.01 10.74
N ALA D 840 25.44 -5.19 10.12
CA ALA D 840 24.35 -6.15 9.99
C ALA D 840 24.07 -6.78 11.35
N ILE D 841 22.84 -6.65 11.82
CA ILE D 841 22.45 -7.24 13.12
C ILE D 841 22.66 -8.74 13.09
N VAL D 842 21.97 -9.42 12.18
CA VAL D 842 22.34 -10.78 11.79
C VAL D 842 23.36 -10.63 10.67
N PRO D 843 24.52 -11.27 10.74
CA PRO D 843 25.53 -11.06 9.70
C PRO D 843 25.05 -11.52 8.34
N GLN D 844 25.46 -10.78 7.30
CA GLN D 844 25.11 -11.10 5.92
C GLN D 844 25.58 -12.49 5.51
N SER D 845 26.57 -13.06 6.22
CA SER D 845 27.03 -14.41 5.96
C SER D 845 25.98 -15.46 6.26
N PHE D 846 24.86 -15.10 6.89
CA PHE D 846 23.78 -16.03 7.16
C PHE D 846 22.55 -15.75 6.32
N LEU D 847 22.04 -14.53 6.36
CA LEU D 847 20.97 -14.10 5.45
C LEU D 847 21.26 -12.69 4.97
N LYS D 848 21.14 -12.46 3.68
CA LYS D 848 21.25 -11.11 3.15
C LYS D 848 19.98 -10.34 3.48
N ASP D 849 20.14 -9.14 4.01
CA ASP D 849 19.03 -8.30 4.42
C ASP D 849 19.54 -6.88 4.63
N ASP D 850 19.92 -6.22 3.53
CA ASP D 850 20.46 -4.85 3.59
C ASP D 850 19.37 -3.80 3.80
N SER D 851 18.38 -4.12 4.63
CA SER D 851 17.30 -3.22 5.00
C SER D 851 17.50 -2.69 6.41
N ILE D 852 16.69 -1.70 6.77
CA ILE D 852 16.86 -1.06 8.06
C ILE D 852 16.42 -1.95 9.22
N ASP D 853 15.51 -2.89 8.99
CA ASP D 853 15.12 -3.85 10.01
C ASP D 853 16.24 -4.81 10.39
N ASN D 854 17.42 -4.68 9.78
CA ASN D 854 18.55 -5.55 10.10
C ASN D 854 19.87 -4.79 10.13
N LYS D 855 19.85 -3.47 10.29
CA LYS D 855 21.09 -2.73 10.29
C LYS D 855 21.04 -1.64 11.35
N VAL D 856 22.23 -1.28 11.82
CA VAL D 856 22.41 -0.28 12.87
C VAL D 856 23.56 0.62 12.45
N LEU D 857 23.65 1.78 13.08
CA LEU D 857 24.73 2.72 12.83
C LEU D 857 25.53 2.86 14.12
N THR D 858 26.77 2.35 14.11
CA THR D 858 27.59 2.32 15.30
C THR D 858 28.97 2.94 15.00
N ARG D 859 29.60 3.47 16.06
CA ARG D 859 30.91 4.09 15.90
C ARG D 859 31.94 3.10 15.35
N SER D 860 31.93 1.87 15.85
CA SER D 860 32.81 0.82 15.36
C SER D 860 32.04 -0.49 15.29
N ASP D 861 32.06 -1.13 14.12
CA ASP D 861 31.41 -2.43 13.97
C ASP D 861 32.04 -3.48 14.86
N LYS D 862 33.21 -3.21 15.44
CA LYS D 862 33.87 -4.16 16.34
C LYS D 862 33.19 -4.25 17.70
N ASN D 863 32.38 -3.26 18.06
CA ASN D 863 31.74 -3.22 19.38
C ASN D 863 30.43 -4.02 19.45
N ARG D 864 30.12 -4.82 18.43
CA ARG D 864 29.01 -5.75 18.51
C ARG D 864 29.38 -7.03 19.23
N GLY D 865 30.66 -7.38 19.26
CA GLY D 865 31.12 -8.68 19.65
C GLY D 865 31.64 -9.47 18.46
N LYS D 866 31.67 -10.80 18.64
CA LYS D 866 32.17 -11.69 17.60
C LYS D 866 31.41 -11.47 16.30
N SER D 867 32.15 -11.38 15.20
CA SER D 867 31.55 -11.08 13.90
C SER D 867 30.69 -12.23 13.38
N ASP D 868 30.92 -13.45 13.86
CA ASP D 868 30.25 -14.64 13.35
C ASP D 868 28.90 -14.92 14.01
N ASN D 869 28.34 -13.97 14.75
CA ASN D 869 27.07 -14.14 15.48
C ASN D 869 26.31 -12.79 15.68
N VAL D 870 25.14 -12.83 16.30
CA VAL D 870 24.35 -11.68 16.67
C VAL D 870 24.96 -11.00 17.89
N PRO D 871 24.72 -9.72 18.13
CA PRO D 871 25.28 -8.96 19.25
C PRO D 871 25.51 -9.64 20.60
N SER D 872 26.67 -9.46 21.19
CA SER D 872 27.04 -10.16 22.40
C SER D 872 26.19 -10.08 23.59
N GLU D 873 26.16 -11.16 24.36
CA GLU D 873 25.33 -11.09 25.56
C GLU D 873 25.70 -9.87 26.39
N GLU D 874 27.00 -9.58 26.50
CA GLU D 874 27.45 -8.36 27.16
C GLU D 874 26.72 -7.15 26.61
N VAL D 875 26.70 -7.01 25.27
CA VAL D 875 26.13 -5.81 24.65
C VAL D 875 24.63 -5.72 24.89
N VAL D 876 23.94 -6.87 24.91
CA VAL D 876 22.50 -6.84 25.20
C VAL D 876 22.25 -6.41 26.65
N LYS D 877 22.98 -7.00 27.60
CA LYS D 877 22.80 -6.64 29.00
C LYS D 877 23.10 -5.17 29.27
N LYS D 878 23.85 -4.50 28.37
CA LYS D 878 24.12 -3.08 28.52
C LYS D 878 23.15 -2.20 27.74
N MET D 879 22.62 -2.67 26.62
CA MET D 879 21.85 -1.82 25.73
C MET D 879 20.36 -2.16 25.68
N LYS D 880 19.92 -3.23 26.34
CA LYS D 880 18.53 -3.67 26.20
C LYS D 880 17.55 -2.61 26.69
N ASN D 881 17.90 -1.90 27.75
CA ASN D 881 17.07 -0.81 28.25
C ASN D 881 16.84 0.25 27.18
N TYR D 882 17.92 0.68 26.52
CA TYR D 882 17.78 1.68 25.46
C TYR D 882 17.00 1.13 24.28
N TRP D 883 17.30 -0.12 23.88
CA TRP D 883 16.58 -0.72 22.76
C TRP D 883 15.09 -0.78 23.03
N ARG D 884 14.71 -1.15 24.26
CA ARG D 884 13.31 -1.17 24.65
C ARG D 884 12.68 0.20 24.46
N GLN D 885 13.35 1.25 24.94
CA GLN D 885 12.88 2.62 24.70
C GLN D 885 12.72 2.88 23.21
N LEU D 886 13.65 2.37 22.40
CA LEU D 886 13.57 2.60 20.97
C LEU D 886 12.39 1.87 20.35
N LEU D 887 11.99 0.74 20.94
CA LEU D 887 10.82 0.01 20.45
C LEU D 887 9.52 0.66 20.93
N ASN D 888 9.51 1.17 22.17
CA ASN D 888 8.31 1.81 22.71
C ASN D 888 7.85 2.97 21.84
N ALA D 889 8.80 3.62 21.16
CA ALA D 889 8.60 4.77 20.29
C ALA D 889 8.41 4.37 18.83
N LYS D 890 8.46 3.08 18.53
CA LYS D 890 8.29 2.56 17.17
C LYS D 890 9.35 3.09 16.22
N LEU D 891 10.59 3.23 16.70
CA LEU D 891 11.72 3.57 15.85
C LEU D 891 12.55 2.35 15.46
N ILE D 892 12.38 1.23 16.15
CA ILE D 892 12.76 -0.08 15.66
C ILE D 892 11.48 -0.92 15.61
N THR D 893 11.60 -2.09 15.00
CA THR D 893 10.49 -3.04 14.98
C THR D 893 10.73 -4.14 16.00
N GLN D 894 9.66 -4.91 16.25
CA GLN D 894 9.81 -6.07 17.13
C GLN D 894 10.75 -7.11 16.53
N ARG D 895 10.67 -7.30 15.21
CA ARG D 895 11.63 -8.11 14.49
C ARG D 895 13.06 -7.68 14.83
N LYS D 896 13.34 -6.39 14.67
CA LYS D 896 14.65 -5.84 15.00
C LYS D 896 14.99 -6.08 16.47
N PHE D 897 14.02 -5.86 17.37
CA PHE D 897 14.28 -5.99 18.79
C PHE D 897 14.64 -7.43 19.17
N ASP D 898 13.91 -8.40 18.62
CA ASP D 898 14.21 -9.79 18.94
C ASP D 898 15.60 -10.17 18.46
N ASN D 899 15.98 -9.68 17.26
CA ASN D 899 17.30 -10.00 16.73
C ASN D 899 18.39 -9.33 17.56
N LEU D 900 18.20 -8.07 17.94
CA LEU D 900 19.17 -7.38 18.79
C LEU D 900 19.46 -8.16 20.08
N THR D 901 18.46 -8.86 20.60
CA THR D 901 18.52 -9.43 21.95
C THR D 901 18.62 -10.96 21.96
N LYS D 902 18.73 -11.60 20.78
CA LYS D 902 18.72 -13.05 20.71
C LYS D 902 19.80 -13.68 21.58
N ALA D 903 20.92 -12.96 21.79
CA ALA D 903 22.03 -13.49 22.56
C ALA D 903 21.57 -14.04 23.90
N GLU D 904 20.78 -13.27 24.64
CA GLU D 904 20.32 -13.74 25.94
C GLU D 904 19.31 -14.87 25.82
N ARG D 905 18.86 -15.19 24.62
CA ARG D 905 18.01 -16.35 24.40
C ARG D 905 18.71 -17.41 23.56
N GLY D 906 20.02 -17.54 23.72
CA GLY D 906 20.80 -18.58 23.09
C GLY D 906 21.65 -18.11 21.91
N GLY D 907 21.36 -16.94 21.36
CA GLY D 907 22.08 -16.47 20.19
C GLY D 907 21.80 -17.32 18.97
N LEU D 908 22.62 -17.11 17.94
CA LEU D 908 22.53 -17.90 16.72
C LEU D 908 23.17 -19.26 16.99
N SER D 909 22.35 -20.29 17.14
CA SER D 909 22.88 -21.61 17.37
C SER D 909 23.52 -22.15 16.09
N GLU D 910 24.42 -23.13 16.27
CA GLU D 910 25.10 -23.70 15.11
C GLU D 910 24.11 -24.36 14.15
N LEU D 911 22.93 -24.74 14.62
CA LEU D 911 21.88 -25.22 13.73
C LEU D 911 21.00 -24.11 13.18
N ASP D 912 20.76 -23.05 13.97
CA ASP D 912 20.14 -21.85 13.42
C ASP D 912 20.94 -21.34 12.22
N LYS D 913 22.26 -21.17 12.42
CA LYS D 913 23.13 -20.75 11.33
C LYS D 913 23.08 -21.69 10.15
N ALA D 914 22.65 -22.93 10.34
CA ALA D 914 22.42 -23.83 9.22
C ALA D 914 21.12 -23.51 8.49
N GLY D 915 20.08 -23.11 9.22
CA GLY D 915 18.84 -22.74 8.58
C GLY D 915 18.96 -21.54 7.66
N PHE D 916 19.75 -20.55 8.07
CA PHE D 916 19.88 -19.34 7.26
C PHE D 916 20.56 -19.63 5.92
N ILE D 917 21.61 -20.46 5.93
CA ILE D 917 22.26 -20.80 4.66
C ILE D 917 21.48 -21.83 3.87
N LYS D 918 20.59 -22.60 4.52
CA LYS D 918 19.64 -23.42 3.75
C LYS D 918 18.62 -22.53 3.04
N ARG D 919 18.04 -21.58 3.78
CA ARG D 919 17.07 -20.66 3.22
C ARG D 919 17.62 -19.87 2.04
N GLN D 920 18.94 -19.76 1.93
CA GLN D 920 19.53 -19.07 0.78
C GLN D 920 19.35 -19.85 -0.52
N LEU D 921 19.00 -21.14 -0.45
CA LEU D 921 18.91 -21.97 -1.64
C LEU D 921 17.55 -22.62 -1.87
N VAL D 922 16.68 -22.70 -0.87
CA VAL D 922 15.35 -23.26 -1.02
C VAL D 922 14.34 -22.12 -1.01
N GLU D 923 13.51 -22.05 -2.04
CA GLU D 923 12.49 -21.00 -2.11
C GLU D 923 11.45 -21.25 -1.03
N THR D 924 11.45 -20.38 -0.01
CA THR D 924 10.41 -20.44 1.03
C THR D 924 9.07 -19.94 0.52
N ARG D 925 9.07 -19.04 -0.47
CA ARG D 925 7.94 -18.16 -0.69
C ARG D 925 6.70 -18.90 -1.18
N GLN D 926 5.57 -18.55 -0.55
CA GLN D 926 4.28 -19.16 -0.84
C GLN D 926 3.86 -18.92 -2.28
N ILE D 927 3.95 -17.66 -2.74
CA ILE D 927 3.51 -17.35 -4.10
C ILE D 927 4.21 -18.24 -5.10
N THR D 928 5.51 -18.46 -4.91
CA THR D 928 6.26 -19.29 -5.83
C THR D 928 5.77 -20.73 -5.79
N LYS D 929 5.40 -21.21 -4.60
CA LYS D 929 4.88 -22.57 -4.51
C LYS D 929 3.51 -22.68 -5.16
N HIS D 930 2.72 -21.60 -5.15
CA HIS D 930 1.47 -21.60 -5.91
C HIS D 930 1.74 -21.69 -7.41
N VAL D 931 2.81 -21.05 -7.90
CA VAL D 931 3.17 -21.16 -9.32
C VAL D 931 3.52 -22.60 -9.66
N ALA D 932 4.35 -23.23 -8.82
CA ALA D 932 4.69 -24.64 -9.05
C ALA D 932 3.44 -25.51 -9.10
N GLN D 933 2.44 -25.22 -8.26
CA GLN D 933 1.24 -26.04 -8.22
C GLN D 933 0.44 -25.92 -9.51
N ILE D 934 0.36 -24.72 -10.07
CA ILE D 934 -0.44 -24.52 -11.27
C ILE D 934 0.17 -25.27 -12.45
N LEU D 935 1.49 -25.15 -12.62
CA LEU D 935 2.17 -25.88 -13.68
C LEU D 935 2.07 -27.37 -13.46
N ASP D 936 2.45 -27.84 -12.26
CA ASP D 936 2.37 -29.26 -11.94
C ASP D 936 0.97 -29.82 -12.19
N SER D 937 -0.07 -29.04 -11.88
CA SER D 937 -1.43 -29.50 -12.13
C SER D 937 -1.84 -29.36 -13.59
N ARG D 938 -1.20 -28.46 -14.33
CA ARG D 938 -1.48 -28.37 -15.76
C ARG D 938 -0.81 -29.48 -16.53
N MET D 939 0.41 -29.84 -16.13
CA MET D 939 1.11 -30.93 -16.79
C MET D 939 0.54 -32.27 -16.33
N ASN D 940 0.92 -32.70 -15.13
CA ASN D 940 0.52 -34.00 -14.62
C ASN D 940 -0.99 -34.06 -14.41
N THR D 941 -1.70 -34.82 -15.26
CA THR D 941 -3.16 -34.90 -15.21
C THR D 941 -3.72 -36.31 -15.25
N LYS D 942 -2.92 -37.32 -15.57
CA LYS D 942 -3.41 -38.69 -15.55
C LYS D 942 -3.25 -39.29 -14.15
N TYR D 943 -4.16 -40.20 -13.80
CA TYR D 943 -4.15 -40.88 -12.52
C TYR D 943 -3.86 -42.36 -12.70
N ASP D 944 -3.51 -43.01 -11.60
CA ASP D 944 -3.09 -44.40 -11.70
C ASP D 944 -4.22 -45.32 -11.22
N GLU D 945 -3.87 -46.55 -10.85
CA GLU D 945 -4.87 -47.52 -10.41
C GLU D 945 -5.38 -47.22 -9.01
N ASN D 946 -4.47 -47.15 -8.02
CA ASN D 946 -4.80 -46.83 -6.64
C ASN D 946 -5.17 -45.35 -6.43
N ASP D 947 -5.57 -44.63 -7.48
CA ASP D 947 -6.04 -43.24 -7.41
C ASP D 947 -4.96 -42.28 -6.91
N LYS D 948 -3.72 -42.51 -7.35
CA LYS D 948 -2.60 -41.63 -7.06
C LYS D 948 -2.23 -40.83 -8.32
N LEU D 949 -1.33 -39.86 -8.13
CA LEU D 949 -0.98 -38.93 -9.20
C LEU D 949 0.21 -39.44 -9.99
N ILE D 950 0.05 -39.50 -11.31
CA ILE D 950 1.13 -39.85 -12.22
C ILE D 950 1.90 -38.57 -12.54
N ARG D 951 3.14 -38.49 -12.07
CA ARG D 951 3.96 -37.29 -12.23
C ARG D 951 4.86 -37.48 -13.44
N GLU D 952 4.36 -37.12 -14.62
CA GLU D 952 5.22 -37.10 -15.81
C GLU D 952 6.23 -35.97 -15.74
N VAL D 953 5.83 -34.80 -15.24
CA VAL D 953 6.66 -33.60 -15.25
C VAL D 953 6.96 -33.21 -13.81
N LYS D 954 8.24 -33.06 -13.51
CA LYS D 954 8.70 -32.54 -12.22
C LYS D 954 8.95 -31.05 -12.36
N VAL D 955 8.37 -30.26 -11.46
CA VAL D 955 8.53 -28.82 -11.46
C VAL D 955 9.52 -28.45 -10.37
N ILE D 956 10.67 -27.88 -10.78
CA ILE D 956 11.74 -27.50 -9.86
C ILE D 956 11.71 -25.99 -9.64
N THR D 957 12.00 -25.58 -8.41
CA THR D 957 12.05 -24.19 -8.03
C THR D 957 13.46 -23.86 -7.54
N LEU D 958 13.97 -22.67 -7.88
CA LEU D 958 15.25 -22.25 -7.36
C LEU D 958 15.20 -20.77 -7.04
N LYS D 959 16.09 -20.37 -6.13
CA LYS D 959 16.28 -18.95 -5.83
C LYS D 959 17.36 -18.39 -6.73
N SER D 960 17.26 -17.08 -6.98
CA SER D 960 18.21 -16.39 -7.85
C SER D 960 19.66 -16.60 -7.43
N LYS D 961 19.92 -17.00 -6.18
CA LYS D 961 21.29 -17.11 -5.72
C LYS D 961 22.08 -18.14 -6.52
N LEU D 962 21.42 -19.24 -6.89
CA LEU D 962 22.13 -20.32 -7.59
C LEU D 962 22.75 -19.83 -8.88
N VAL D 963 21.93 -19.25 -9.77
CA VAL D 963 22.42 -18.88 -11.09
C VAL D 963 23.33 -17.66 -11.02
N SER D 964 23.03 -16.70 -10.14
CA SER D 964 23.88 -15.50 -10.07
C SER D 964 25.21 -15.81 -9.41
N ASP D 965 25.25 -16.81 -8.53
CA ASP D 965 26.54 -17.31 -8.06
C ASP D 965 27.22 -18.12 -9.15
N PHE D 966 26.45 -18.93 -9.86
CA PHE D 966 26.98 -19.73 -10.97
C PHE D 966 27.69 -18.85 -11.99
N ARG D 967 27.06 -17.74 -12.38
CA ARG D 967 27.69 -16.79 -13.30
C ARG D 967 29.04 -16.32 -12.77
N LYS D 968 29.04 -15.74 -11.58
CA LYS D 968 30.27 -15.20 -11.03
C LYS D 968 31.34 -16.27 -10.88
N ASP D 969 30.93 -17.48 -10.51
CA ASP D 969 31.88 -18.57 -10.29
C ASP D 969 32.50 -19.07 -11.58
N PHE D 970 31.84 -18.85 -12.72
CA PHE D 970 32.29 -19.49 -13.95
C PHE D 970 32.30 -18.53 -15.13
N GLN D 971 32.60 -17.27 -14.87
CA GLN D 971 32.87 -16.29 -15.94
C GLN D 971 31.73 -16.25 -16.97
N PHE D 972 30.50 -16.15 -16.47
CA PHE D 972 29.31 -16.00 -17.29
C PHE D 972 28.57 -14.72 -16.91
N TYR D 973 29.32 -13.65 -16.71
CA TYR D 973 28.82 -12.47 -16.02
C TYR D 973 27.71 -11.79 -16.82
N LYS D 974 26.73 -11.25 -16.09
CA LYS D 974 25.60 -10.55 -16.67
C LYS D 974 25.77 -9.05 -16.50
N VAL D 975 25.63 -8.32 -17.60
CA VAL D 975 25.56 -6.86 -17.58
C VAL D 975 24.18 -6.48 -18.12
N ARG D 976 23.30 -6.00 -17.24
CA ARG D 976 21.91 -5.76 -17.61
C ARG D 976 21.79 -4.75 -18.75
N GLU D 977 22.54 -3.66 -18.68
CA GLU D 977 22.34 -2.53 -19.57
C GLU D 977 22.64 -2.84 -21.04
N ILE D 978 23.22 -4.00 -21.34
CA ILE D 978 23.68 -4.25 -22.70
C ILE D 978 22.50 -4.56 -23.62
N ASN D 979 21.62 -5.47 -23.20
CA ASN D 979 20.41 -5.76 -23.97
C ASN D 979 19.43 -6.47 -23.03
N ASN D 980 18.43 -7.13 -23.61
CA ASN D 980 17.44 -7.87 -22.84
C ASN D 980 17.66 -9.37 -22.89
N TYR D 981 18.72 -9.84 -23.56
CA TYR D 981 18.96 -11.28 -23.66
C TYR D 981 19.17 -11.91 -22.29
N HIS D 982 19.63 -11.14 -21.30
CA HIS D 982 20.01 -11.73 -20.02
C HIS D 982 18.82 -12.37 -19.31
N HIS D 983 17.61 -11.81 -19.46
CA HIS D 983 16.43 -12.50 -18.95
C HIS D 983 16.30 -13.89 -19.56
N ALA D 984 16.57 -14.03 -20.86
CA ALA D 984 16.50 -15.33 -21.52
C ALA D 984 17.68 -16.21 -21.12
N HIS D 985 18.85 -15.62 -20.93
CA HIS D 985 19.99 -16.40 -20.47
C HIS D 985 19.75 -16.93 -19.06
N ASP D 986 19.13 -16.12 -18.20
CA ASP D 986 18.87 -16.56 -16.84
C ASP D 986 17.93 -17.76 -16.82
N ALA D 987 16.95 -17.79 -17.71
CA ALA D 987 16.06 -18.94 -17.77
C ALA D 987 16.80 -20.18 -18.24
N TYR D 988 17.66 -20.04 -19.25
CA TYR D 988 18.48 -21.17 -19.70
C TYR D 988 19.32 -21.73 -18.57
N LEU D 989 20.20 -20.90 -17.99
CA LEU D 989 21.01 -21.33 -16.86
C LEU D 989 20.19 -21.95 -15.74
N ASN D 990 18.94 -21.49 -15.57
CA ASN D 990 18.09 -22.10 -14.55
C ASN D 990 17.72 -23.53 -14.91
N ALA D 991 17.38 -23.78 -16.17
CA ALA D 991 17.11 -25.16 -16.59
C ALA D 991 18.34 -26.03 -16.41
N VAL D 992 19.52 -25.49 -16.72
CA VAL D 992 20.78 -26.20 -16.57
C VAL D 992 21.01 -26.54 -15.11
N VAL D 993 21.29 -25.51 -14.29
CA VAL D 993 21.61 -25.68 -12.88
C VAL D 993 20.55 -26.49 -12.15
N GLY D 994 19.30 -26.40 -12.60
CA GLY D 994 18.23 -27.06 -11.89
C GLY D 994 18.17 -28.54 -12.16
N THR D 995 18.19 -28.92 -13.43
CA THR D 995 18.16 -30.34 -13.78
C THR D 995 19.44 -31.03 -13.35
N ALA D 996 20.57 -30.33 -13.42
CA ALA D 996 21.84 -30.90 -12.96
C ALA D 996 21.84 -31.13 -11.45
N LEU D 997 21.21 -30.22 -10.69
CA LEU D 997 21.14 -30.39 -9.25
C LEU D 997 20.36 -31.64 -8.89
N ILE D 998 19.21 -31.85 -9.55
CA ILE D 998 18.42 -33.05 -9.32
C ILE D 998 19.12 -34.29 -9.91
N LYS D 999 20.03 -34.08 -10.87
CA LYS D 999 20.81 -35.19 -11.41
C LYS D 999 21.79 -35.73 -10.35
N LYS D 1000 22.56 -34.84 -9.73
CA LYS D 1000 23.58 -35.27 -8.79
C LYS D 1000 22.98 -35.68 -7.43
N TYR D 1001 21.96 -34.97 -6.96
CA TYR D 1001 21.36 -35.22 -5.65
C TYR D 1001 19.86 -35.47 -5.81
N PRO D 1002 19.47 -36.64 -6.32
CA PRO D 1002 18.03 -36.94 -6.43
C PRO D 1002 17.30 -36.98 -5.08
N LYS D 1003 18.03 -37.22 -3.98
CA LYS D 1003 17.44 -37.19 -2.65
C LYS D 1003 16.96 -35.81 -2.23
N LEU D 1004 17.37 -34.76 -2.95
CA LEU D 1004 16.96 -33.39 -2.68
C LEU D 1004 15.68 -33.00 -3.41
N GLU D 1005 14.99 -33.96 -4.03
CA GLU D 1005 13.68 -33.68 -4.61
C GLU D 1005 12.70 -33.16 -3.57
N SER D 1006 12.90 -33.51 -2.30
CA SER D 1006 11.96 -33.09 -1.26
C SER D 1006 11.96 -31.58 -1.08
N GLU D 1007 13.12 -30.95 -1.19
CA GLU D 1007 13.22 -29.51 -0.98
C GLU D 1007 13.14 -28.70 -2.27
N PHE D 1008 13.18 -29.35 -3.44
CA PHE D 1008 13.28 -28.64 -4.72
C PHE D 1008 12.20 -29.01 -5.73
N VAL D 1009 11.48 -30.11 -5.54
CA VAL D 1009 10.48 -30.56 -6.50
C VAL D 1009 9.11 -30.49 -5.84
N TYR D 1010 8.08 -30.29 -6.65
CA TYR D 1010 6.72 -30.22 -6.14
C TYR D 1010 6.14 -31.62 -5.97
N GLY D 1011 5.50 -31.85 -4.82
CA GLY D 1011 4.85 -33.12 -4.53
C GLY D 1011 4.93 -33.56 -3.08
N LYS D 1031 26.57 -32.56 14.92
CA LYS D 1031 25.80 -33.23 13.86
C LYS D 1031 25.08 -32.22 12.97
N ALA D 1032 24.88 -31.01 13.50
CA ALA D 1032 24.26 -29.95 12.72
C ALA D 1032 25.22 -29.32 11.72
N THR D 1033 26.54 -29.49 11.91
CA THR D 1033 27.53 -29.05 10.95
C THR D 1033 27.46 -29.84 9.64
N ALA D 1034 26.77 -30.99 9.62
CA ALA D 1034 26.55 -31.71 8.38
C ALA D 1034 25.69 -30.89 7.42
N LYS D 1035 24.55 -30.39 7.91
CA LYS D 1035 23.68 -29.58 7.06
C LYS D 1035 24.29 -28.22 6.74
N TYR D 1036 25.21 -27.72 7.58
CA TYR D 1036 25.89 -26.47 7.31
C TYR D 1036 26.86 -26.62 6.14
N PHE D 1037 27.85 -27.51 6.28
CA PHE D 1037 28.86 -27.68 5.23
C PHE D 1037 28.26 -28.24 3.94
N PHE D 1038 27.11 -28.91 4.02
CA PHE D 1038 26.49 -29.49 2.83
C PHE D 1038 25.88 -28.42 1.92
N TYR D 1039 24.95 -27.63 2.46
CA TYR D 1039 24.38 -26.52 1.70
C TYR D 1039 25.39 -25.39 1.48
N SER D 1040 26.46 -25.33 2.26
CA SER D 1040 27.53 -24.38 1.96
C SER D 1040 28.35 -24.83 0.76
N ASN D 1041 28.61 -26.14 0.67
CA ASN D 1041 29.33 -26.75 -0.44
C ASN D 1041 28.35 -27.49 -1.35
N ILE D 1042 27.24 -26.83 -1.64
CA ILE D 1042 26.15 -27.38 -2.42
C ILE D 1042 26.55 -27.51 -3.88
N MET D 1043 27.16 -26.46 -4.43
CA MET D 1043 27.49 -26.35 -5.85
C MET D 1043 28.97 -26.59 -6.14
N ASN D 1044 29.65 -27.32 -5.26
CA ASN D 1044 31.07 -27.57 -5.46
C ASN D 1044 31.31 -28.53 -6.62
N PHE D 1045 30.34 -29.40 -6.93
CA PHE D 1045 30.55 -30.40 -7.97
C PHE D 1045 30.64 -29.79 -9.37
N PHE D 1046 30.27 -28.52 -9.54
CA PHE D 1046 30.59 -27.83 -10.78
C PHE D 1046 32.08 -27.52 -10.87
N LYS D 1047 32.67 -27.09 -9.76
CA LYS D 1047 34.07 -26.66 -9.75
C LYS D 1047 35.02 -27.84 -9.99
N THR D 1048 36.20 -27.52 -10.51
CA THR D 1048 37.22 -28.53 -10.78
C THR D 1048 38.09 -28.78 -9.54
N GLU D 1049 38.78 -27.75 -9.07
CA GLU D 1049 39.60 -27.79 -7.86
C GLU D 1049 38.92 -26.95 -6.79
N ILE D 1050 38.62 -27.59 -5.65
CA ILE D 1050 37.92 -26.94 -4.54
C ILE D 1050 38.93 -26.58 -3.46
N THR D 1051 38.93 -25.33 -3.05
CA THR D 1051 39.78 -24.85 -1.97
C THR D 1051 38.90 -24.50 -0.78
N LEU D 1052 38.92 -25.36 0.24
CA LEU D 1052 38.21 -25.08 1.49
C LEU D 1052 39.10 -24.26 2.40
N ALA D 1053 38.49 -23.36 3.18
CA ALA D 1053 39.22 -22.40 3.99
C ALA D 1053 40.05 -23.04 5.10
N ASN D 1054 39.93 -24.35 5.30
CA ASN D 1054 40.76 -25.06 6.27
C ASN D 1054 42.05 -25.58 5.65
N GLY D 1055 42.52 -24.95 4.57
CA GLY D 1055 43.78 -25.32 3.95
C GLY D 1055 43.82 -26.69 3.33
N GLU D 1056 43.23 -26.85 2.14
CA GLU D 1056 43.25 -28.12 1.44
C GLU D 1056 42.86 -27.93 -0.02
N ILE D 1057 43.55 -28.65 -0.91
CA ILE D 1057 43.17 -28.76 -2.31
C ILE D 1057 42.52 -30.13 -2.50
N ARG D 1058 41.33 -30.15 -3.08
CA ARG D 1058 40.58 -31.39 -3.35
C ARG D 1058 39.97 -31.27 -4.73
N LYS D 1059 40.62 -31.87 -5.74
CA LYS D 1059 40.18 -31.80 -7.12
C LYS D 1059 39.23 -32.97 -7.40
N ARG D 1060 37.92 -32.69 -7.45
CA ARG D 1060 36.99 -33.71 -7.90
C ARG D 1060 37.16 -33.90 -9.40
N PRO D 1061 36.76 -35.08 -9.95
CA PRO D 1061 37.20 -35.44 -11.31
C PRO D 1061 36.64 -34.57 -12.42
N LEU D 1062 36.92 -34.97 -13.67
CA LEU D 1062 36.48 -34.19 -14.81
C LEU D 1062 35.01 -34.44 -15.14
N ILE D 1063 34.49 -35.64 -14.89
CA ILE D 1063 33.10 -35.95 -15.12
C ILE D 1063 32.43 -36.24 -13.79
N GLU D 1064 31.33 -35.55 -13.51
CA GLU D 1064 30.52 -35.82 -12.34
C GLU D 1064 29.40 -36.79 -12.71
N THR D 1065 29.17 -37.77 -11.83
CA THR D 1065 28.22 -38.83 -12.09
C THR D 1065 27.58 -39.25 -10.78
N ASN D 1066 26.34 -39.70 -10.84
CA ASN D 1066 25.62 -40.02 -9.62
C ASN D 1066 26.15 -41.31 -9.00
N GLY D 1067 25.94 -41.44 -7.68
CA GLY D 1067 26.34 -42.62 -6.94
C GLY D 1067 25.45 -43.83 -7.16
N GLU D 1068 24.16 -43.71 -6.84
CA GLU D 1068 23.21 -44.78 -7.15
C GLU D 1068 23.01 -44.88 -8.67
N THR D 1069 22.43 -43.84 -9.25
CA THR D 1069 22.29 -43.75 -10.69
C THR D 1069 23.64 -43.90 -11.37
N GLY D 1070 23.64 -44.42 -12.57
CA GLY D 1070 24.81 -44.42 -13.41
C GLY D 1070 24.91 -43.25 -14.37
N GLU D 1071 23.87 -42.42 -14.41
CA GLU D 1071 23.79 -41.37 -15.42
C GLU D 1071 24.87 -40.30 -15.21
N ILE D 1072 25.57 -39.98 -16.29
CA ILE D 1072 26.53 -38.89 -16.27
C ILE D 1072 25.81 -37.56 -16.06
N VAL D 1073 26.39 -36.72 -15.20
CA VAL D 1073 25.74 -35.51 -14.71
C VAL D 1073 26.32 -34.27 -15.36
N TRP D 1074 27.64 -34.15 -15.41
CA TRP D 1074 28.26 -32.88 -15.76
C TRP D 1074 29.67 -33.10 -16.25
N ASP D 1075 29.88 -32.96 -17.56
CA ASP D 1075 31.22 -33.02 -18.16
C ASP D 1075 31.79 -31.62 -18.18
N LYS D 1076 32.65 -31.33 -17.19
CA LYS D 1076 33.23 -29.99 -17.09
C LYS D 1076 34.02 -29.58 -18.33
N GLY D 1077 34.36 -30.52 -19.21
CA GLY D 1077 35.04 -30.17 -20.44
C GLY D 1077 34.08 -29.71 -21.52
N ARG D 1078 33.13 -30.57 -21.87
CA ARG D 1078 32.18 -30.23 -22.94
C ARG D 1078 31.20 -29.16 -22.47
N ASP D 1079 30.62 -29.34 -21.28
CA ASP D 1079 29.38 -28.66 -20.94
C ASP D 1079 29.58 -27.19 -20.57
N PHE D 1080 30.73 -26.82 -20.00
CA PHE D 1080 30.98 -25.40 -19.82
C PHE D 1080 31.15 -24.67 -21.15
N ALA D 1081 31.55 -25.40 -22.20
CA ALA D 1081 31.53 -24.83 -23.54
C ALA D 1081 30.13 -24.89 -24.14
N THR D 1082 29.37 -25.94 -23.84
CA THR D 1082 27.98 -25.99 -24.27
C THR D 1082 27.21 -24.81 -23.70
N VAL D 1083 27.51 -24.42 -22.46
CA VAL D 1083 26.91 -23.21 -21.90
C VAL D 1083 27.50 -21.98 -22.58
N ARG D 1084 28.83 -21.92 -22.69
CA ARG D 1084 29.47 -20.76 -23.29
C ARG D 1084 28.97 -20.49 -24.70
N LYS D 1085 28.55 -21.52 -25.42
CA LYS D 1085 28.10 -21.33 -26.80
C LYS D 1085 26.67 -20.81 -26.86
N VAL D 1086 25.80 -21.29 -25.96
CA VAL D 1086 24.43 -20.81 -25.94
C VAL D 1086 24.38 -19.32 -25.64
N LEU D 1087 25.09 -18.90 -24.58
CA LEU D 1087 25.08 -17.50 -24.16
C LEU D 1087 25.60 -16.54 -25.22
N SER D 1088 26.18 -17.04 -26.30
CA SER D 1088 26.72 -16.20 -27.35
C SER D 1088 25.89 -16.21 -28.61
N MET D 1089 24.95 -17.15 -28.74
CA MET D 1089 24.04 -17.18 -29.87
C MET D 1089 23.47 -15.78 -30.09
N PRO D 1090 23.61 -15.20 -31.28
CA PRO D 1090 23.15 -13.83 -31.50
C PRO D 1090 21.66 -13.71 -31.77
N GLN D 1091 20.91 -14.81 -31.76
CA GLN D 1091 19.49 -14.82 -32.07
C GLN D 1091 18.74 -15.31 -30.84
N VAL D 1092 18.08 -14.39 -30.14
CA VAL D 1092 17.24 -14.71 -29.00
C VAL D 1092 15.90 -14.02 -29.21
N ASN D 1093 14.82 -14.81 -29.13
CA ASN D 1093 13.47 -14.31 -29.42
C ASN D 1093 13.07 -13.32 -28.33
N ILE D 1094 13.24 -12.03 -28.60
CA ILE D 1094 12.83 -10.97 -27.69
C ILE D 1094 11.50 -10.44 -28.18
N VAL D 1095 10.47 -10.57 -27.36
CA VAL D 1095 9.12 -10.11 -27.67
C VAL D 1095 8.69 -9.13 -26.60
N LYS D 1096 8.19 -7.98 -27.02
CA LYS D 1096 7.53 -7.04 -26.11
C LYS D 1096 6.03 -7.15 -26.31
N LYS D 1097 5.32 -7.56 -25.27
CA LYS D 1097 3.88 -7.79 -25.33
C LYS D 1097 3.15 -6.57 -25.86
N THR D 1098 2.36 -6.75 -26.92
CA THR D 1098 1.57 -5.64 -27.41
C THR D 1098 0.38 -5.43 -26.49
N GLU D 1099 0.05 -4.18 -26.23
CA GLU D 1099 -1.01 -3.87 -25.28
C GLU D 1099 -1.78 -2.64 -25.72
N VAL D 1100 -3.10 -2.75 -25.71
CA VAL D 1100 -3.93 -1.57 -25.80
C VAL D 1100 -3.80 -0.76 -24.51
N GLN D 1101 -3.68 0.55 -24.65
CA GLN D 1101 -3.50 1.42 -23.50
C GLN D 1101 -4.84 1.81 -22.91
N THR D 1102 -4.94 1.74 -21.59
CA THR D 1102 -6.16 2.03 -20.87
C THR D 1102 -5.86 3.04 -19.77
N GLY D 1103 -6.93 3.60 -19.20
CA GLY D 1103 -6.81 4.49 -18.07
C GLY D 1103 -7.35 5.88 -18.38
N GLY D 1104 -6.76 6.88 -17.73
CA GLY D 1104 -7.26 8.24 -17.86
C GLY D 1104 -7.29 8.69 -19.30
N PHE D 1105 -8.30 9.51 -19.63
CA PHE D 1105 -8.42 10.02 -20.98
C PHE D 1105 -7.20 10.83 -21.40
N SER D 1106 -6.59 11.56 -20.47
CA SER D 1106 -5.60 12.56 -20.85
C SER D 1106 -4.85 13.01 -19.60
N LYS D 1107 -3.87 13.87 -19.82
CA LYS D 1107 -3.32 14.65 -18.72
C LYS D 1107 -4.45 15.37 -18.03
N GLU D 1108 -4.45 15.33 -16.70
CA GLU D 1108 -5.56 15.84 -15.93
C GLU D 1108 -5.57 17.36 -15.84
N SER D 1109 -4.43 18.02 -16.09
CA SER D 1109 -4.35 19.46 -15.96
C SER D 1109 -5.40 20.16 -16.83
N ILE D 1110 -6.12 21.09 -16.20
CA ILE D 1110 -7.09 21.94 -16.88
C ILE D 1110 -6.37 23.21 -17.33
N LEU D 1111 -6.23 23.38 -18.66
CA LEU D 1111 -5.44 24.47 -19.22
C LEU D 1111 -6.32 25.64 -19.64
N PRO D 1112 -5.81 26.86 -19.54
CA PRO D 1112 -6.62 28.03 -19.90
C PRO D 1112 -6.90 28.08 -21.39
N LYS D 1113 -7.81 28.97 -21.77
CA LYS D 1113 -8.20 29.09 -23.17
C LYS D 1113 -7.02 29.50 -24.04
N ARG D 1114 -6.80 28.74 -25.11
CA ARG D 1114 -5.93 29.16 -26.20
C ARG D 1114 -6.67 28.87 -27.50
N ASN D 1115 -6.04 29.16 -28.62
CA ASN D 1115 -6.64 28.85 -29.92
C ASN D 1115 -5.81 27.73 -30.52
N SER D 1116 -6.28 26.50 -30.34
CA SER D 1116 -5.56 25.32 -30.79
C SER D 1116 -6.51 24.14 -30.85
N ASP D 1117 -6.46 23.40 -31.96
CA ASP D 1117 -7.31 22.22 -32.15
C ASP D 1117 -6.98 21.09 -31.17
N LYS D 1118 -5.92 21.23 -30.37
CA LYS D 1118 -5.46 20.16 -29.49
C LYS D 1118 -6.15 20.17 -28.13
N LEU D 1119 -6.86 21.24 -27.77
CA LEU D 1119 -7.61 21.24 -26.52
C LEU D 1119 -8.86 20.38 -26.64
N ILE D 1120 -9.22 19.76 -25.54
CA ILE D 1120 -10.40 18.90 -25.44
C ILE D 1120 -11.36 19.57 -24.46
N ALA D 1121 -12.64 19.59 -24.83
CA ALA D 1121 -13.65 20.22 -23.99
C ALA D 1121 -13.84 19.43 -22.70
N ARG D 1122 -14.10 20.15 -21.61
CA ARG D 1122 -14.44 19.47 -20.36
C ARG D 1122 -15.92 19.11 -20.30
N LYS D 1123 -16.76 19.83 -21.04
CA LYS D 1123 -18.17 19.50 -21.22
C LYS D 1123 -18.52 19.81 -22.67
N LYS D 1124 -19.53 19.12 -23.20
CA LYS D 1124 -19.82 19.21 -24.64
C LYS D 1124 -20.04 20.66 -25.07
N ASP D 1125 -20.80 21.42 -24.30
CA ASP D 1125 -21.10 22.80 -24.67
C ASP D 1125 -20.03 23.79 -24.22
N TRP D 1126 -18.82 23.34 -23.91
CA TRP D 1126 -17.77 24.20 -23.36
C TRP D 1126 -16.63 24.28 -24.36
N ASP D 1127 -16.75 25.18 -25.33
CA ASP D 1127 -15.75 25.43 -26.34
C ASP D 1127 -14.39 25.74 -25.70
N PRO D 1128 -13.35 24.93 -25.95
CA PRO D 1128 -12.04 25.22 -25.36
C PRO D 1128 -11.47 26.57 -25.76
N LYS D 1129 -11.82 27.10 -26.94
CA LYS D 1129 -11.35 28.43 -27.28
C LYS D 1129 -11.87 29.47 -26.30
N LYS D 1130 -13.04 29.23 -25.72
CA LYS D 1130 -13.64 30.12 -24.74
C LYS D 1130 -13.27 29.74 -23.31
N TYR D 1131 -13.40 28.46 -22.95
CA TYR D 1131 -13.40 28.03 -21.56
C TYR D 1131 -12.15 27.27 -21.14
N GLY D 1132 -11.25 26.95 -22.06
CA GLY D 1132 -10.15 26.07 -21.73
C GLY D 1132 -10.56 24.60 -21.79
N GLY D 1133 -9.65 23.74 -21.33
CA GLY D 1133 -9.93 22.33 -21.36
C GLY D 1133 -8.68 21.50 -21.13
N PHE D 1134 -8.79 20.22 -21.50
CA PHE D 1134 -7.73 19.24 -21.30
C PHE D 1134 -6.80 19.21 -22.52
N ASP D 1135 -5.88 18.26 -22.52
CA ASP D 1135 -4.73 18.29 -23.40
C ASP D 1135 -4.04 16.94 -23.35
N SER D 1136 -3.35 16.60 -24.44
CA SER D 1136 -2.49 15.42 -24.49
C SER D 1136 -3.27 14.15 -24.14
N PRO D 1137 -4.07 13.63 -25.06
CA PRO D 1137 -4.83 12.41 -24.77
C PRO D 1137 -3.99 11.17 -25.00
N THR D 1138 -4.26 10.15 -24.19
CA THR D 1138 -3.60 8.86 -24.33
C THR D 1138 -4.26 8.04 -25.43
N VAL D 1139 -3.46 7.58 -26.39
CA VAL D 1139 -3.95 6.79 -27.52
C VAL D 1139 -4.16 5.35 -27.09
N ALA D 1140 -5.38 4.85 -27.29
CA ALA D 1140 -5.68 3.47 -26.94
C ALA D 1140 -5.05 2.50 -27.94
N TYR D 1141 -5.21 2.77 -29.23
CA TYR D 1141 -4.45 2.10 -30.27
C TYR D 1141 -4.55 2.90 -31.55
N SER D 1142 -3.48 2.84 -32.34
CA SER D 1142 -3.50 3.43 -33.67
C SER D 1142 -4.15 2.47 -34.65
N VAL D 1143 -4.55 3.01 -35.79
CA VAL D 1143 -5.26 2.21 -36.79
C VAL D 1143 -4.83 2.66 -38.18
N LEU D 1144 -4.66 1.69 -39.09
CA LEU D 1144 -4.22 1.97 -40.45
C LEU D 1144 -5.41 2.40 -41.29
N VAL D 1145 -5.37 3.62 -41.79
CA VAL D 1145 -6.44 4.17 -42.61
C VAL D 1145 -5.92 4.33 -44.03
N VAL D 1146 -6.50 3.58 -44.96
CA VAL D 1146 -6.19 3.69 -46.38
C VAL D 1146 -7.43 4.25 -47.05
N ALA D 1147 -7.40 5.54 -47.35
CA ALA D 1147 -8.59 6.20 -47.87
C ALA D 1147 -8.24 7.35 -48.80
N LYS D 1148 -9.11 8.35 -48.85
CA LYS D 1148 -8.91 9.59 -49.60
C LYS D 1148 -9.43 10.75 -48.76
N VAL D 1149 -8.78 11.90 -48.88
CA VAL D 1149 -9.20 13.12 -48.21
C VAL D 1149 -9.25 14.24 -49.24
N GLU D 1150 -10.27 15.09 -49.15
CA GLU D 1150 -10.44 16.18 -50.11
C GLU D 1150 -9.21 17.09 -50.07
N LYS D 1151 -8.57 17.26 -51.21
CA LYS D 1151 -7.37 18.07 -51.35
C LYS D 1151 -7.69 19.28 -52.18
N GLY D 1152 -7.20 20.43 -51.74
CA GLY D 1152 -7.43 21.67 -52.44
C GLY D 1152 -8.88 22.12 -52.39
N LYS D 1153 -9.12 23.32 -52.94
CA LYS D 1153 -10.44 23.88 -52.98
C LYS D 1153 -11.35 23.19 -53.99
N SER D 1154 -10.78 22.49 -54.96
CA SER D 1154 -11.61 21.70 -55.86
C SER D 1154 -12.20 20.47 -55.20
N LYS D 1155 -11.83 20.19 -53.94
CA LYS D 1155 -12.28 19.00 -53.22
C LYS D 1155 -11.94 17.73 -53.98
N LYS D 1156 -10.82 17.76 -54.71
CA LYS D 1156 -10.35 16.57 -55.42
C LYS D 1156 -9.66 15.65 -54.44
N LEU D 1157 -10.03 14.38 -54.47
CA LEU D 1157 -9.54 13.42 -53.49
C LEU D 1157 -8.09 13.04 -53.78
N LYS D 1158 -7.30 12.93 -52.73
CA LYS D 1158 -5.91 12.54 -52.82
C LYS D 1158 -5.69 11.33 -51.94
N SER D 1159 -5.28 10.22 -52.55
CA SER D 1159 -5.07 8.98 -51.81
C SER D 1159 -4.09 9.20 -50.65
N VAL D 1160 -4.39 8.56 -49.52
CA VAL D 1160 -3.58 8.66 -48.32
C VAL D 1160 -3.48 7.29 -47.66
N LYS D 1161 -2.33 7.04 -47.05
CA LYS D 1161 -2.10 5.88 -46.20
C LYS D 1161 -1.51 6.44 -44.92
N GLU D 1162 -2.39 6.82 -43.98
CA GLU D 1162 -2.01 7.47 -42.74
C GLU D 1162 -2.20 6.51 -41.57
N LEU D 1163 -1.54 6.83 -40.47
CA LEU D 1163 -1.80 6.18 -39.19
C LEU D 1163 -2.56 7.15 -38.30
N LEU D 1164 -3.71 6.71 -37.78
CA LEU D 1164 -4.58 7.54 -36.96
C LEU D 1164 -4.65 6.97 -35.54
N GLY D 1165 -4.48 7.85 -34.56
CA GLY D 1165 -4.57 7.44 -33.17
C GLY D 1165 -5.97 7.54 -32.61
N ILE D 1166 -6.47 6.42 -32.09
CA ILE D 1166 -7.80 6.35 -31.48
C ILE D 1166 -7.64 6.58 -29.99
N THR D 1167 -8.09 7.75 -29.53
CA THR D 1167 -8.01 8.12 -28.11
C THR D 1167 -8.73 7.10 -27.25
N ILE D 1168 -8.29 7.00 -25.98
CA ILE D 1168 -9.06 6.23 -25.00
C ILE D 1168 -10.50 6.72 -24.97
N MET D 1169 -10.69 8.03 -24.86
CA MET D 1169 -12.04 8.57 -24.85
C MET D 1169 -12.74 8.33 -26.18
N GLU D 1170 -11.99 8.30 -27.29
CA GLU D 1170 -12.60 8.12 -28.59
C GLU D 1170 -12.94 6.67 -28.89
N ARG D 1171 -12.48 5.73 -28.08
CA ARG D 1171 -12.42 4.33 -28.50
C ARG D 1171 -13.81 3.76 -28.83
N SER D 1172 -14.76 3.85 -27.89
CA SER D 1172 -16.03 3.16 -28.06
C SER D 1172 -16.82 3.72 -29.22
N SER D 1173 -16.72 5.04 -29.44
CA SER D 1173 -17.38 5.64 -30.60
C SER D 1173 -16.81 5.07 -31.89
N PHE D 1174 -15.49 4.93 -31.96
CA PHE D 1174 -14.88 4.34 -33.15
C PHE D 1174 -15.25 2.87 -33.28
N GLU D 1175 -15.13 2.11 -32.20
CA GLU D 1175 -15.43 0.67 -32.28
C GLU D 1175 -16.88 0.43 -32.68
N LYS D 1176 -17.80 1.32 -32.30
CA LYS D 1176 -19.22 1.11 -32.57
C LYS D 1176 -19.53 1.17 -34.05
N ASN D 1177 -18.98 2.16 -34.75
CA ASN D 1177 -19.15 2.28 -36.20
C ASN D 1177 -17.91 2.95 -36.77
N PRO D 1178 -16.87 2.16 -37.03
CA PRO D 1178 -15.60 2.77 -37.48
C PRO D 1178 -15.75 3.64 -38.72
N ILE D 1179 -16.53 3.20 -39.71
CA ILE D 1179 -16.58 3.94 -40.97
C ILE D 1179 -17.16 5.34 -40.76
N ASP D 1180 -18.24 5.43 -39.99
CA ASP D 1180 -18.82 6.74 -39.74
C ASP D 1180 -17.87 7.61 -38.93
N PHE D 1181 -17.21 7.02 -37.94
CA PHE D 1181 -16.20 7.73 -37.17
C PHE D 1181 -15.13 8.33 -38.08
N LEU D 1182 -14.57 7.51 -38.97
CA LEU D 1182 -13.49 7.97 -39.83
C LEU D 1182 -13.96 9.03 -40.81
N GLU D 1183 -15.17 8.89 -41.35
CA GLU D 1183 -15.70 9.92 -42.23
C GLU D 1183 -15.90 11.24 -41.50
N ALA D 1184 -16.30 11.18 -40.22
CA ALA D 1184 -16.45 12.41 -39.45
C ALA D 1184 -15.13 13.10 -39.17
N LYS D 1185 -14.01 12.55 -39.62
CA LYS D 1185 -12.72 13.21 -39.53
C LYS D 1185 -12.24 13.75 -40.87
N GLY D 1186 -12.97 13.47 -41.95
CA GLY D 1186 -12.60 13.92 -43.27
C GLY D 1186 -12.12 12.84 -44.21
N TYR D 1187 -12.27 11.57 -43.86
CA TYR D 1187 -11.80 10.47 -44.68
C TYR D 1187 -12.92 10.00 -45.58
N LYS D 1188 -12.63 9.87 -46.88
CA LYS D 1188 -13.59 9.41 -47.87
C LYS D 1188 -13.10 8.10 -48.47
N GLU D 1189 -14.04 7.28 -48.94
CA GLU D 1189 -13.72 6.03 -49.64
C GLU D 1189 -12.76 5.17 -48.83
N VAL D 1190 -13.09 4.99 -47.57
CA VAL D 1190 -12.22 4.24 -46.66
C VAL D 1190 -12.30 2.75 -47.02
N LYS D 1191 -11.15 2.13 -47.22
CA LYS D 1191 -11.09 0.69 -47.43
C LYS D 1191 -11.29 0.00 -46.09
N LYS D 1192 -12.53 -0.42 -45.81
CA LYS D 1192 -12.83 -0.98 -44.49
C LYS D 1192 -12.06 -2.26 -44.24
N ASP D 1193 -11.81 -3.06 -45.28
CA ASP D 1193 -11.12 -4.32 -45.12
C ASP D 1193 -9.66 -4.14 -44.71
N LEU D 1194 -9.07 -2.97 -44.96
CA LEU D 1194 -7.67 -2.73 -44.68
C LEU D 1194 -7.43 -2.05 -43.34
N ILE D 1195 -8.48 -1.80 -42.56
CA ILE D 1195 -8.32 -1.19 -41.26
C ILE D 1195 -7.63 -2.17 -40.33
N ILE D 1196 -6.41 -1.81 -39.89
CA ILE D 1196 -5.52 -2.67 -39.10
C ILE D 1196 -5.40 -2.05 -37.72
N LYS D 1197 -5.79 -2.79 -36.70
CA LYS D 1197 -5.65 -2.32 -35.32
C LYS D 1197 -4.21 -2.52 -34.88
N LEU D 1198 -3.54 -1.44 -34.50
CA LEU D 1198 -2.11 -1.49 -34.20
C LEU D 1198 -1.87 -1.03 -32.77
N PRO D 1199 -1.89 -1.95 -31.80
CA PRO D 1199 -1.70 -1.53 -30.39
C PRO D 1199 -0.26 -1.10 -30.16
N LYS D 1200 -0.04 -0.55 -28.98
CA LYS D 1200 1.29 -0.09 -28.61
C LYS D 1200 2.30 -1.22 -28.69
N TYR D 1201 3.49 -0.88 -29.19
CA TYR D 1201 4.68 -1.74 -29.36
C TYR D 1201 4.54 -2.66 -30.55
N SER D 1202 3.55 -2.46 -31.42
CA SER D 1202 3.46 -3.22 -32.66
C SER D 1202 4.78 -3.11 -33.43
N LEU D 1203 5.22 -4.23 -33.98
CA LEU D 1203 6.58 -4.37 -34.50
C LEU D 1203 6.63 -4.23 -36.02
N PHE D 1204 7.51 -3.36 -36.49
CA PHE D 1204 7.77 -3.22 -37.92
C PHE D 1204 9.24 -3.44 -38.18
N GLU D 1205 9.56 -4.20 -39.23
CA GLU D 1205 10.95 -4.31 -39.69
C GLU D 1205 11.08 -3.71 -41.08
N LEU D 1206 12.17 -2.97 -41.27
CA LEU D 1206 12.40 -2.24 -42.51
C LEU D 1206 13.65 -2.76 -43.22
N GLU D 1207 14.50 -1.86 -43.66
CA GLU D 1207 15.72 -2.25 -44.36
C GLU D 1207 16.78 -2.73 -43.37
N ASN D 1208 17.67 -3.59 -43.86
CA ASN D 1208 18.83 -4.04 -43.09
C ASN D 1208 18.45 -4.59 -41.74
N GLY D 1209 17.27 -5.23 -41.66
CA GLY D 1209 16.83 -5.78 -40.40
C GLY D 1209 16.50 -4.75 -39.34
N ARG D 1210 16.43 -3.47 -39.70
CA ARG D 1210 16.08 -2.43 -38.73
C ARG D 1210 14.62 -2.60 -38.33
N LYS D 1211 14.37 -2.65 -37.03
CA LYS D 1211 13.03 -2.82 -36.50
C LYS D 1211 12.64 -1.60 -35.67
N ARG D 1212 11.35 -1.30 -35.66
CA ARG D 1212 10.78 -0.21 -34.87
C ARG D 1212 9.46 -0.67 -34.25
N MET D 1213 9.11 -0.04 -33.14
CA MET D 1213 7.89 -0.35 -32.41
C MET D 1213 7.00 0.89 -32.33
N LEU D 1214 5.69 0.67 -32.36
CA LEU D 1214 4.72 1.77 -32.24
C LEU D 1214 4.64 2.23 -30.79
N ALA D 1215 4.91 3.50 -30.55
CA ALA D 1215 4.62 4.10 -29.25
C ALA D 1215 3.31 4.86 -29.23
N SER D 1216 2.79 5.23 -30.41
CA SER D 1216 1.52 5.91 -30.58
C SER D 1216 1.35 6.17 -32.07
N ALA D 1217 0.36 6.99 -32.44
CA ALA D 1217 0.11 7.21 -33.86
C ALA D 1217 1.24 7.96 -34.55
N GLY D 1218 2.10 8.66 -33.80
CA GLY D 1218 3.20 9.39 -34.41
C GLY D 1218 4.50 9.45 -33.62
N VAL D 1219 4.81 8.39 -32.89
CA VAL D 1219 6.09 8.25 -32.18
C VAL D 1219 6.52 6.79 -32.29
N LEU D 1220 7.83 6.55 -32.40
CA LEU D 1220 8.34 5.20 -32.58
C LEU D 1220 9.38 4.89 -31.51
N GLN D 1221 9.61 3.59 -31.32
CA GLN D 1221 10.62 3.07 -30.40
C GLN D 1221 11.60 2.18 -31.14
N LYS D 1222 12.80 2.07 -30.59
CA LYS D 1222 13.81 1.20 -31.17
C LYS D 1222 13.41 -0.26 -31.00
N GLY D 1223 13.55 -1.05 -32.06
CA GLY D 1223 13.13 -2.44 -32.05
C GLY D 1223 14.20 -3.50 -32.07
N ASN D 1224 15.48 -3.13 -32.02
CA ASN D 1224 16.56 -4.08 -32.18
C ASN D 1224 17.28 -4.33 -30.86
N GLU D 1225 17.92 -5.49 -30.77
CA GLU D 1225 18.79 -5.82 -29.66
C GLU D 1225 20.22 -5.95 -30.18
N LEU D 1226 21.16 -5.46 -29.39
CA LEU D 1226 22.57 -5.47 -29.77
C LEU D 1226 23.20 -6.76 -29.25
N ALA D 1227 23.54 -7.67 -30.18
CA ALA D 1227 24.12 -8.97 -29.83
C ALA D 1227 25.63 -8.77 -29.68
N LEU D 1228 26.01 -8.21 -28.55
CA LEU D 1228 27.42 -7.98 -28.25
C LEU D 1228 28.10 -9.30 -27.92
N PRO D 1229 29.31 -9.54 -28.43
CA PRO D 1229 29.99 -10.81 -28.15
C PRO D 1229 30.36 -10.91 -26.68
N SER D 1230 30.25 -12.13 -26.15
CA SER D 1230 30.38 -12.34 -24.70
C SER D 1230 31.70 -11.78 -24.15
N LYS D 1231 32.78 -11.84 -24.92
CA LYS D 1231 34.07 -11.44 -24.38
C LYS D 1231 34.11 -9.96 -24.04
N TYR D 1232 33.40 -9.12 -24.78
CA TYR D 1232 33.28 -7.71 -24.40
C TYR D 1232 32.37 -7.54 -23.20
N VAL D 1233 31.46 -8.48 -22.96
CA VAL D 1233 30.58 -8.38 -21.80
C VAL D 1233 31.39 -8.59 -20.54
N ASN D 1234 32.02 -9.77 -20.41
CA ASN D 1234 32.78 -10.06 -19.20
C ASN D 1234 33.86 -9.01 -18.96
N PHE D 1235 34.52 -8.54 -20.01
CA PHE D 1235 35.47 -7.46 -19.86
C PHE D 1235 34.79 -6.23 -19.27
N LEU D 1236 33.63 -5.85 -19.82
CA LEU D 1236 32.89 -4.73 -19.25
C LEU D 1236 32.49 -5.00 -17.80
N TYR D 1237 32.16 -6.26 -17.48
CA TYR D 1237 31.78 -6.59 -16.11
C TYR D 1237 32.97 -6.48 -15.17
N LEU D 1238 34.13 -7.03 -15.57
CA LEU D 1238 35.32 -7.02 -14.72
C LEU D 1238 35.97 -5.64 -14.67
N ALA D 1239 36.08 -4.96 -15.82
CA ALA D 1239 36.71 -3.64 -15.89
C ALA D 1239 35.90 -2.56 -15.19
N SER D 1240 34.66 -2.86 -14.79
CA SER D 1240 33.86 -1.97 -13.96
C SER D 1240 33.82 -2.41 -12.50
N HIS D 1241 33.89 -3.72 -12.26
CA HIS D 1241 33.96 -4.28 -10.91
C HIS D 1241 35.42 -4.50 -10.50
N TYR D 1242 36.15 -3.39 -10.39
CA TYR D 1242 37.54 -3.44 -9.96
C TYR D 1242 37.66 -3.55 -8.44
N GLU D 1243 36.81 -4.33 -7.80
CA GLU D 1243 36.79 -4.46 -6.34
C GLU D 1243 36.41 -5.87 -5.91
N PRO D 1249 39.17 -13.26 -3.68
CA PRO D 1249 40.22 -14.28 -3.55
C PRO D 1249 41.57 -13.80 -4.13
N GLU D 1250 42.60 -14.64 -4.01
CA GLU D 1250 43.85 -14.38 -4.72
C GLU D 1250 43.73 -14.67 -6.21
N ASP D 1251 42.59 -15.22 -6.65
CA ASP D 1251 42.27 -15.45 -8.05
C ASP D 1251 41.87 -14.18 -8.79
N ASN D 1252 41.93 -13.01 -8.13
CA ASN D 1252 41.61 -11.75 -8.78
C ASN D 1252 42.77 -11.20 -9.60
N GLU D 1253 44.00 -11.61 -9.30
CA GLU D 1253 45.06 -11.44 -10.29
C GLU D 1253 44.66 -12.09 -11.59
N GLN D 1254 44.12 -13.31 -11.52
CA GLN D 1254 43.59 -14.00 -12.69
C GLN D 1254 42.40 -13.28 -13.31
N LYS D 1255 41.84 -12.27 -12.63
CA LYS D 1255 40.80 -11.42 -13.20
C LYS D 1255 41.32 -10.04 -13.58
N GLN D 1256 42.10 -9.41 -12.70
CA GLN D 1256 42.69 -8.13 -13.07
C GLN D 1256 43.84 -8.28 -14.06
N LEU D 1257 44.35 -9.51 -14.29
CA LEU D 1257 45.22 -9.75 -15.42
C LEU D 1257 44.55 -9.25 -16.68
N PHE D 1258 43.26 -9.57 -16.80
CA PHE D 1258 42.57 -9.63 -18.09
C PHE D 1258 42.22 -8.25 -18.61
N VAL D 1259 41.89 -7.32 -17.72
CA VAL D 1259 41.54 -5.96 -18.13
C VAL D 1259 42.71 -5.28 -18.82
N GLU D 1260 43.82 -5.10 -18.09
CA GLU D 1260 44.97 -4.38 -18.65
C GLU D 1260 45.56 -5.11 -19.84
N GLN D 1261 45.60 -6.45 -19.78
CA GLN D 1261 46.07 -7.23 -20.92
C GLN D 1261 45.17 -7.06 -22.14
N HIS D 1262 43.89 -6.72 -21.95
CA HIS D 1262 42.93 -6.58 -23.02
C HIS D 1262 42.34 -5.17 -23.11
N LYS D 1263 43.15 -4.15 -22.80
CA LYS D 1263 42.67 -2.78 -22.84
C LYS D 1263 42.24 -2.35 -24.24
N HIS D 1264 42.61 -3.11 -25.26
CA HIS D 1264 42.16 -2.79 -26.61
C HIS D 1264 40.67 -3.03 -26.81
N TYR D 1265 40.02 -3.76 -25.89
CA TYR D 1265 38.60 -4.07 -26.03
C TYR D 1265 37.71 -2.83 -25.98
N LEU D 1266 38.22 -1.69 -25.51
CA LEU D 1266 37.44 -0.47 -25.50
C LEU D 1266 37.08 -0.02 -26.91
N ASP D 1267 38.11 0.26 -27.73
CA ASP D 1267 37.88 0.79 -29.08
C ASP D 1267 37.09 -0.18 -29.94
N GLU D 1268 37.27 -1.49 -29.70
CA GLU D 1268 36.44 -2.48 -30.39
C GLU D 1268 34.97 -2.29 -30.02
N ILE D 1269 34.70 -2.12 -28.72
CA ILE D 1269 33.33 -1.96 -28.24
C ILE D 1269 32.69 -0.70 -28.82
N ILE D 1270 33.44 0.41 -28.81
CA ILE D 1270 32.88 1.66 -29.30
C ILE D 1270 32.39 1.53 -30.74
N GLU D 1271 33.07 0.74 -31.55
CA GLU D 1271 32.57 0.57 -32.91
C GLU D 1271 31.54 -0.55 -33.01
N GLN D 1272 31.63 -1.56 -32.15
CA GLN D 1272 30.51 -2.48 -31.99
C GLN D 1272 29.22 -1.72 -31.75
N ILE D 1273 29.30 -0.65 -30.96
CA ILE D 1273 28.18 0.25 -30.79
C ILE D 1273 27.93 1.05 -32.08
N SER D 1274 29.00 1.58 -32.66
CA SER D 1274 28.85 2.46 -33.82
C SER D 1274 28.28 1.70 -35.02
N GLU D 1275 28.90 0.56 -35.36
CA GLU D 1275 28.40 -0.23 -36.49
C GLU D 1275 26.91 -0.54 -36.31
N PHE D 1276 26.51 -0.80 -35.07
CA PHE D 1276 25.11 -1.07 -34.77
C PHE D 1276 24.26 0.19 -34.92
N SER D 1277 24.70 1.29 -34.32
CA SER D 1277 23.90 2.53 -34.36
C SER D 1277 23.68 3.00 -35.78
N LYS D 1278 24.74 2.99 -36.60
CA LYS D 1278 24.61 3.44 -37.99
C LYS D 1278 23.67 2.56 -38.80
N ARG D 1279 23.40 1.34 -38.32
CA ARG D 1279 22.51 0.43 -39.04
C ARG D 1279 21.05 0.62 -38.62
N VAL D 1280 20.77 0.67 -37.32
CA VAL D 1280 19.40 0.60 -36.85
C VAL D 1280 19.00 1.85 -36.07
N ILE D 1281 19.94 2.47 -35.36
CA ILE D 1281 19.60 3.63 -34.53
C ILE D 1281 19.43 4.90 -35.37
N LEU D 1282 20.36 5.16 -36.30
CA LEU D 1282 20.31 6.34 -37.18
C LEU D 1282 20.27 7.64 -36.39
N ALA D 1283 21.09 7.73 -35.35
CA ALA D 1283 21.22 8.94 -34.54
C ALA D 1283 22.55 9.60 -34.86
N ASP D 1284 22.65 10.12 -36.09
CA ASP D 1284 23.94 10.58 -36.61
C ASP D 1284 24.52 11.67 -35.73
N ALA D 1285 23.73 12.72 -35.49
CA ALA D 1285 24.22 13.85 -34.69
C ALA D 1285 24.71 13.41 -33.33
N ASN D 1286 24.00 12.47 -32.69
CA ASN D 1286 24.40 12.05 -31.35
C ASN D 1286 25.51 11.02 -31.37
N LEU D 1287 25.64 10.25 -32.45
CA LEU D 1287 26.75 9.30 -32.53
C LEU D 1287 28.09 10.03 -32.57
N ASP D 1288 28.14 11.16 -33.29
CA ASP D 1288 29.33 12.01 -33.24
C ASP D 1288 29.66 12.38 -31.81
N LYS D 1289 28.67 12.89 -31.06
CA LYS D 1289 28.91 13.27 -29.67
C LYS D 1289 29.49 12.12 -28.86
N VAL D 1290 29.03 10.90 -29.11
CA VAL D 1290 29.57 9.75 -28.39
C VAL D 1290 31.02 9.53 -28.78
N LEU D 1291 31.30 9.49 -30.08
CA LEU D 1291 32.68 9.30 -30.54
C LEU D 1291 33.57 10.42 -30.03
N SER D 1292 33.11 11.67 -30.16
CA SER D 1292 33.92 12.80 -29.69
C SER D 1292 34.06 12.83 -28.18
N ALA D 1293 33.17 12.16 -27.45
CA ALA D 1293 33.28 12.12 -25.99
C ALA D 1293 34.03 10.88 -25.50
N TYR D 1294 34.04 9.80 -26.27
CA TYR D 1294 34.92 8.68 -25.92
C TYR D 1294 36.37 9.03 -26.23
N ASN D 1295 36.62 9.62 -27.39
CA ASN D 1295 37.99 9.96 -27.79
C ASN D 1295 38.62 10.93 -26.82
N LYS D 1296 37.83 11.89 -26.29
CA LYS D 1296 38.37 12.91 -25.40
C LYS D 1296 38.78 12.31 -24.05
N HIS D 1297 38.17 11.21 -23.63
CA HIS D 1297 38.44 10.64 -22.32
C HIS D 1297 39.24 9.34 -22.40
N ARG D 1298 39.86 9.05 -23.56
CA ARG D 1298 40.69 7.86 -23.67
C ARG D 1298 41.85 7.87 -22.69
N ASP D 1299 42.29 9.05 -22.25
CA ASP D 1299 43.39 9.15 -21.28
C ASP D 1299 42.97 8.69 -19.89
N LYS D 1300 41.67 8.71 -19.58
CA LYS D 1300 41.15 8.43 -18.25
C LYS D 1300 41.48 6.99 -17.84
N PRO D 1301 41.31 6.62 -16.56
CA PRO D 1301 41.60 5.25 -16.14
C PRO D 1301 40.75 4.22 -16.89
N ILE D 1302 41.21 2.97 -16.81
CA ILE D 1302 40.53 1.89 -17.53
C ILE D 1302 39.17 1.62 -16.94
N ARG D 1303 38.98 1.90 -15.65
CA ARG D 1303 37.72 1.60 -14.98
C ARG D 1303 36.68 2.69 -15.21
N GLU D 1304 37.09 3.95 -15.12
CA GLU D 1304 36.18 5.06 -15.42
C GLU D 1304 35.64 4.97 -16.85
N GLN D 1305 36.49 4.56 -17.79
CA GLN D 1305 36.04 4.42 -19.17
C GLN D 1305 35.08 3.25 -19.34
N ALA D 1306 35.39 2.11 -18.69
CA ALA D 1306 34.53 0.94 -18.83
C ALA D 1306 33.13 1.23 -18.34
N GLU D 1307 33.02 1.80 -17.12
CA GLU D 1307 31.73 2.16 -16.57
C GLU D 1307 30.95 3.05 -17.54
N ASN D 1308 31.51 4.21 -17.88
CA ASN D 1308 30.81 5.14 -18.76
C ASN D 1308 30.52 4.55 -20.14
N ILE D 1309 31.25 3.52 -20.55
CA ILE D 1309 30.92 2.88 -21.82
C ILE D 1309 29.63 2.09 -21.69
N ILE D 1310 29.36 1.56 -20.49
CA ILE D 1310 28.10 0.86 -20.22
C ILE D 1310 26.92 1.82 -20.35
N HIS D 1311 27.10 3.09 -20.00
CA HIS D 1311 26.04 4.09 -20.19
C HIS D 1311 25.63 4.18 -21.66
N LEU D 1312 26.59 4.03 -22.58
CA LEU D 1312 26.32 4.29 -23.99
C LEU D 1312 25.30 3.31 -24.57
N PHE D 1313 25.12 2.15 -23.95
CA PHE D 1313 24.15 1.20 -24.48
C PHE D 1313 22.74 1.75 -24.43
N THR D 1314 22.51 2.78 -23.61
CA THR D 1314 21.24 3.51 -23.65
C THR D 1314 20.94 4.00 -25.06
N LEU D 1315 21.96 4.38 -25.82
CA LEU D 1315 21.75 4.79 -27.20
C LEU D 1315 21.25 3.64 -28.06
N THR D 1316 21.60 2.41 -27.70
CA THR D 1316 21.32 1.25 -28.53
C THR D 1316 20.22 0.36 -27.97
N ASN D 1317 19.80 0.57 -26.72
CA ASN D 1317 18.82 -0.29 -26.07
C ASN D 1317 17.49 -0.27 -26.82
N LEU D 1318 16.80 -1.41 -26.78
CA LEU D 1318 15.45 -1.48 -27.33
C LEU D 1318 14.50 -0.62 -26.50
N GLY D 1319 13.54 -0.01 -27.18
CA GLY D 1319 12.54 0.80 -26.52
C GLY D 1319 12.64 2.27 -26.92
N ALA D 1320 12.26 3.14 -25.98
CA ALA D 1320 12.11 4.58 -26.15
C ALA D 1320 13.45 5.27 -25.91
N PRO D 1321 13.86 6.16 -26.82
CA PRO D 1321 15.10 6.90 -26.62
C PRO D 1321 15.13 7.62 -25.29
N ALA D 1322 16.28 7.58 -24.64
CA ALA D 1322 16.49 8.25 -23.36
C ALA D 1322 17.82 8.99 -23.39
N ALA D 1323 17.94 9.96 -22.48
CA ALA D 1323 19.20 10.65 -22.33
C ALA D 1323 20.16 9.80 -21.50
N PHE D 1324 21.44 10.09 -21.64
CA PHE D 1324 22.47 9.39 -20.89
C PHE D 1324 23.71 10.28 -20.88
N LYS D 1325 24.59 10.01 -19.92
CA LYS D 1325 25.79 10.81 -19.72
C LYS D 1325 27.03 9.97 -20.01
N TYR D 1326 28.09 10.53 -20.58
CA TYR D 1326 29.29 9.73 -20.80
C TYR D 1326 30.23 9.90 -19.63
N PHE D 1327 30.75 11.09 -19.48
CA PHE D 1327 31.53 11.33 -18.30
C PHE D 1327 30.65 12.30 -17.64
N ASP D 1328 30.67 13.51 -18.10
CA ASP D 1328 29.78 14.50 -17.59
C ASP D 1328 29.38 15.27 -18.81
N THR D 1329 29.34 14.55 -19.89
CA THR D 1329 28.83 15.09 -21.16
C THR D 1329 27.44 14.47 -21.37
N THR D 1330 26.41 15.29 -21.26
CA THR D 1330 25.05 14.79 -21.43
C THR D 1330 24.68 14.73 -22.91
N ILE D 1331 24.07 13.62 -23.32
CA ILE D 1331 23.63 13.42 -24.70
C ILE D 1331 22.12 13.31 -24.70
N ASP D 1332 21.45 14.35 -25.17
CA ASP D 1332 20.00 14.33 -25.24
C ASP D 1332 19.55 13.29 -26.25
N ARG D 1333 18.29 12.95 -26.24
CA ARG D 1333 17.79 11.90 -27.05
C ARG D 1333 17.34 12.18 -28.39
N LYS D 1334 17.69 11.32 -29.28
CA LYS D 1334 17.18 11.39 -30.64
C LYS D 1334 15.91 10.57 -30.71
N ARG D 1335 14.79 11.21 -30.99
CA ARG D 1335 13.54 10.51 -31.05
C ARG D 1335 13.00 10.36 -32.40
N TYR D 1336 12.20 9.33 -32.55
CA TYR D 1336 11.70 8.96 -33.87
C TYR D 1336 10.29 9.51 -34.00
N THR D 1337 10.22 10.81 -34.32
CA THR D 1337 8.98 11.59 -34.24
C THR D 1337 8.16 11.54 -35.51
N SER D 1338 8.19 10.43 -36.25
CA SER D 1338 7.26 10.23 -37.34
C SER D 1338 7.02 8.74 -37.54
N THR D 1339 5.86 8.41 -38.08
CA THR D 1339 5.43 7.04 -38.28
C THR D 1339 5.19 6.77 -39.76
N LYS D 1340 5.46 7.75 -40.63
CA LYS D 1340 5.23 7.56 -42.06
C LYS D 1340 5.96 6.34 -42.58
N GLU D 1341 7.24 6.18 -42.21
CA GLU D 1341 8.07 5.15 -42.82
C GLU D 1341 7.51 3.75 -42.60
N VAL D 1342 6.92 3.49 -41.44
CA VAL D 1342 6.48 2.12 -41.14
C VAL D 1342 5.38 1.67 -42.08
N LEU D 1343 4.65 2.60 -42.71
CA LEU D 1343 3.48 2.25 -43.49
C LEU D 1343 3.84 1.58 -44.81
N ASP D 1344 5.11 1.59 -45.21
CA ASP D 1344 5.58 0.83 -46.37
C ASP D 1344 6.55 -0.27 -45.96
N ALA D 1345 6.65 -0.56 -44.66
CA ALA D 1345 7.52 -1.62 -44.16
C ALA D 1345 6.74 -2.90 -43.91
N THR D 1346 7.25 -3.73 -43.01
CA THR D 1346 6.68 -5.05 -42.77
C THR D 1346 6.20 -5.17 -41.33
N LEU D 1347 4.90 -5.40 -41.15
CA LEU D 1347 4.33 -5.63 -39.83
C LEU D 1347 4.55 -7.09 -39.42
N ILE D 1348 5.04 -7.28 -38.21
CA ILE D 1348 5.43 -8.60 -37.70
C ILE D 1348 4.53 -8.92 -36.52
N HIS D 1349 3.53 -9.78 -36.73
CA HIS D 1349 2.69 -10.25 -35.65
C HIS D 1349 3.38 -11.40 -34.94
N GLN D 1350 3.60 -11.25 -33.63
CA GLN D 1350 4.47 -12.15 -32.87
C GLN D 1350 3.67 -12.95 -31.86
N SER D 1351 3.85 -14.26 -31.89
CA SER D 1351 3.40 -15.15 -30.83
C SER D 1351 4.04 -14.75 -29.49
N ILE D 1352 3.55 -15.37 -28.41
CA ILE D 1352 4.09 -15.04 -27.09
C ILE D 1352 5.57 -15.41 -26.98
N THR D 1353 6.00 -16.46 -27.69
CA THR D 1353 7.42 -16.80 -27.70
C THR D 1353 8.17 -16.18 -28.88
N GLY D 1354 7.47 -15.54 -29.81
CA GLY D 1354 8.09 -15.05 -31.01
C GLY D 1354 8.33 -16.09 -32.08
N LEU D 1355 8.27 -17.38 -31.74
CA LEU D 1355 8.57 -18.45 -32.68
C LEU D 1355 7.56 -18.49 -33.82
N TYR D 1356 6.28 -18.35 -33.51
CA TYR D 1356 5.24 -18.27 -34.54
C TYR D 1356 5.07 -16.80 -34.94
N GLU D 1357 5.06 -16.55 -36.25
CA GLU D 1357 5.07 -15.18 -36.77
C GLU D 1357 4.17 -15.06 -37.98
N THR D 1358 3.40 -13.97 -38.04
CA THR D 1358 2.71 -13.56 -39.25
C THR D 1358 3.31 -12.24 -39.70
N ARG D 1359 3.80 -12.21 -40.93
CA ARG D 1359 4.47 -11.05 -41.49
C ARG D 1359 3.61 -10.46 -42.60
N ILE D 1360 3.27 -9.18 -42.45
CA ILE D 1360 2.45 -8.47 -43.41
C ILE D 1360 3.30 -7.33 -43.98
N ASP D 1361 3.41 -7.29 -45.31
CA ASP D 1361 4.09 -6.19 -45.99
C ASP D 1361 3.05 -5.09 -46.26
N LEU D 1362 3.26 -3.93 -45.64
CA LEU D 1362 2.28 -2.86 -45.72
C LEU D 1362 2.36 -2.07 -47.02
N SER D 1363 3.39 -2.29 -47.85
CA SER D 1363 3.43 -1.66 -49.16
C SER D 1363 2.52 -2.34 -50.17
N GLN D 1364 1.95 -3.48 -49.83
CA GLN D 1364 1.00 -4.17 -50.69
C GLN D 1364 -0.43 -3.68 -50.48
N LEU D 1365 -0.61 -2.59 -49.74
CA LEU D 1365 -1.94 -2.06 -49.41
C LEU D 1365 -2.04 -0.62 -49.92
N GLY D 1366 -2.97 -0.40 -50.85
CA GLY D 1366 -3.11 0.89 -51.49
C GLY D 1366 -2.80 0.84 -52.97
#